data_2X04
# 
_entry.id   2X04 
# 
_audit_conform.dict_name       mmcif_pdbx.dic 
_audit_conform.dict_version    5.391 
_audit_conform.dict_location   http://mmcif.pdb.org/dictionaries/ascii/mmcif_pdbx.dic 
# 
loop_
_database_2.database_id 
_database_2.database_code 
_database_2.pdbx_database_accession 
_database_2.pdbx_DOI 
PDB   2X04         pdb_00002x04 10.2210/pdb2x04/pdb 
PDBE  EBI-41972    ?            ?                   
WWPDB D_1290041972 ?            ?                   
# 
loop_
_pdbx_audit_revision_history.ordinal 
_pdbx_audit_revision_history.data_content_type 
_pdbx_audit_revision_history.major_revision 
_pdbx_audit_revision_history.minor_revision 
_pdbx_audit_revision_history.revision_date 
1 'Structure model' 1 0 2010-01-19 
2 'Structure model' 1 1 2011-05-08 
3 'Structure model' 1 2 2011-07-13 
4 'Structure model' 1 3 2024-05-08 
# 
_pdbx_audit_revision_details.ordinal             1 
_pdbx_audit_revision_details.revision_ordinal    1 
_pdbx_audit_revision_details.data_content_type   'Structure model' 
_pdbx_audit_revision_details.provider            repository 
_pdbx_audit_revision_details.type                'Initial release' 
_pdbx_audit_revision_details.description         ? 
_pdbx_audit_revision_details.details             ? 
# 
loop_
_pdbx_audit_revision_group.ordinal 
_pdbx_audit_revision_group.revision_ordinal 
_pdbx_audit_revision_group.data_content_type 
_pdbx_audit_revision_group.group 
1 2 'Structure model' 'Version format compliance' 
2 3 'Structure model' 'Version format compliance' 
3 4 'Structure model' 'Data collection'           
4 4 'Structure model' 'Database references'       
5 4 'Structure model' 'Derived calculations'      
6 4 'Structure model' Other                       
# 
loop_
_pdbx_audit_revision_category.ordinal 
_pdbx_audit_revision_category.revision_ordinal 
_pdbx_audit_revision_category.data_content_type 
_pdbx_audit_revision_category.category 
1 4 'Structure model' chem_comp_atom       
2 4 'Structure model' chem_comp_bond       
3 4 'Structure model' database_2           
4 4 'Structure model' pdbx_database_status 
5 4 'Structure model' struct_site          
# 
loop_
_pdbx_audit_revision_item.ordinal 
_pdbx_audit_revision_item.revision_ordinal 
_pdbx_audit_revision_item.data_content_type 
_pdbx_audit_revision_item.item 
1 4 'Structure model' '_database_2.pdbx_DOI'                 
2 4 'Structure model' '_database_2.pdbx_database_accession'  
3 4 'Structure model' '_pdbx_database_status.status_code_sf' 
4 4 'Structure model' '_struct_site.pdbx_auth_asym_id'       
5 4 'Structure model' '_struct_site.pdbx_auth_comp_id'       
6 4 'Structure model' '_struct_site.pdbx_auth_seq_id'        
# 
_pdbx_database_status.status_code                     REL 
_pdbx_database_status.entry_id                        2X04 
_pdbx_database_status.deposit_site                    PDBE 
_pdbx_database_status.process_site                    PDBE 
_pdbx_database_status.SG_entry                        . 
_pdbx_database_status.recvd_initial_deposition_date   2009-12-04 
_pdbx_database_status.pdb_format_compatible           Y 
_pdbx_database_status.status_code_sf                  REL 
_pdbx_database_status.status_code_mr                  ? 
_pdbx_database_status.status_code_cs                  ? 
_pdbx_database_status.methods_development_category    ? 
_pdbx_database_status.status_code_nmr_data            ? 
# 
loop_
_pdbx_database_related.db_name 
_pdbx_database_related.db_id 
_pdbx_database_related.content_type 
_pdbx_database_related.details 
PDB 1JGN unspecified 
'SOLUTION STRUCTURE OF THE C-TERMINAL PABC DOMAIN OF HUMANPOLY(A)-BINDING PROTEIN IN COMPLEX WITH THE PEPTIDE FROMPAIP2' 
PDB 1JH4 unspecified 
'SOLUTION STRUCTURE OF THE C-TERMINAL PABC DOMAIN OF HUMANPOLY(A)-BINDING PROTEIN IN COMPLEX WITH THE PEPTIDE FROMPAIP1' 
PDB 1G9L unspecified 'SOLUTION STRUCTURE OF THE PABC DOMAIN OF HUMAN POLY(A)BINDING PROTEIN' 
PDB 2DKL unspecified 'SOLUTION STRUCTURE OF THE UBA DOMAIN IN THE HUMANTRINUCLEOTIDE REPEAT CONTAINING 6C PROTEIN (HTNRC6C)' 
PDB 1CVJ unspecified 'X-RAY CRYSTAL STRUCTURE OF THE POLY(A)- BINDING PROTEIN INCOMPLEX WITH POLYADENYLATE RNA' 
# 
loop_
_audit_author.name 
_audit_author.pdbx_ordinal 
'Jinek, M.'     1 
'Fabian, M.R.'  2 
'Coyle, S.M.'   3 
'Sonenberg, N.' 4 
'Doudna, J.A.'  5 
# 
_citation.id                        primary 
_citation.title                     'Structural Insights Into the Human Gw182-Pabc Interaction in Microrna-Mediated Deadenylation' 
_citation.journal_abbrev            Nat.Struct.Mol.Biol. 
_citation.journal_volume            17 
_citation.page_first                238 
_citation.page_last                 ? 
_citation.year                      2010 
_citation.journal_id_ASTM           ? 
_citation.country                   US 
_citation.journal_id_ISSN           1545-9993 
_citation.journal_id_CSD            ? 
_citation.book_publisher            ? 
_citation.pdbx_database_id_PubMed   20098421 
_citation.pdbx_database_id_DOI      10.1038/NSMB.1768 
# 
loop_
_citation_author.citation_id 
_citation_author.name 
_citation_author.ordinal 
_citation_author.identifier_ORCID 
primary 'Jinek, M.'     1 ? 
primary 'Fabian, M.R.'  2 ? 
primary 'Coyle, S.M.'   3 ? 
primary 'Sonenberg, N.' 4 ? 
primary 'Doudna, J.A.'  5 ? 
# 
loop_
_entity.id 
_entity.type 
_entity.src_method 
_entity.pdbx_description 
_entity.formula_weight 
_entity.pdbx_number_of_molecules 
_entity.pdbx_ec 
_entity.pdbx_mutation 
_entity.pdbx_fragment 
_entity.details 
1 polymer     man 'POLYADENYLATE-BINDING PROTEIN 1'                 8595.959 2   ? ? 'C-TERMINAL DOMAIN (PABC), RESIDUES 456-530' 
? 
2 polymer     syn 'TRINUCLEOTIDE REPEAT-CONTAINING GENE 6C PROTEIN' 2091.368 2   ? ? 'DUF DOMAIN, RESIDUES 1382-1399'             
? 
3 non-polymer syn 'SULFATE ION'                                     96.063   2   ? ? ?                                            
? 
4 water       nat water                                             18.015   217 ? ? ?                                            
? 
# 
loop_
_entity_name_com.entity_id 
_entity_name_com.name 
1 'POLY(A)-BINDING PROTEIN 1, PABP 1, POLYA BINDING PROTEIN PABP1' 
2 TNRC6C                                                           
# 
loop_
_entity_poly.entity_id 
_entity_poly.type 
_entity_poly.nstd_linkage 
_entity_poly.nstd_monomer 
_entity_poly.pdbx_seq_one_letter_code 
_entity_poly.pdbx_seq_one_letter_code_can 
_entity_poly.pdbx_strand_id 
_entity_poly.pdbx_target_identifier 
1 'polypeptide(L)' no no GPLGSLTASMLASAPPQEQKQMLGERLFPLIQAMHPTLAGKITGMLLEIDNSELLHMLESPESLRSKVDEAVAVLQAHQA 
GPLGSLTASMLASAPPQEQKQMLGERLFPLIQAMHPTLAGKITGMLLEIDNSELLHMLESPESLRSKVDEAVAVLQAHQA A,B ? 
2 'polypeptide(L)' no no SINWPPEFHPGVPWKGLQ                                                               SINWPPEFHPGVPWKGLQ C,D ? 
# 
loop_
_pdbx_entity_nonpoly.entity_id 
_pdbx_entity_nonpoly.name 
_pdbx_entity_nonpoly.comp_id 
3 'SULFATE ION' SO4 
4 water         HOH 
# 
loop_
_entity_poly_seq.entity_id 
_entity_poly_seq.num 
_entity_poly_seq.mon_id 
_entity_poly_seq.hetero 
1 1  GLY n 
1 2  PRO n 
1 3  LEU n 
1 4  GLY n 
1 5  SER n 
1 6  LEU n 
1 7  THR n 
1 8  ALA n 
1 9  SER n 
1 10 MET n 
1 11 LEU n 
1 12 ALA n 
1 13 SER n 
1 14 ALA n 
1 15 PRO n 
1 16 PRO n 
1 17 GLN n 
1 18 GLU n 
1 19 GLN n 
1 20 LYS n 
1 21 GLN n 
1 22 MET n 
1 23 LEU n 
1 24 GLY n 
1 25 GLU n 
1 26 ARG n 
1 27 LEU n 
1 28 PHE n 
1 29 PRO n 
1 30 LEU n 
1 31 ILE n 
1 32 GLN n 
1 33 ALA n 
1 34 MET n 
1 35 HIS n 
1 36 PRO n 
1 37 THR n 
1 38 LEU n 
1 39 ALA n 
1 40 GLY n 
1 41 LYS n 
1 42 ILE n 
1 43 THR n 
1 44 GLY n 
1 45 MET n 
1 46 LEU n 
1 47 LEU n 
1 48 GLU n 
1 49 ILE n 
1 50 ASP n 
1 51 ASN n 
1 52 SER n 
1 53 GLU n 
1 54 LEU n 
1 55 LEU n 
1 56 HIS n 
1 57 MET n 
1 58 LEU n 
1 59 GLU n 
1 60 SER n 
1 61 PRO n 
1 62 GLU n 
1 63 SER n 
1 64 LEU n 
1 65 ARG n 
1 66 SER n 
1 67 LYS n 
1 68 VAL n 
1 69 ASP n 
1 70 GLU n 
1 71 ALA n 
1 72 VAL n 
1 73 ALA n 
1 74 VAL n 
1 75 LEU n 
1 76 GLN n 
1 77 ALA n 
1 78 HIS n 
1 79 GLN n 
1 80 ALA n 
2 1  SER n 
2 2  ILE n 
2 3  ASN n 
2 4  TRP n 
2 5  PRO n 
2 6  PRO n 
2 7  GLU n 
2 8  PHE n 
2 9  HIS n 
2 10 PRO n 
2 11 GLY n 
2 12 VAL n 
2 13 PRO n 
2 14 TRP n 
2 15 LYS n 
2 16 GLY n 
2 17 LEU n 
2 18 GLN n 
# 
_entity_src_gen.entity_id                          1 
_entity_src_gen.pdbx_src_id                        1 
_entity_src_gen.pdbx_alt_source_flag               sample 
_entity_src_gen.pdbx_seq_type                      ? 
_entity_src_gen.pdbx_beg_seq_num                   ? 
_entity_src_gen.pdbx_end_seq_num                   ? 
_entity_src_gen.gene_src_common_name               HUMAN 
_entity_src_gen.gene_src_genus                     ? 
_entity_src_gen.pdbx_gene_src_gene                 ? 
_entity_src_gen.gene_src_species                   ? 
_entity_src_gen.gene_src_strain                    ? 
_entity_src_gen.gene_src_tissue                    ? 
_entity_src_gen.gene_src_tissue_fraction           ? 
_entity_src_gen.gene_src_details                   ? 
_entity_src_gen.pdbx_gene_src_fragment             ? 
_entity_src_gen.pdbx_gene_src_scientific_name      'HOMO SAPIENS' 
_entity_src_gen.pdbx_gene_src_ncbi_taxonomy_id     9606 
_entity_src_gen.pdbx_gene_src_variant              ? 
_entity_src_gen.pdbx_gene_src_cell_line            ? 
_entity_src_gen.pdbx_gene_src_atcc                 ? 
_entity_src_gen.pdbx_gene_src_organ                ? 
_entity_src_gen.pdbx_gene_src_organelle            ? 
_entity_src_gen.pdbx_gene_src_cell                 ? 
_entity_src_gen.pdbx_gene_src_cellular_location    ? 
_entity_src_gen.host_org_common_name               ? 
_entity_src_gen.pdbx_host_org_scientific_name      'ESCHERICHIA COLI' 
_entity_src_gen.pdbx_host_org_ncbi_taxonomy_id     469008 
_entity_src_gen.host_org_genus                     ? 
_entity_src_gen.pdbx_host_org_gene                 ? 
_entity_src_gen.pdbx_host_org_organ                ? 
_entity_src_gen.host_org_species                   ? 
_entity_src_gen.pdbx_host_org_tissue               ? 
_entity_src_gen.pdbx_host_org_tissue_fraction      ? 
_entity_src_gen.pdbx_host_org_strain               'BL21(DE3)' 
_entity_src_gen.pdbx_host_org_variant              ? 
_entity_src_gen.pdbx_host_org_cell_line            ? 
_entity_src_gen.pdbx_host_org_atcc                 ? 
_entity_src_gen.pdbx_host_org_culture_collection   ? 
_entity_src_gen.pdbx_host_org_cell                 ? 
_entity_src_gen.pdbx_host_org_organelle            ? 
_entity_src_gen.pdbx_host_org_cellular_location    ? 
_entity_src_gen.pdbx_host_org_vector_type          PLASMID 
_entity_src_gen.pdbx_host_org_vector               ? 
_entity_src_gen.host_org_details                   ? 
_entity_src_gen.expression_system_id               ? 
_entity_src_gen.plasmid_name                       PGEX6P1 
_entity_src_gen.plasmid_details                    ? 
_entity_src_gen.pdbx_description                   ? 
# 
_pdbx_entity_src_syn.entity_id              2 
_pdbx_entity_src_syn.pdbx_src_id            1 
_pdbx_entity_src_syn.pdbx_alt_source_flag   sample 
_pdbx_entity_src_syn.pdbx_beg_seq_num       ? 
_pdbx_entity_src_syn.pdbx_end_seq_num       ? 
_pdbx_entity_src_syn.organism_scientific    'HOMO SAPIENS' 
_pdbx_entity_src_syn.organism_common_name   HUMAN 
_pdbx_entity_src_syn.ncbi_taxonomy_id       9606 
_pdbx_entity_src_syn.details                ? 
# 
loop_
_chem_comp.id 
_chem_comp.type 
_chem_comp.mon_nstd_flag 
_chem_comp.name 
_chem_comp.pdbx_synonyms 
_chem_comp.formula 
_chem_comp.formula_weight 
ALA 'L-peptide linking' y ALANINE         ? 'C3 H7 N O2'     89.093  
ARG 'L-peptide linking' y ARGININE        ? 'C6 H15 N4 O2 1' 175.209 
ASN 'L-peptide linking' y ASPARAGINE      ? 'C4 H8 N2 O3'    132.118 
ASP 'L-peptide linking' y 'ASPARTIC ACID' ? 'C4 H7 N O4'     133.103 
GLN 'L-peptide linking' y GLUTAMINE       ? 'C5 H10 N2 O3'   146.144 
GLU 'L-peptide linking' y 'GLUTAMIC ACID' ? 'C5 H9 N O4'     147.129 
GLY 'peptide linking'   y GLYCINE         ? 'C2 H5 N O2'     75.067  
HIS 'L-peptide linking' y HISTIDINE       ? 'C6 H10 N3 O2 1' 156.162 
HOH non-polymer         . WATER           ? 'H2 O'           18.015  
ILE 'L-peptide linking' y ISOLEUCINE      ? 'C6 H13 N O2'    131.173 
LEU 'L-peptide linking' y LEUCINE         ? 'C6 H13 N O2'    131.173 
LYS 'L-peptide linking' y LYSINE          ? 'C6 H15 N2 O2 1' 147.195 
MET 'L-peptide linking' y METHIONINE      ? 'C5 H11 N O2 S'  149.211 
PHE 'L-peptide linking' y PHENYLALANINE   ? 'C9 H11 N O2'    165.189 
PRO 'L-peptide linking' y PROLINE         ? 'C5 H9 N O2'     115.130 
SER 'L-peptide linking' y SERINE          ? 'C3 H7 N O3'     105.093 
SO4 non-polymer         . 'SULFATE ION'   ? 'O4 S -2'        96.063  
THR 'L-peptide linking' y THREONINE       ? 'C4 H9 N O3'     119.119 
TRP 'L-peptide linking' y TRYPTOPHAN      ? 'C11 H12 N2 O2'  204.225 
VAL 'L-peptide linking' y VALINE          ? 'C5 H11 N O2'    117.146 
# 
loop_
_pdbx_poly_seq_scheme.asym_id 
_pdbx_poly_seq_scheme.entity_id 
_pdbx_poly_seq_scheme.seq_id 
_pdbx_poly_seq_scheme.mon_id 
_pdbx_poly_seq_scheme.ndb_seq_num 
_pdbx_poly_seq_scheme.pdb_seq_num 
_pdbx_poly_seq_scheme.auth_seq_num 
_pdbx_poly_seq_scheme.pdb_mon_id 
_pdbx_poly_seq_scheme.auth_mon_id 
_pdbx_poly_seq_scheme.pdb_strand_id 
_pdbx_poly_seq_scheme.pdb_ins_code 
_pdbx_poly_seq_scheme.hetero 
A 1 1  GLY 1  540  540  GLY GLY A . n 
A 1 2  PRO 2  541  541  PRO PRO A . n 
A 1 3  LEU 3  542  542  LEU LEU A . n 
A 1 4  GLY 4  543  543  GLY GLY A . n 
A 1 5  SER 5  544  544  SER SER A . n 
A 1 6  LEU 6  545  545  LEU LEU A . n 
A 1 7  THR 7  546  546  THR THR A . n 
A 1 8  ALA 8  547  547  ALA ALA A . n 
A 1 9  SER 9  548  548  SER SER A . n 
A 1 10 MET 10 549  549  MET MET A . n 
A 1 11 LEU 11 550  550  LEU LEU A . n 
A 1 12 ALA 12 551  551  ALA ALA A . n 
A 1 13 SER 13 552  552  SER SER A . n 
A 1 14 ALA 14 553  553  ALA ALA A . n 
A 1 15 PRO 15 554  554  PRO PRO A . n 
A 1 16 PRO 16 555  555  PRO PRO A . n 
A 1 17 GLN 17 556  556  GLN GLN A . n 
A 1 18 GLU 18 557  557  GLU GLU A . n 
A 1 19 GLN 19 558  558  GLN GLN A . n 
A 1 20 LYS 20 559  559  LYS LYS A . n 
A 1 21 GLN 21 560  560  GLN GLN A . n 
A 1 22 MET 22 561  561  MET MET A . n 
A 1 23 LEU 23 562  562  LEU LEU A . n 
A 1 24 GLY 24 563  563  GLY GLY A . n 
A 1 25 GLU 25 564  564  GLU GLU A . n 
A 1 26 ARG 26 565  565  ARG ARG A . n 
A 1 27 LEU 27 566  566  LEU LEU A . n 
A 1 28 PHE 28 567  567  PHE PHE A . n 
A 1 29 PRO 29 568  568  PRO PRO A . n 
A 1 30 LEU 30 569  569  LEU LEU A . n 
A 1 31 ILE 31 570  570  ILE ILE A . n 
A 1 32 GLN 32 571  571  GLN GLN A . n 
A 1 33 ALA 33 572  572  ALA ALA A . n 
A 1 34 MET 34 573  573  MET MET A . n 
A 1 35 HIS 35 574  574  HIS HIS A . n 
A 1 36 PRO 36 575  575  PRO PRO A . n 
A 1 37 THR 37 576  576  THR THR A . n 
A 1 38 LEU 38 577  577  LEU LEU A . n 
A 1 39 ALA 39 578  578  ALA ALA A . n 
A 1 40 GLY 40 579  579  GLY GLY A . n 
A 1 41 LYS 41 580  580  LYS LYS A . n 
A 1 42 ILE 42 581  581  ILE ILE A . n 
A 1 43 THR 43 582  582  THR THR A . n 
A 1 44 GLY 44 583  583  GLY GLY A . n 
A 1 45 MET 45 584  584  MET MET A . n 
A 1 46 LEU 46 585  585  LEU LEU A . n 
A 1 47 LEU 47 586  586  LEU LEU A . n 
A 1 48 GLU 48 587  587  GLU GLU A . n 
A 1 49 ILE 49 588  588  ILE ILE A . n 
A 1 50 ASP 50 589  589  ASP ASP A . n 
A 1 51 ASN 51 590  590  ASN ASN A . n 
A 1 52 SER 52 591  591  SER SER A . n 
A 1 53 GLU 53 592  592  GLU GLU A . n 
A 1 54 LEU 54 593  593  LEU LEU A . n 
A 1 55 LEU 55 594  594  LEU LEU A . n 
A 1 56 HIS 56 595  595  HIS HIS A . n 
A 1 57 MET 57 596  596  MET MET A . n 
A 1 58 LEU 58 597  597  LEU LEU A . n 
A 1 59 GLU 59 598  598  GLU GLU A . n 
A 1 60 SER 60 599  599  SER SER A . n 
A 1 61 PRO 61 600  600  PRO PRO A . n 
A 1 62 GLU 62 601  601  GLU GLU A . n 
A 1 63 SER 63 602  602  SER SER A . n 
A 1 64 LEU 64 603  603  LEU LEU A . n 
A 1 65 ARG 65 604  604  ARG ARG A . n 
A 1 66 SER 66 605  605  SER SER A . n 
A 1 67 LYS 67 606  606  LYS LYS A . n 
A 1 68 VAL 68 607  607  VAL VAL A . n 
A 1 69 ASP 69 608  608  ASP ASP A . n 
A 1 70 GLU 70 609  609  GLU GLU A . n 
A 1 71 ALA 71 610  610  ALA ALA A . n 
A 1 72 VAL 72 611  611  VAL VAL A . n 
A 1 73 ALA 73 612  612  ALA ALA A . n 
A 1 74 VAL 74 613  613  VAL VAL A . n 
A 1 75 LEU 75 614  614  LEU LEU A . n 
A 1 76 GLN 76 615  615  GLN GLN A . n 
A 1 77 ALA 77 616  616  ALA ALA A . n 
A 1 78 HIS 78 617  ?    ?   ?   A . n 
A 1 79 GLN 79 618  ?    ?   ?   A . n 
A 1 80 ALA 80 619  ?    ?   ?   A . n 
B 1 1  GLY 1  540  540  GLY GLY B . n 
B 1 2  PRO 2  541  541  PRO PRO B . n 
B 1 3  LEU 3  542  542  LEU LEU B . n 
B 1 4  GLY 4  543  543  GLY GLY B . n 
B 1 5  SER 5  544  544  SER SER B . n 
B 1 6  LEU 6  545  545  LEU LEU B . n 
B 1 7  THR 7  546  546  THR THR B . n 
B 1 8  ALA 8  547  547  ALA ALA B . n 
B 1 9  SER 9  548  548  SER SER B . n 
B 1 10 MET 10 549  549  MET MET B . n 
B 1 11 LEU 11 550  550  LEU LEU B . n 
B 1 12 ALA 12 551  551  ALA ALA B . n 
B 1 13 SER 13 552  552  SER SER B . n 
B 1 14 ALA 14 553  553  ALA ALA B . n 
B 1 15 PRO 15 554  554  PRO PRO B . n 
B 1 16 PRO 16 555  555  PRO PRO B . n 
B 1 17 GLN 17 556  556  GLN GLN B . n 
B 1 18 GLU 18 557  557  GLU GLU B . n 
B 1 19 GLN 19 558  558  GLN GLN B . n 
B 1 20 LYS 20 559  559  LYS LYS B . n 
B 1 21 GLN 21 560  560  GLN GLN B . n 
B 1 22 MET 22 561  561  MET MET B . n 
B 1 23 LEU 23 562  562  LEU LEU B . n 
B 1 24 GLY 24 563  563  GLY GLY B . n 
B 1 25 GLU 25 564  564  GLU GLU B . n 
B 1 26 ARG 26 565  565  ARG ARG B . n 
B 1 27 LEU 27 566  566  LEU LEU B . n 
B 1 28 PHE 28 567  567  PHE PHE B . n 
B 1 29 PRO 29 568  568  PRO PRO B . n 
B 1 30 LEU 30 569  569  LEU LEU B . n 
B 1 31 ILE 31 570  570  ILE ILE B . n 
B 1 32 GLN 32 571  571  GLN GLN B . n 
B 1 33 ALA 33 572  572  ALA ALA B . n 
B 1 34 MET 34 573  573  MET MET B . n 
B 1 35 HIS 35 574  574  HIS HIS B . n 
B 1 36 PRO 36 575  575  PRO PRO B . n 
B 1 37 THR 37 576  576  THR THR B . n 
B 1 38 LEU 38 577  577  LEU LEU B . n 
B 1 39 ALA 39 578  578  ALA ALA B . n 
B 1 40 GLY 40 579  579  GLY GLY B . n 
B 1 41 LYS 41 580  580  LYS LYS B . n 
B 1 42 ILE 42 581  581  ILE ILE B . n 
B 1 43 THR 43 582  582  THR THR B . n 
B 1 44 GLY 44 583  583  GLY GLY B . n 
B 1 45 MET 45 584  584  MET MET B . n 
B 1 46 LEU 46 585  585  LEU LEU B . n 
B 1 47 LEU 47 586  586  LEU LEU B . n 
B 1 48 GLU 48 587  587  GLU GLU B . n 
B 1 49 ILE 49 588  588  ILE ILE B . n 
B 1 50 ASP 50 589  589  ASP ASP B . n 
B 1 51 ASN 51 590  590  ASN ASN B . n 
B 1 52 SER 52 591  591  SER SER B . n 
B 1 53 GLU 53 592  592  GLU GLU B . n 
B 1 54 LEU 54 593  593  LEU LEU B . n 
B 1 55 LEU 55 594  594  LEU LEU B . n 
B 1 56 HIS 56 595  595  HIS HIS B . n 
B 1 57 MET 57 596  596  MET MET B . n 
B 1 58 LEU 58 597  597  LEU LEU B . n 
B 1 59 GLU 59 598  598  GLU GLU B . n 
B 1 60 SER 60 599  599  SER SER B . n 
B 1 61 PRO 61 600  600  PRO PRO B . n 
B 1 62 GLU 62 601  601  GLU GLU B . n 
B 1 63 SER 63 602  602  SER SER B . n 
B 1 64 LEU 64 603  603  LEU LEU B . n 
B 1 65 ARG 65 604  604  ARG ARG B . n 
B 1 66 SER 66 605  605  SER SER B . n 
B 1 67 LYS 67 606  606  LYS LYS B . n 
B 1 68 VAL 68 607  607  VAL VAL B . n 
B 1 69 ASP 69 608  608  ASP ASP B . n 
B 1 70 GLU 70 609  609  GLU GLU B . n 
B 1 71 ALA 71 610  610  ALA ALA B . n 
B 1 72 VAL 72 611  611  VAL VAL B . n 
B 1 73 ALA 73 612  612  ALA ALA B . n 
B 1 74 VAL 74 613  613  VAL VAL B . n 
B 1 75 LEU 75 614  614  LEU LEU B . n 
B 1 76 GLN 76 615  615  GLN GLN B . n 
B 1 77 ALA 77 616  616  ALA ALA B . n 
B 1 78 HIS 78 617  617  HIS HIS B . n 
B 1 79 GLN 79 618  618  GLN GLN B . n 
B 1 80 ALA 80 619  ?    ?   ?   B . n 
C 2 1  SER 1  1382 ?    ?   ?   C . n 
C 2 2  ILE 2  1383 ?    ?   ?   C . n 
C 2 3  ASN 3  1384 ?    ?   ?   C . n 
C 2 4  TRP 4  1385 1385 TRP TRP C . n 
C 2 5  PRO 5  1386 1386 PRO PRO C . n 
C 2 6  PRO 6  1387 1387 PRO PRO C . n 
C 2 7  GLU 7  1388 1388 GLU GLU C . n 
C 2 8  PHE 8  1389 1389 PHE PHE C . n 
C 2 9  HIS 9  1390 1390 HIS HIS C . n 
C 2 10 PRO 10 1391 1391 PRO PRO C . n 
C 2 11 GLY 11 1392 1392 GLY GLY C . n 
C 2 12 VAL 12 1393 1393 VAL VAL C . n 
C 2 13 PRO 13 1394 1394 PRO PRO C . n 
C 2 14 TRP 14 1395 1395 TRP TRP C . n 
C 2 15 LYS 15 1396 1396 LYS LYS C . n 
C 2 16 GLY 16 1397 1397 GLY GLY C . n 
C 2 17 LEU 17 1398 1398 LEU LEU C . n 
C 2 18 GLN 18 1399 1399 GLN GLN C . n 
D 2 1  SER 1  1382 ?    ?   ?   D . n 
D 2 2  ILE 2  1383 ?    ?   ?   D . n 
D 2 3  ASN 3  1384 ?    ?   ?   D . n 
D 2 4  TRP 4  1385 1385 TRP TRP D . n 
D 2 5  PRO 5  1386 1386 PRO PRO D . n 
D 2 6  PRO 6  1387 1387 PRO PRO D . n 
D 2 7  GLU 7  1388 1388 GLU GLU D . n 
D 2 8  PHE 8  1389 1389 PHE PHE D . n 
D 2 9  HIS 9  1390 1390 HIS HIS D . n 
D 2 10 PRO 10 1391 1391 PRO PRO D . n 
D 2 11 GLY 11 1392 1392 GLY GLY D . n 
D 2 12 VAL 12 1393 1393 VAL VAL D . n 
D 2 13 PRO 13 1394 1394 PRO PRO D . n 
D 2 14 TRP 14 1395 1395 TRP TRP D . n 
D 2 15 LYS 15 1396 1396 LYS LYS D . n 
D 2 16 GLY 16 1397 1397 GLY GLY D . n 
D 2 17 LEU 17 1398 1398 LEU LEU D . n 
D 2 18 GLN 18 1399 1399 GLN GLN D . n 
# 
loop_
_pdbx_nonpoly_scheme.asym_id 
_pdbx_nonpoly_scheme.entity_id 
_pdbx_nonpoly_scheme.mon_id 
_pdbx_nonpoly_scheme.ndb_seq_num 
_pdbx_nonpoly_scheme.pdb_seq_num 
_pdbx_nonpoly_scheme.auth_seq_num 
_pdbx_nonpoly_scheme.pdb_mon_id 
_pdbx_nonpoly_scheme.auth_mon_id 
_pdbx_nonpoly_scheme.pdb_strand_id 
_pdbx_nonpoly_scheme.pdb_ins_code 
E 3 SO4 1  1619 1619 SO4 SO4 B . 
F 3 SO4 1  1620 1620 SO4 SO4 B . 
G 4 HOH 1  2001 2001 HOH HOH A . 
G 4 HOH 2  2002 2002 HOH HOH A . 
G 4 HOH 3  2003 2003 HOH HOH A . 
G 4 HOH 4  2004 2004 HOH HOH A . 
G 4 HOH 5  2005 2005 HOH HOH A . 
G 4 HOH 6  2006 2006 HOH HOH A . 
G 4 HOH 7  2007 2007 HOH HOH A . 
G 4 HOH 8  2008 2008 HOH HOH A . 
G 4 HOH 9  2009 2009 HOH HOH A . 
G 4 HOH 10 2010 2010 HOH HOH A . 
G 4 HOH 11 2011 2011 HOH HOH A . 
G 4 HOH 12 2012 2012 HOH HOH A . 
G 4 HOH 13 2013 2013 HOH HOH A . 
G 4 HOH 14 2014 2014 HOH HOH A . 
G 4 HOH 15 2015 2015 HOH HOH A . 
G 4 HOH 16 2016 2016 HOH HOH A . 
G 4 HOH 17 2017 2017 HOH HOH A . 
G 4 HOH 18 2018 2018 HOH HOH A . 
G 4 HOH 19 2019 2019 HOH HOH A . 
G 4 HOH 20 2020 2020 HOH HOH A . 
G 4 HOH 21 2021 2021 HOH HOH A . 
G 4 HOH 22 2022 2022 HOH HOH A . 
G 4 HOH 23 2023 2023 HOH HOH A . 
G 4 HOH 24 2024 2024 HOH HOH A . 
G 4 HOH 25 2025 2025 HOH HOH A . 
G 4 HOH 26 2026 2026 HOH HOH A . 
G 4 HOH 27 2027 2027 HOH HOH A . 
G 4 HOH 28 2028 2028 HOH HOH A . 
G 4 HOH 29 2029 2029 HOH HOH A . 
G 4 HOH 30 2030 2030 HOH HOH A . 
G 4 HOH 31 2031 2031 HOH HOH A . 
G 4 HOH 32 2032 2032 HOH HOH A . 
G 4 HOH 33 2033 2033 HOH HOH A . 
G 4 HOH 34 2034 2034 HOH HOH A . 
G 4 HOH 35 2035 2035 HOH HOH A . 
G 4 HOH 36 2036 2036 HOH HOH A . 
G 4 HOH 37 2037 2037 HOH HOH A . 
G 4 HOH 38 2038 2038 HOH HOH A . 
G 4 HOH 39 2039 2039 HOH HOH A . 
G 4 HOH 40 2040 2040 HOH HOH A . 
G 4 HOH 41 2041 2041 HOH HOH A . 
G 4 HOH 42 2042 2042 HOH HOH A . 
G 4 HOH 43 2043 2043 HOH HOH A . 
G 4 HOH 44 2044 2044 HOH HOH A . 
G 4 HOH 45 2045 2045 HOH HOH A . 
G 4 HOH 46 2046 2046 HOH HOH A . 
G 4 HOH 47 2047 2047 HOH HOH A . 
G 4 HOH 48 2048 2048 HOH HOH A . 
G 4 HOH 49 2049 2049 HOH HOH A . 
G 4 HOH 50 2050 2050 HOH HOH A . 
G 4 HOH 51 2051 2051 HOH HOH A . 
G 4 HOH 52 2052 2052 HOH HOH A . 
G 4 HOH 53 2053 2053 HOH HOH A . 
G 4 HOH 54 2054 2054 HOH HOH A . 
G 4 HOH 55 2055 2055 HOH HOH A . 
G 4 HOH 56 2056 2056 HOH HOH A . 
G 4 HOH 57 2057 2057 HOH HOH A . 
G 4 HOH 58 2058 2058 HOH HOH A . 
G 4 HOH 59 2059 2059 HOH HOH A . 
G 4 HOH 60 2060 2060 HOH HOH A . 
G 4 HOH 61 2061 2061 HOH HOH A . 
G 4 HOH 62 2062 2062 HOH HOH A . 
G 4 HOH 63 2063 2063 HOH HOH A . 
G 4 HOH 64 2064 2064 HOH HOH A . 
G 4 HOH 65 2065 2065 HOH HOH A . 
G 4 HOH 66 2066 2066 HOH HOH A . 
G 4 HOH 67 2067 2067 HOH HOH A . 
G 4 HOH 68 2068 2068 HOH HOH A . 
G 4 HOH 69 2069 2069 HOH HOH A . 
G 4 HOH 70 2070 2070 HOH HOH A . 
G 4 HOH 71 2071 2071 HOH HOH A . 
G 4 HOH 72 2072 2072 HOH HOH A . 
G 4 HOH 73 2073 2073 HOH HOH A . 
G 4 HOH 74 2074 2074 HOH HOH A . 
G 4 HOH 75 2075 2075 HOH HOH A . 
G 4 HOH 76 2076 2076 HOH HOH A . 
G 4 HOH 77 2077 2077 HOH HOH A . 
G 4 HOH 78 2078 2078 HOH HOH A . 
G 4 HOH 79 2079 2079 HOH HOH A . 
G 4 HOH 80 2080 2080 HOH HOH A . 
G 4 HOH 81 2081 2081 HOH HOH A . 
G 4 HOH 82 2082 2082 HOH HOH A . 
G 4 HOH 83 2083 2083 HOH HOH A . 
G 4 HOH 84 2084 2084 HOH HOH A . 
G 4 HOH 85 2085 2085 HOH HOH A . 
G 4 HOH 86 2086 2086 HOH HOH A . 
G 4 HOH 87 2087 2087 HOH HOH A . 
G 4 HOH 88 2088 2088 HOH HOH A . 
G 4 HOH 89 2089 2089 HOH HOH A . 
G 4 HOH 90 2090 2090 HOH HOH A . 
G 4 HOH 91 2091 2091 HOH HOH A . 
H 4 HOH 1  2001 2001 HOH HOH B . 
H 4 HOH 2  2002 2002 HOH HOH B . 
H 4 HOH 3  2003 2003 HOH HOH B . 
H 4 HOH 4  2004 2004 HOH HOH B . 
H 4 HOH 5  2005 2005 HOH HOH B . 
H 4 HOH 6  2006 2006 HOH HOH B . 
H 4 HOH 7  2007 2007 HOH HOH B . 
H 4 HOH 8  2008 2008 HOH HOH B . 
H 4 HOH 9  2009 2009 HOH HOH B . 
H 4 HOH 10 2010 2010 HOH HOH B . 
H 4 HOH 11 2011 2011 HOH HOH B . 
H 4 HOH 12 2012 2012 HOH HOH B . 
H 4 HOH 13 2013 2013 HOH HOH B . 
H 4 HOH 14 2014 2014 HOH HOH B . 
H 4 HOH 15 2015 2015 HOH HOH B . 
H 4 HOH 16 2016 2016 HOH HOH B . 
H 4 HOH 17 2017 2017 HOH HOH B . 
H 4 HOH 18 2018 2018 HOH HOH B . 
H 4 HOH 19 2019 2019 HOH HOH B . 
H 4 HOH 20 2020 2020 HOH HOH B . 
H 4 HOH 21 2021 2021 HOH HOH B . 
H 4 HOH 22 2022 2022 HOH HOH B . 
H 4 HOH 23 2023 2023 HOH HOH B . 
H 4 HOH 24 2024 2024 HOH HOH B . 
H 4 HOH 25 2025 2025 HOH HOH B . 
H 4 HOH 26 2026 2026 HOH HOH B . 
H 4 HOH 27 2027 2027 HOH HOH B . 
H 4 HOH 28 2028 2028 HOH HOH B . 
H 4 HOH 29 2029 2029 HOH HOH B . 
H 4 HOH 30 2030 2030 HOH HOH B . 
H 4 HOH 31 2031 2031 HOH HOH B . 
H 4 HOH 32 2032 2032 HOH HOH B . 
H 4 HOH 33 2033 2033 HOH HOH B . 
H 4 HOH 34 2034 2034 HOH HOH B . 
H 4 HOH 35 2035 2035 HOH HOH B . 
H 4 HOH 36 2036 2036 HOH HOH B . 
H 4 HOH 37 2037 2037 HOH HOH B . 
H 4 HOH 38 2038 2038 HOH HOH B . 
H 4 HOH 39 2039 2039 HOH HOH B . 
H 4 HOH 40 2040 2040 HOH HOH B . 
H 4 HOH 41 2041 2041 HOH HOH B . 
H 4 HOH 42 2042 2042 HOH HOH B . 
H 4 HOH 43 2043 2043 HOH HOH B . 
H 4 HOH 44 2044 2044 HOH HOH B . 
H 4 HOH 45 2045 2045 HOH HOH B . 
H 4 HOH 46 2046 2046 HOH HOH B . 
H 4 HOH 47 2047 2047 HOH HOH B . 
H 4 HOH 48 2048 2048 HOH HOH B . 
H 4 HOH 49 2049 2049 HOH HOH B . 
H 4 HOH 50 2050 2050 HOH HOH B . 
H 4 HOH 51 2051 2051 HOH HOH B . 
H 4 HOH 52 2052 2052 HOH HOH B . 
H 4 HOH 53 2053 2053 HOH HOH B . 
H 4 HOH 54 2054 2054 HOH HOH B . 
H 4 HOH 55 2055 2055 HOH HOH B . 
H 4 HOH 56 2056 2056 HOH HOH B . 
H 4 HOH 57 2057 2057 HOH HOH B . 
H 4 HOH 58 2058 2058 HOH HOH B . 
H 4 HOH 59 2059 2059 HOH HOH B . 
H 4 HOH 60 2060 2060 HOH HOH B . 
H 4 HOH 61 2061 2061 HOH HOH B . 
H 4 HOH 62 2062 2062 HOH HOH B . 
H 4 HOH 63 2063 2063 HOH HOH B . 
H 4 HOH 64 2064 2064 HOH HOH B . 
H 4 HOH 65 2065 2065 HOH HOH B . 
H 4 HOH 66 2066 2066 HOH HOH B . 
H 4 HOH 67 2067 2067 HOH HOH B . 
H 4 HOH 68 2068 2068 HOH HOH B . 
H 4 HOH 69 2069 2069 HOH HOH B . 
H 4 HOH 70 2070 2070 HOH HOH B . 
H 4 HOH 71 2071 2071 HOH HOH B . 
H 4 HOH 72 2072 2072 HOH HOH B . 
H 4 HOH 73 2073 2073 HOH HOH B . 
H 4 HOH 74 2074 2074 HOH HOH B . 
H 4 HOH 75 2075 2075 HOH HOH B . 
I 4 HOH 1  2001 2001 HOH HOH C . 
I 4 HOH 2  2002 2002 HOH HOH C . 
I 4 HOH 3  2003 2003 HOH HOH C . 
I 4 HOH 4  2004 2004 HOH HOH C . 
I 4 HOH 5  2005 2005 HOH HOH C . 
I 4 HOH 6  2006 2006 HOH HOH C . 
I 4 HOH 7  2007 2007 HOH HOH C . 
I 4 HOH 8  2008 2008 HOH HOH C . 
I 4 HOH 9  2009 2009 HOH HOH C . 
I 4 HOH 10 2010 2010 HOH HOH C . 
I 4 HOH 11 2011 2011 HOH HOH C . 
I 4 HOH 12 2012 2012 HOH HOH C . 
I 4 HOH 13 2013 2013 HOH HOH C . 
I 4 HOH 14 2014 2014 HOH HOH C . 
I 4 HOH 15 2015 2015 HOH HOH C . 
I 4 HOH 16 2016 2016 HOH HOH C . 
I 4 HOH 17 2017 2017 HOH HOH C . 
I 4 HOH 18 2018 2018 HOH HOH C . 
I 4 HOH 19 2019 2019 HOH HOH C . 
I 4 HOH 20 2020 2020 HOH HOH C . 
I 4 HOH 21 2021 2021 HOH HOH C . 
I 4 HOH 22 2022 2022 HOH HOH C . 
I 4 HOH 23 2023 2023 HOH HOH C . 
I 4 HOH 24 2024 2024 HOH HOH C . 
I 4 HOH 25 2025 2025 HOH HOH C . 
I 4 HOH 26 2026 2026 HOH HOH C . 
I 4 HOH 27 2027 2027 HOH HOH C . 
J 4 HOH 1  2001 2001 HOH HOH D . 
J 4 HOH 2  2002 2002 HOH HOH D . 
J 4 HOH 3  2003 2003 HOH HOH D . 
J 4 HOH 4  2004 2004 HOH HOH D . 
J 4 HOH 5  2005 2005 HOH HOH D . 
J 4 HOH 6  2006 2006 HOH HOH D . 
J 4 HOH 7  2007 2007 HOH HOH D . 
J 4 HOH 8  2008 2008 HOH HOH D . 
J 4 HOH 9  2009 2009 HOH HOH D . 
J 4 HOH 10 2010 2010 HOH HOH D . 
J 4 HOH 11 2011 2011 HOH HOH D . 
J 4 HOH 12 2012 2012 HOH HOH D . 
J 4 HOH 13 2013 2013 HOH HOH D . 
J 4 HOH 14 2014 2014 HOH HOH D . 
J 4 HOH 15 2015 2015 HOH HOH D . 
J 4 HOH 16 2016 2016 HOH HOH D . 
J 4 HOH 17 2017 2017 HOH HOH D . 
J 4 HOH 18 2018 2018 HOH HOH D . 
J 4 HOH 19 2019 2019 HOH HOH D . 
J 4 HOH 20 2020 2020 HOH HOH D . 
J 4 HOH 21 2021 2021 HOH HOH D . 
J 4 HOH 22 2022 2022 HOH HOH D . 
J 4 HOH 23 2023 2023 HOH HOH D . 
J 4 HOH 24 2024 2024 HOH HOH D . 
# 
loop_
_pdbx_unobs_or_zero_occ_atoms.id 
_pdbx_unobs_or_zero_occ_atoms.PDB_model_num 
_pdbx_unobs_or_zero_occ_atoms.polymer_flag 
_pdbx_unobs_or_zero_occ_atoms.occupancy_flag 
_pdbx_unobs_or_zero_occ_atoms.auth_asym_id 
_pdbx_unobs_or_zero_occ_atoms.auth_comp_id 
_pdbx_unobs_or_zero_occ_atoms.auth_seq_id 
_pdbx_unobs_or_zero_occ_atoms.PDB_ins_code 
_pdbx_unobs_or_zero_occ_atoms.auth_atom_id 
_pdbx_unobs_or_zero_occ_atoms.label_alt_id 
_pdbx_unobs_or_zero_occ_atoms.label_asym_id 
_pdbx_unobs_or_zero_occ_atoms.label_comp_id 
_pdbx_unobs_or_zero_occ_atoms.label_seq_id 
_pdbx_unobs_or_zero_occ_atoms.label_atom_id 
1 1 Y 1 D TRP 1385 ? CG  ? D TRP 4 CG  
2 1 Y 1 D TRP 1385 ? CD1 ? D TRP 4 CD1 
3 1 Y 1 D TRP 1385 ? CD2 ? D TRP 4 CD2 
4 1 Y 1 D TRP 1385 ? NE1 ? D TRP 4 NE1 
5 1 Y 1 D TRP 1385 ? CE2 ? D TRP 4 CE2 
6 1 Y 1 D TRP 1385 ? CE3 ? D TRP 4 CE3 
7 1 Y 1 D TRP 1385 ? CZ2 ? D TRP 4 CZ2 
8 1 Y 1 D TRP 1385 ? CZ3 ? D TRP 4 CZ3 
9 1 Y 1 D TRP 1385 ? CH2 ? D TRP 4 CH2 
# 
loop_
_software.name 
_software.classification 
_software.version 
_software.citation_id 
_software.pdbx_ordinal 
PHENIX refinement       '(PHENIX.REFINE)' ? 1 
XDS    'data reduction' .                 ? 2 
XDS    'data scaling'   .                 ? 3 
PHENIX phasing          .                 ? 4 
# 
_cell.entry_id           2X04 
_cell.length_a           37.110 
_cell.length_b           72.230 
_cell.length_c           37.040 
_cell.angle_alpha        90.00 
_cell.angle_beta         119.76 
_cell.angle_gamma        90.00 
_cell.Z_PDB              4 
_cell.pdbx_unique_axis   ? 
# 
_symmetry.entry_id                         2X04 
_symmetry.space_group_name_H-M             'P 1 21 1' 
_symmetry.pdbx_full_space_group_name_H-M   ? 
_symmetry.cell_setting                     ? 
_symmetry.Int_Tables_number                4 
# 
_exptl.entry_id          2X04 
_exptl.method            'X-RAY DIFFRACTION' 
_exptl.crystals_number   1 
# 
_exptl_crystal.id                    1 
_exptl_crystal.density_meas          ? 
_exptl_crystal.density_Matthews      2.08 
_exptl_crystal.density_percent_sol   40.90 
_exptl_crystal.description           NONE 
# 
_exptl_crystal_grow.crystal_id      1 
_exptl_crystal_grow.method          ? 
_exptl_crystal_grow.temp            ? 
_exptl_crystal_grow.temp_details    ? 
_exptl_crystal_grow.pH              4.6 
_exptl_crystal_grow.pdbx_pH_range   ? 
_exptl_crystal_grow.pdbx_details    '0.1 M NA-ACETATE PH 4.6, 200 MM AMMONIUM SULFATE, 30% (W/V) PEG 4000' 
# 
_diffrn.id                     1 
_diffrn.ambient_temp           100 
_diffrn.ambient_temp_details   ? 
_diffrn.crystal_id             1 
# 
_diffrn_detector.diffrn_id              1 
_diffrn_detector.detector               CCD 
_diffrn_detector.type                   'ADSC CCD' 
_diffrn_detector.pdbx_collection_date   2009-07-18 
_diffrn_detector.details                ? 
# 
_diffrn_radiation.diffrn_id                        1 
_diffrn_radiation.wavelength_id                    1 
_diffrn_radiation.pdbx_monochromatic_or_laue_m_l   M 
_diffrn_radiation.monochromator                    ? 
_diffrn_radiation.pdbx_diffrn_protocol             'SINGLE WAVELENGTH' 
_diffrn_radiation.pdbx_scattering_type             x-ray 
# 
_diffrn_radiation_wavelength.id           1 
_diffrn_radiation_wavelength.wavelength   0.999954 
_diffrn_radiation_wavelength.wt           1.0 
# 
_diffrn_source.diffrn_id                   1 
_diffrn_source.source                      SYNCHROTRON 
_diffrn_source.type                        'ALS BEAMLINE 8.2.1' 
_diffrn_source.pdbx_synchrotron_site       ALS 
_diffrn_source.pdbx_synchrotron_beamline   8.2.1 
_diffrn_source.pdbx_wavelength             0.999954 
_diffrn_source.pdbx_wavelength_list        ? 
# 
_reflns.pdbx_diffrn_id               1 
_reflns.pdbx_ordinal                 1 
_reflns.entry_id                     2X04 
_reflns.observed_criterion_sigma_I   2.000 
_reflns.observed_criterion_sigma_F   ? 
_reflns.d_resolution_low             29.400 
_reflns.d_resolution_high            1.500 
_reflns.number_obs                   27112 
_reflns.number_all                   ? 
_reflns.percent_possible_obs         99.3 
_reflns.pdbx_Rmerge_I_obs            0.05000 
_reflns.pdbx_Rsym_value              ? 
_reflns.pdbx_netI_over_sigmaI        17.0000 
_reflns.B_iso_Wilson_estimate        ? 
_reflns.pdbx_redundancy              3.660 
# 
_reflns_shell.pdbx_diffrn_id         1 
_reflns_shell.pdbx_ordinal           1 
_reflns_shell.d_res_high             1.50 
_reflns_shell.d_res_low              1.60 
_reflns_shell.percent_possible_all   99.4 
_reflns_shell.Rmerge_I_obs           0.46000 
_reflns_shell.pdbx_Rsym_value        ? 
_reflns_shell.meanI_over_sigI_obs    2.870 
_reflns_shell.pdbx_redundancy        3.66 
# 
_refine.pdbx_refine_id                           'X-RAY DIFFRACTION' 
_refine.entry_id                                 2X04 
_refine.pdbx_diffrn_id                           1 
_refine.pdbx_TLS_residual_ADP_flag               ? 
_refine.ls_number_reflns_obs                     27601 
_refine.ls_number_reflns_all                     ? 
_refine.pdbx_ls_sigma_I                          ? 
_refine.pdbx_ls_sigma_F                          2.000 
_refine.pdbx_data_cutoff_high_absF               ? 
_refine.pdbx_data_cutoff_low_absF                ? 
_refine.pdbx_data_cutoff_high_rms_absF           ? 
_refine.ls_d_res_low                             29.38 
_refine.ls_d_res_high                            1.49 
_refine.ls_percent_reflns_obs                    99.7 
_refine.ls_R_factor_obs                          0.164 
_refine.ls_R_factor_all                          ? 
_refine.ls_R_factor_R_work                       0.163 
_refine.ls_R_factor_R_free                       0.186 
_refine.ls_R_factor_R_free_error                 ? 
_refine.ls_R_factor_R_free_error_details         ? 
_refine.ls_percent_reflns_R_free                 5.00 
_refine.ls_number_reflns_R_free                  1385 
_refine.ls_number_parameters                     ? 
_refine.ls_number_restraints                     ? 
_refine.occupancy_min                            ? 
_refine.occupancy_max                            ? 
_refine.correlation_coeff_Fo_to_Fc               ? 
_refine.correlation_coeff_Fo_to_Fc_free          ? 
_refine.B_iso_mean                               19.60 
_refine.aniso_B[1][1]                            1.79950 
_refine.aniso_B[2][2]                            -2.07370 
_refine.aniso_B[3][3]                            -0.49310 
_refine.aniso_B[1][2]                            0.00000 
_refine.aniso_B[1][3]                            0.29470 
_refine.aniso_B[2][3]                            0.00000 
_refine.solvent_model_details                    'FLAT BULK SOLVENT MODEL' 
_refine.solvent_model_param_ksol                 0.36 
_refine.solvent_model_param_bsol                 47.86 
_refine.pdbx_solvent_vdw_probe_radii             1.11 
_refine.pdbx_solvent_ion_probe_radii             ? 
_refine.pdbx_solvent_shrinkage_radii             0.90 
_refine.pdbx_ls_cross_valid_method               ? 
_refine.details                                  ? 
_refine.pdbx_starting_model                      NONE 
_refine.pdbx_method_to_determine_struct          SAD 
_refine.pdbx_isotropic_thermal_model             ? 
_refine.pdbx_stereochemistry_target_values       TWIN_LSQ_F 
_refine.pdbx_stereochem_target_val_spec_case     ? 
_refine.pdbx_R_Free_selection_details            ? 
_refine.pdbx_overall_ESU_R                       ? 
_refine.pdbx_overall_ESU_R_Free                  ? 
_refine.overall_SU_ML                            ? 
_refine.pdbx_overall_phase_error                 20.910 
_refine.overall_SU_B                             ? 
_refine.overall_SU_R_Cruickshank_DPI             ? 
_refine.pdbx_overall_SU_R_free_Cruickshank_DPI   ? 
_refine.pdbx_overall_SU_R_Blow_DPI               ? 
_refine.pdbx_overall_SU_R_free_Blow_DPI          ? 
# 
_refine_hist.pdbx_refine_id                   'X-RAY DIFFRACTION' 
_refine_hist.cycle_id                         LAST 
_refine_hist.pdbx_number_atoms_protein        1414 
_refine_hist.pdbx_number_atoms_nucleic_acid   0 
_refine_hist.pdbx_number_atoms_ligand         10 
_refine_hist.number_atoms_solvent             217 
_refine_hist.number_atoms_total               1641 
_refine_hist.d_res_high                       1.49 
_refine_hist.d_res_low                        29.38 
# 
loop_
_refine_ls_restr.type 
_refine_ls_restr.dev_ideal 
_refine_ls_restr.dev_ideal_target 
_refine_ls_restr.weight 
_refine_ls_restr.number 
_refine_ls_restr.pdbx_refine_id 
_refine_ls_restr.pdbx_restraint_function 
f_bond_d           0.006  ? ? 1493 'X-RAY DIFFRACTION' ? 
f_angle_d          1.017  ? ? 2039 'X-RAY DIFFRACTION' ? 
f_dihedral_angle_d 13.044 ? ? 583  'X-RAY DIFFRACTION' ? 
f_chiral_restr     0.060  ? ? 230  'X-RAY DIFFRACTION' ? 
f_plane_restr      0.005  ? ? 265  'X-RAY DIFFRACTION' ? 
# 
loop_
_refine_ls_shell.pdbx_refine_id 
_refine_ls_shell.pdbx_total_number_of_bins_used 
_refine_ls_shell.d_res_high 
_refine_ls_shell.d_res_low 
_refine_ls_shell.number_reflns_R_work 
_refine_ls_shell.R_factor_R_work 
_refine_ls_shell.percent_reflns_obs 
_refine_ls_shell.R_factor_R_free 
_refine_ls_shell.R_factor_R_free_error 
_refine_ls_shell.percent_reflns_R_free 
_refine_ls_shell.number_reflns_R_free 
_refine_ls_shell.number_reflns_all 
_refine_ls_shell.R_factor_all 
'X-RAY DIFFRACTION' . 1.4900 1.5273  1837 0.2281 98.00 0.2534 . . 97  . . 
'X-RAY DIFFRACTION' . 1.5273 1.5686  1858 0.2141 98.00 0.2679 . . 98  . . 
'X-RAY DIFFRACTION' . 1.5686 1.6147  1899 0.2056 98.00 0.2195 . . 100 . . 
'X-RAY DIFFRACTION' . 1.6147 1.6668  1845 0.1955 98.00 0.2398 . . 97  . . 
'X-RAY DIFFRACTION' . 1.6668 1.7264  1868 0.1922 98.00 0.1662 . . 98  . . 
'X-RAY DIFFRACTION' . 1.7264 1.7955  1858 0.1805 98.00 0.2112 . . 98  . . 
'X-RAY DIFFRACTION' . 1.7955 1.8772  1886 0.1870 98.00 0.1682 . . 99  . . 
'X-RAY DIFFRACTION' . 1.8772 1.9762  1869 0.1780 98.00 0.2275 . . 99  . . 
'X-RAY DIFFRACTION' . 1.9762 2.1000  1872 0.1788 98.00 0.2258 . . 98  . . 
'X-RAY DIFFRACTION' . 2.1000 2.2620  1866 0.1654 98.00 0.1733 . . 99  . . 
'X-RAY DIFFRACTION' . 2.2620 2.4896  1907 0.1637 98.00 0.2016 . . 100 . . 
'X-RAY DIFFRACTION' . 2.4896 2.8496  1860 0.1584 98.00 0.1838 . . 98  . . 
'X-RAY DIFFRACTION' . 2.8496 3.5891  1887 0.1378 98.00 0.1788 . . 99  . . 
'X-RAY DIFFRACTION' . 3.5891 29.3817 1908 0.1328 98.00 0.1413 . . 101 . . 
# 
_struct.entry_id                  2X04 
_struct.title                     'Crystal structure of the PABC-TNRC6C complex' 
_struct.pdbx_model_details        ? 
_struct.pdbx_CASP_flag            ? 
_struct.pdbx_model_type_details   ? 
# 
_struct_keywords.entry_id        2X04 
_struct_keywords.pdbx_keywords   'PEPTIDE/RNA BINDING PROTEIN' 
_struct_keywords.text            
;PEPTIDE-RNA BINDING PROTEIN COMPLEX, RNA-MEDIATED GENE SILENCING, NUCLEUS, METHYLATION, SPLICEOSOME, TRANSLATION REGULATION, PROTEIN-PROTEIN COMPLEX, COILED COIL, DEADENYLATION, MRNA SPLICING, PHOSPHOPROTEIN, MRNA PROCESSING, MICRORNA SILENCING
;
# 
loop_
_struct_asym.id 
_struct_asym.pdbx_blank_PDB_chainid_flag 
_struct_asym.pdbx_modified 
_struct_asym.entity_id 
_struct_asym.details 
A N N 1 ? 
B N N 1 ? 
C N N 2 ? 
D N N 2 ? 
E N N 3 ? 
F N N 3 ? 
G N N 4 ? 
H N N 4 ? 
I N N 4 ? 
J N N 4 ? 
# 
loop_
_struct_ref.id 
_struct_ref.db_name 
_struct_ref.db_code 
_struct_ref.entity_id 
_struct_ref.pdbx_seq_one_letter_code 
_struct_ref.pdbx_align_begin 
_struct_ref.pdbx_db_accession 
_struct_ref.pdbx_db_isoform 
1 UNP PABP1_HUMAN 1 ? ? P11940 ? 
2 UNP TNR6C_HUMAN 2 ? ? Q9HCJ0 ? 
# 
loop_
_struct_ref_seq.align_id 
_struct_ref_seq.ref_id 
_struct_ref_seq.pdbx_PDB_id_code 
_struct_ref_seq.pdbx_strand_id 
_struct_ref_seq.seq_align_beg 
_struct_ref_seq.pdbx_seq_align_beg_ins_code 
_struct_ref_seq.seq_align_end 
_struct_ref_seq.pdbx_seq_align_end_ins_code 
_struct_ref_seq.pdbx_db_accession 
_struct_ref_seq.db_align_beg 
_struct_ref_seq.pdbx_db_align_beg_ins_code 
_struct_ref_seq.db_align_end 
_struct_ref_seq.pdbx_db_align_end_ins_code 
_struct_ref_seq.pdbx_auth_seq_align_beg 
_struct_ref_seq.pdbx_auth_seq_align_end 
1 1 2X04 A 6 ? 80 ? P11940 456  ? 530  ? 545  619  
2 1 2X04 B 6 ? 80 ? P11940 456  ? 530  ? 545  619  
3 2 2X04 C 1 ? 18 ? Q9HCJ0 1382 ? 1399 ? 1382 1399 
4 2 2X04 D 1 ? 18 ? Q9HCJ0 1382 ? 1399 ? 1382 1399 
# 
loop_
_struct_ref_seq_dif.align_id 
_struct_ref_seq_dif.pdbx_pdb_id_code 
_struct_ref_seq_dif.mon_id 
_struct_ref_seq_dif.pdbx_pdb_strand_id 
_struct_ref_seq_dif.seq_num 
_struct_ref_seq_dif.pdbx_pdb_ins_code 
_struct_ref_seq_dif.pdbx_seq_db_name 
_struct_ref_seq_dif.pdbx_seq_db_accession_code 
_struct_ref_seq_dif.db_mon_id 
_struct_ref_seq_dif.pdbx_seq_db_seq_num 
_struct_ref_seq_dif.details 
_struct_ref_seq_dif.pdbx_auth_seq_num 
_struct_ref_seq_dif.pdbx_ordinal 
1 2X04 GLY A 1 ? UNP P11940 ? ? 'expression tag' 540 1  
1 2X04 PRO A 2 ? UNP P11940 ? ? 'expression tag' 541 2  
1 2X04 LEU A 3 ? UNP P11940 ? ? 'expression tag' 542 3  
1 2X04 GLY A 4 ? UNP P11940 ? ? 'expression tag' 543 4  
1 2X04 SER A 5 ? UNP P11940 ? ? 'expression tag' 544 5  
2 2X04 GLY B 1 ? UNP P11940 ? ? 'expression tag' 540 6  
2 2X04 PRO B 2 ? UNP P11940 ? ? 'expression tag' 541 7  
2 2X04 LEU B 3 ? UNP P11940 ? ? 'expression tag' 542 8  
2 2X04 GLY B 4 ? UNP P11940 ? ? 'expression tag' 543 9  
2 2X04 SER B 5 ? UNP P11940 ? ? 'expression tag' 544 10 
# 
loop_
_pdbx_struct_assembly.id 
_pdbx_struct_assembly.details 
_pdbx_struct_assembly.method_details 
_pdbx_struct_assembly.oligomeric_details 
_pdbx_struct_assembly.oligomeric_count 
1 author_and_software_defined_assembly PISA dimeric 2 
2 author_and_software_defined_assembly PISA dimeric 2 
# 
loop_
_pdbx_struct_assembly_prop.biol_id 
_pdbx_struct_assembly_prop.type 
_pdbx_struct_assembly_prop.value 
_pdbx_struct_assembly_prop.details 
1 'ABSA (A^2)' 1300  ? 
1 MORE         -22.8 ? 
1 'SSA (A^2)'  5510  ? 
2 'ABSA (A^2)' 1290  ? 
2 MORE         -21.3 ? 
2 'SSA (A^2)'  5440  ? 
# 
loop_
_pdbx_struct_assembly_gen.assembly_id 
_pdbx_struct_assembly_gen.oper_expression 
_pdbx_struct_assembly_gen.asym_id_list 
1 1 B,D,E,F,H,J 
2 1 A,C,G,I     
# 
_pdbx_struct_oper_list.id                   1 
_pdbx_struct_oper_list.type                 'identity operation' 
_pdbx_struct_oper_list.name                 1_555 
_pdbx_struct_oper_list.symmetry_operation   x,y,z 
_pdbx_struct_oper_list.matrix[1][1]         1.0000000000 
_pdbx_struct_oper_list.matrix[1][2]         0.0000000000 
_pdbx_struct_oper_list.matrix[1][3]         0.0000000000 
_pdbx_struct_oper_list.vector[1]            0.0000000000 
_pdbx_struct_oper_list.matrix[2][1]         0.0000000000 
_pdbx_struct_oper_list.matrix[2][2]         1.0000000000 
_pdbx_struct_oper_list.matrix[2][3]         0.0000000000 
_pdbx_struct_oper_list.vector[2]            0.0000000000 
_pdbx_struct_oper_list.matrix[3][1]         0.0000000000 
_pdbx_struct_oper_list.matrix[3][2]         0.0000000000 
_pdbx_struct_oper_list.matrix[3][3]         1.0000000000 
_pdbx_struct_oper_list.vector[3]            0.0000000000 
# 
_struct_biol.id   1 
# 
loop_
_struct_conf.conf_type_id 
_struct_conf.id 
_struct_conf.pdbx_PDB_helix_id 
_struct_conf.beg_label_comp_id 
_struct_conf.beg_label_asym_id 
_struct_conf.beg_label_seq_id 
_struct_conf.pdbx_beg_PDB_ins_code 
_struct_conf.end_label_comp_id 
_struct_conf.end_label_asym_id 
_struct_conf.end_label_seq_id 
_struct_conf.pdbx_end_PDB_ins_code 
_struct_conf.beg_auth_comp_id 
_struct_conf.beg_auth_asym_id 
_struct_conf.beg_auth_seq_id 
_struct_conf.end_auth_comp_id 
_struct_conf.end_auth_asym_id 
_struct_conf.end_auth_seq_id 
_struct_conf.pdbx_PDB_helix_class 
_struct_conf.details 
_struct_conf.pdbx_PDB_helix_length 
HELX_P HELX_P1  1  THR A 7  ? SER A 13 ? THR A 546 SER A 552 1 ? 7  
HELX_P HELX_P2  2  PRO A 15 ? HIS A 35 ? PRO A 554 HIS A 574 1 ? 21 
HELX_P HELX_P3  3  LEU A 38 ? LEU A 47 ? LEU A 577 LEU A 586 1 ? 10 
HELX_P HELX_P4  4  ASP A 50 ? SER A 60 ? ASP A 589 SER A 599 1 ? 11 
HELX_P HELX_P5  5  SER A 60 ? GLN A 76 ? SER A 599 GLN A 615 1 ? 17 
HELX_P HELX_P6  6  THR B 7  ? ALA B 14 ? THR B 546 ALA B 553 1 ? 8  
HELX_P HELX_P7  7  PRO B 15 ? HIS B 35 ? PRO B 554 HIS B 574 1 ? 21 
HELX_P HELX_P8  8  LEU B 38 ? LEU B 47 ? LEU B 577 LEU B 586 1 ? 10 
HELX_P HELX_P9  9  ASP B 50 ? SER B 60 ? ASP B 589 SER B 599 1 ? 11 
HELX_P HELX_P10 10 SER B 60 ? GLN B 79 ? SER B 599 GLN B 618 1 ? 20 
# 
_struct_conf_type.id          HELX_P 
_struct_conf_type.criteria    ? 
_struct_conf_type.reference   ? 
# 
_struct_mon_prot_cis.pdbx_id                1 
_struct_mon_prot_cis.label_comp_id          TRP 
_struct_mon_prot_cis.label_seq_id           4 
_struct_mon_prot_cis.label_asym_id          C 
_struct_mon_prot_cis.label_alt_id           . 
_struct_mon_prot_cis.pdbx_PDB_ins_code      ? 
_struct_mon_prot_cis.auth_comp_id           TRP 
_struct_mon_prot_cis.auth_seq_id            1385 
_struct_mon_prot_cis.auth_asym_id           C 
_struct_mon_prot_cis.pdbx_label_comp_id_2   PRO 
_struct_mon_prot_cis.pdbx_label_seq_id_2    5 
_struct_mon_prot_cis.pdbx_label_asym_id_2   C 
_struct_mon_prot_cis.pdbx_PDB_ins_code_2    ? 
_struct_mon_prot_cis.pdbx_auth_comp_id_2    PRO 
_struct_mon_prot_cis.pdbx_auth_seq_id_2     1386 
_struct_mon_prot_cis.pdbx_auth_asym_id_2    C 
_struct_mon_prot_cis.pdbx_PDB_model_num     1 
_struct_mon_prot_cis.pdbx_omega_angle       -4.66 
# 
loop_
_struct_site.id 
_struct_site.pdbx_evidence_code 
_struct_site.pdbx_auth_asym_id 
_struct_site.pdbx_auth_comp_id 
_struct_site.pdbx_auth_seq_id 
_struct_site.pdbx_auth_ins_code 
_struct_site.pdbx_num_residues 
_struct_site.details 
AC1 Software B SO4 1619 ? 2 'BINDING SITE FOR RESIDUE SO4 B 1619' 
AC2 Software B SO4 1620 ? 7 'BINDING SITE FOR RESIDUE SO4 B 1620' 
# 
loop_
_struct_site_gen.id 
_struct_site_gen.site_id 
_struct_site_gen.pdbx_num_res 
_struct_site_gen.label_comp_id 
_struct_site_gen.label_asym_id 
_struct_site_gen.label_seq_id 
_struct_site_gen.pdbx_auth_ins_code 
_struct_site_gen.auth_comp_id 
_struct_site_gen.auth_asym_id 
_struct_site_gen.auth_seq_id 
_struct_site_gen.label_atom_id 
_struct_site_gen.label_alt_id 
_struct_site_gen.symmetry 
_struct_site_gen.details 
1 AC1 2 GLY B 4  ? GLY B 543  . ? 1_555 ? 
2 AC1 2 HOH H .  ? HOH B 2075 . ? 1_555 ? 
3 AC2 7 SER B 9  ? SER B 548  . ? 1_655 ? 
4 AC2 7 HIS B 35 ? HIS B 574  . ? 1_555 ? 
5 AC2 7 PRO B 36 ? PRO B 575  . ? 1_555 ? 
6 AC2 7 THR B 37 ? THR B 576  . ? 1_555 ? 
7 AC2 7 LEU B 38 ? LEU B 577  . ? 1_555 ? 
8 AC2 7 HOH H .  ? HOH B 2019 . ? 1_655 ? 
9 AC2 7 HOH H .  ? HOH B 2071 . ? 1_555 ? 
# 
_pdbx_validate_torsion.id              1 
_pdbx_validate_torsion.PDB_model_num   1 
_pdbx_validate_torsion.auth_comp_id    LEU 
_pdbx_validate_torsion.auth_asym_id    D 
_pdbx_validate_torsion.auth_seq_id     1398 
_pdbx_validate_torsion.PDB_ins_code    ? 
_pdbx_validate_torsion.label_alt_id    ? 
_pdbx_validate_torsion.phi             -169.12 
_pdbx_validate_torsion.psi             115.02 
# 
_pdbx_entry_details.entry_id                 2X04 
_pdbx_entry_details.compound_details         ? 
_pdbx_entry_details.source_details           ? 
_pdbx_entry_details.nonpolymer_details       ? 
_pdbx_entry_details.sequence_details         
;THE SEQUENCE GPLGS AT THE N-TERMINUS IS DERIVED FROM THE
EXPRESSION VECTOR
;
_pdbx_entry_details.has_ligand_of_interest   ? 
# 
_pdbx_distant_solvent_atoms.id                                1 
_pdbx_distant_solvent_atoms.PDB_model_num                     1 
_pdbx_distant_solvent_atoms.auth_atom_id                      O 
_pdbx_distant_solvent_atoms.label_alt_id                      ? 
_pdbx_distant_solvent_atoms.auth_asym_id                      B 
_pdbx_distant_solvent_atoms.auth_comp_id                      HOH 
_pdbx_distant_solvent_atoms.auth_seq_id                       2011 
_pdbx_distant_solvent_atoms.PDB_ins_code                      ? 
_pdbx_distant_solvent_atoms.neighbor_macromolecule_distance   6.15 
_pdbx_distant_solvent_atoms.neighbor_ligand_distance          . 
# 
loop_
_pdbx_unobs_or_zero_occ_residues.id 
_pdbx_unobs_or_zero_occ_residues.PDB_model_num 
_pdbx_unobs_or_zero_occ_residues.polymer_flag 
_pdbx_unobs_or_zero_occ_residues.occupancy_flag 
_pdbx_unobs_or_zero_occ_residues.auth_asym_id 
_pdbx_unobs_or_zero_occ_residues.auth_comp_id 
_pdbx_unobs_or_zero_occ_residues.auth_seq_id 
_pdbx_unobs_or_zero_occ_residues.PDB_ins_code 
_pdbx_unobs_or_zero_occ_residues.label_asym_id 
_pdbx_unobs_or_zero_occ_residues.label_comp_id 
_pdbx_unobs_or_zero_occ_residues.label_seq_id 
1  1 Y 1 A HIS 617  ? A HIS 78 
2  1 Y 1 A GLN 618  ? A GLN 79 
3  1 Y 1 A ALA 619  ? A ALA 80 
4  1 Y 1 B ALA 619  ? B ALA 80 
5  1 Y 1 C SER 1382 ? C SER 1  
6  1 Y 1 C ILE 1383 ? C ILE 2  
7  1 Y 1 C ASN 1384 ? C ASN 3  
8  1 Y 1 D SER 1382 ? D SER 1  
9  1 Y 1 D ILE 1383 ? D ILE 2  
10 1 Y 1 D ASN 1384 ? D ASN 3  
# 
loop_
_chem_comp_atom.comp_id 
_chem_comp_atom.atom_id 
_chem_comp_atom.type_symbol 
_chem_comp_atom.pdbx_aromatic_flag 
_chem_comp_atom.pdbx_stereo_config 
_chem_comp_atom.pdbx_ordinal 
ALA N    N N N 1   
ALA CA   C N S 2   
ALA C    C N N 3   
ALA O    O N N 4   
ALA CB   C N N 5   
ALA OXT  O N N 6   
ALA H    H N N 7   
ALA H2   H N N 8   
ALA HA   H N N 9   
ALA HB1  H N N 10  
ALA HB2  H N N 11  
ALA HB3  H N N 12  
ALA HXT  H N N 13  
ARG N    N N N 14  
ARG CA   C N S 15  
ARG C    C N N 16  
ARG O    O N N 17  
ARG CB   C N N 18  
ARG CG   C N N 19  
ARG CD   C N N 20  
ARG NE   N N N 21  
ARG CZ   C N N 22  
ARG NH1  N N N 23  
ARG NH2  N N N 24  
ARG OXT  O N N 25  
ARG H    H N N 26  
ARG H2   H N N 27  
ARG HA   H N N 28  
ARG HB2  H N N 29  
ARG HB3  H N N 30  
ARG HG2  H N N 31  
ARG HG3  H N N 32  
ARG HD2  H N N 33  
ARG HD3  H N N 34  
ARG HE   H N N 35  
ARG HH11 H N N 36  
ARG HH12 H N N 37  
ARG HH21 H N N 38  
ARG HH22 H N N 39  
ARG HXT  H N N 40  
ASN N    N N N 41  
ASN CA   C N S 42  
ASN C    C N N 43  
ASN O    O N N 44  
ASN CB   C N N 45  
ASN CG   C N N 46  
ASN OD1  O N N 47  
ASN ND2  N N N 48  
ASN OXT  O N N 49  
ASN H    H N N 50  
ASN H2   H N N 51  
ASN HA   H N N 52  
ASN HB2  H N N 53  
ASN HB3  H N N 54  
ASN HD21 H N N 55  
ASN HD22 H N N 56  
ASN HXT  H N N 57  
ASP N    N N N 58  
ASP CA   C N S 59  
ASP C    C N N 60  
ASP O    O N N 61  
ASP CB   C N N 62  
ASP CG   C N N 63  
ASP OD1  O N N 64  
ASP OD2  O N N 65  
ASP OXT  O N N 66  
ASP H    H N N 67  
ASP H2   H N N 68  
ASP HA   H N N 69  
ASP HB2  H N N 70  
ASP HB3  H N N 71  
ASP HD2  H N N 72  
ASP HXT  H N N 73  
GLN N    N N N 74  
GLN CA   C N S 75  
GLN C    C N N 76  
GLN O    O N N 77  
GLN CB   C N N 78  
GLN CG   C N N 79  
GLN CD   C N N 80  
GLN OE1  O N N 81  
GLN NE2  N N N 82  
GLN OXT  O N N 83  
GLN H    H N N 84  
GLN H2   H N N 85  
GLN HA   H N N 86  
GLN HB2  H N N 87  
GLN HB3  H N N 88  
GLN HG2  H N N 89  
GLN HG3  H N N 90  
GLN HE21 H N N 91  
GLN HE22 H N N 92  
GLN HXT  H N N 93  
GLU N    N N N 94  
GLU CA   C N S 95  
GLU C    C N N 96  
GLU O    O N N 97  
GLU CB   C N N 98  
GLU CG   C N N 99  
GLU CD   C N N 100 
GLU OE1  O N N 101 
GLU OE2  O N N 102 
GLU OXT  O N N 103 
GLU H    H N N 104 
GLU H2   H N N 105 
GLU HA   H N N 106 
GLU HB2  H N N 107 
GLU HB3  H N N 108 
GLU HG2  H N N 109 
GLU HG3  H N N 110 
GLU HE2  H N N 111 
GLU HXT  H N N 112 
GLY N    N N N 113 
GLY CA   C N N 114 
GLY C    C N N 115 
GLY O    O N N 116 
GLY OXT  O N N 117 
GLY H    H N N 118 
GLY H2   H N N 119 
GLY HA2  H N N 120 
GLY HA3  H N N 121 
GLY HXT  H N N 122 
HIS N    N N N 123 
HIS CA   C N S 124 
HIS C    C N N 125 
HIS O    O N N 126 
HIS CB   C N N 127 
HIS CG   C Y N 128 
HIS ND1  N Y N 129 
HIS CD2  C Y N 130 
HIS CE1  C Y N 131 
HIS NE2  N Y N 132 
HIS OXT  O N N 133 
HIS H    H N N 134 
HIS H2   H N N 135 
HIS HA   H N N 136 
HIS HB2  H N N 137 
HIS HB3  H N N 138 
HIS HD1  H N N 139 
HIS HD2  H N N 140 
HIS HE1  H N N 141 
HIS HE2  H N N 142 
HIS HXT  H N N 143 
HOH O    O N N 144 
HOH H1   H N N 145 
HOH H2   H N N 146 
ILE N    N N N 147 
ILE CA   C N S 148 
ILE C    C N N 149 
ILE O    O N N 150 
ILE CB   C N S 151 
ILE CG1  C N N 152 
ILE CG2  C N N 153 
ILE CD1  C N N 154 
ILE OXT  O N N 155 
ILE H    H N N 156 
ILE H2   H N N 157 
ILE HA   H N N 158 
ILE HB   H N N 159 
ILE HG12 H N N 160 
ILE HG13 H N N 161 
ILE HG21 H N N 162 
ILE HG22 H N N 163 
ILE HG23 H N N 164 
ILE HD11 H N N 165 
ILE HD12 H N N 166 
ILE HD13 H N N 167 
ILE HXT  H N N 168 
LEU N    N N N 169 
LEU CA   C N S 170 
LEU C    C N N 171 
LEU O    O N N 172 
LEU CB   C N N 173 
LEU CG   C N N 174 
LEU CD1  C N N 175 
LEU CD2  C N N 176 
LEU OXT  O N N 177 
LEU H    H N N 178 
LEU H2   H N N 179 
LEU HA   H N N 180 
LEU HB2  H N N 181 
LEU HB3  H N N 182 
LEU HG   H N N 183 
LEU HD11 H N N 184 
LEU HD12 H N N 185 
LEU HD13 H N N 186 
LEU HD21 H N N 187 
LEU HD22 H N N 188 
LEU HD23 H N N 189 
LEU HXT  H N N 190 
LYS N    N N N 191 
LYS CA   C N S 192 
LYS C    C N N 193 
LYS O    O N N 194 
LYS CB   C N N 195 
LYS CG   C N N 196 
LYS CD   C N N 197 
LYS CE   C N N 198 
LYS NZ   N N N 199 
LYS OXT  O N N 200 
LYS H    H N N 201 
LYS H2   H N N 202 
LYS HA   H N N 203 
LYS HB2  H N N 204 
LYS HB3  H N N 205 
LYS HG2  H N N 206 
LYS HG3  H N N 207 
LYS HD2  H N N 208 
LYS HD3  H N N 209 
LYS HE2  H N N 210 
LYS HE3  H N N 211 
LYS HZ1  H N N 212 
LYS HZ2  H N N 213 
LYS HZ3  H N N 214 
LYS HXT  H N N 215 
MET N    N N N 216 
MET CA   C N S 217 
MET C    C N N 218 
MET O    O N N 219 
MET CB   C N N 220 
MET CG   C N N 221 
MET SD   S N N 222 
MET CE   C N N 223 
MET OXT  O N N 224 
MET H    H N N 225 
MET H2   H N N 226 
MET HA   H N N 227 
MET HB2  H N N 228 
MET HB3  H N N 229 
MET HG2  H N N 230 
MET HG3  H N N 231 
MET HE1  H N N 232 
MET HE2  H N N 233 
MET HE3  H N N 234 
MET HXT  H N N 235 
PHE N    N N N 236 
PHE CA   C N S 237 
PHE C    C N N 238 
PHE O    O N N 239 
PHE CB   C N N 240 
PHE CG   C Y N 241 
PHE CD1  C Y N 242 
PHE CD2  C Y N 243 
PHE CE1  C Y N 244 
PHE CE2  C Y N 245 
PHE CZ   C Y N 246 
PHE OXT  O N N 247 
PHE H    H N N 248 
PHE H2   H N N 249 
PHE HA   H N N 250 
PHE HB2  H N N 251 
PHE HB3  H N N 252 
PHE HD1  H N N 253 
PHE HD2  H N N 254 
PHE HE1  H N N 255 
PHE HE2  H N N 256 
PHE HZ   H N N 257 
PHE HXT  H N N 258 
PRO N    N N N 259 
PRO CA   C N S 260 
PRO C    C N N 261 
PRO O    O N N 262 
PRO CB   C N N 263 
PRO CG   C N N 264 
PRO CD   C N N 265 
PRO OXT  O N N 266 
PRO H    H N N 267 
PRO HA   H N N 268 
PRO HB2  H N N 269 
PRO HB3  H N N 270 
PRO HG2  H N N 271 
PRO HG3  H N N 272 
PRO HD2  H N N 273 
PRO HD3  H N N 274 
PRO HXT  H N N 275 
SER N    N N N 276 
SER CA   C N S 277 
SER C    C N N 278 
SER O    O N N 279 
SER CB   C N N 280 
SER OG   O N N 281 
SER OXT  O N N 282 
SER H    H N N 283 
SER H2   H N N 284 
SER HA   H N N 285 
SER HB2  H N N 286 
SER HB3  H N N 287 
SER HG   H N N 288 
SER HXT  H N N 289 
SO4 S    S N N 290 
SO4 O1   O N N 291 
SO4 O2   O N N 292 
SO4 O3   O N N 293 
SO4 O4   O N N 294 
THR N    N N N 295 
THR CA   C N S 296 
THR C    C N N 297 
THR O    O N N 298 
THR CB   C N R 299 
THR OG1  O N N 300 
THR CG2  C N N 301 
THR OXT  O N N 302 
THR H    H N N 303 
THR H2   H N N 304 
THR HA   H N N 305 
THR HB   H N N 306 
THR HG1  H N N 307 
THR HG21 H N N 308 
THR HG22 H N N 309 
THR HG23 H N N 310 
THR HXT  H N N 311 
TRP N    N N N 312 
TRP CA   C N S 313 
TRP C    C N N 314 
TRP O    O N N 315 
TRP CB   C N N 316 
TRP CG   C Y N 317 
TRP CD1  C Y N 318 
TRP CD2  C Y N 319 
TRP NE1  N Y N 320 
TRP CE2  C Y N 321 
TRP CE3  C Y N 322 
TRP CZ2  C Y N 323 
TRP CZ3  C Y N 324 
TRP CH2  C Y N 325 
TRP OXT  O N N 326 
TRP H    H N N 327 
TRP H2   H N N 328 
TRP HA   H N N 329 
TRP HB2  H N N 330 
TRP HB3  H N N 331 
TRP HD1  H N N 332 
TRP HE1  H N N 333 
TRP HE3  H N N 334 
TRP HZ2  H N N 335 
TRP HZ3  H N N 336 
TRP HH2  H N N 337 
TRP HXT  H N N 338 
VAL N    N N N 339 
VAL CA   C N S 340 
VAL C    C N N 341 
VAL O    O N N 342 
VAL CB   C N N 343 
VAL CG1  C N N 344 
VAL CG2  C N N 345 
VAL OXT  O N N 346 
VAL H    H N N 347 
VAL H2   H N N 348 
VAL HA   H N N 349 
VAL HB   H N N 350 
VAL HG11 H N N 351 
VAL HG12 H N N 352 
VAL HG13 H N N 353 
VAL HG21 H N N 354 
VAL HG22 H N N 355 
VAL HG23 H N N 356 
VAL HXT  H N N 357 
# 
loop_
_chem_comp_bond.comp_id 
_chem_comp_bond.atom_id_1 
_chem_comp_bond.atom_id_2 
_chem_comp_bond.value_order 
_chem_comp_bond.pdbx_aromatic_flag 
_chem_comp_bond.pdbx_stereo_config 
_chem_comp_bond.pdbx_ordinal 
ALA N   CA   sing N N 1   
ALA N   H    sing N N 2   
ALA N   H2   sing N N 3   
ALA CA  C    sing N N 4   
ALA CA  CB   sing N N 5   
ALA CA  HA   sing N N 6   
ALA C   O    doub N N 7   
ALA C   OXT  sing N N 8   
ALA CB  HB1  sing N N 9   
ALA CB  HB2  sing N N 10  
ALA CB  HB3  sing N N 11  
ALA OXT HXT  sing N N 12  
ARG N   CA   sing N N 13  
ARG N   H    sing N N 14  
ARG N   H2   sing N N 15  
ARG CA  C    sing N N 16  
ARG CA  CB   sing N N 17  
ARG CA  HA   sing N N 18  
ARG C   O    doub N N 19  
ARG C   OXT  sing N N 20  
ARG CB  CG   sing N N 21  
ARG CB  HB2  sing N N 22  
ARG CB  HB3  sing N N 23  
ARG CG  CD   sing N N 24  
ARG CG  HG2  sing N N 25  
ARG CG  HG3  sing N N 26  
ARG CD  NE   sing N N 27  
ARG CD  HD2  sing N N 28  
ARG CD  HD3  sing N N 29  
ARG NE  CZ   sing N N 30  
ARG NE  HE   sing N N 31  
ARG CZ  NH1  sing N N 32  
ARG CZ  NH2  doub N N 33  
ARG NH1 HH11 sing N N 34  
ARG NH1 HH12 sing N N 35  
ARG NH2 HH21 sing N N 36  
ARG NH2 HH22 sing N N 37  
ARG OXT HXT  sing N N 38  
ASN N   CA   sing N N 39  
ASN N   H    sing N N 40  
ASN N   H2   sing N N 41  
ASN CA  C    sing N N 42  
ASN CA  CB   sing N N 43  
ASN CA  HA   sing N N 44  
ASN C   O    doub N N 45  
ASN C   OXT  sing N N 46  
ASN CB  CG   sing N N 47  
ASN CB  HB2  sing N N 48  
ASN CB  HB3  sing N N 49  
ASN CG  OD1  doub N N 50  
ASN CG  ND2  sing N N 51  
ASN ND2 HD21 sing N N 52  
ASN ND2 HD22 sing N N 53  
ASN OXT HXT  sing N N 54  
ASP N   CA   sing N N 55  
ASP N   H    sing N N 56  
ASP N   H2   sing N N 57  
ASP CA  C    sing N N 58  
ASP CA  CB   sing N N 59  
ASP CA  HA   sing N N 60  
ASP C   O    doub N N 61  
ASP C   OXT  sing N N 62  
ASP CB  CG   sing N N 63  
ASP CB  HB2  sing N N 64  
ASP CB  HB3  sing N N 65  
ASP CG  OD1  doub N N 66  
ASP CG  OD2  sing N N 67  
ASP OD2 HD2  sing N N 68  
ASP OXT HXT  sing N N 69  
GLN N   CA   sing N N 70  
GLN N   H    sing N N 71  
GLN N   H2   sing N N 72  
GLN CA  C    sing N N 73  
GLN CA  CB   sing N N 74  
GLN CA  HA   sing N N 75  
GLN C   O    doub N N 76  
GLN C   OXT  sing N N 77  
GLN CB  CG   sing N N 78  
GLN CB  HB2  sing N N 79  
GLN CB  HB3  sing N N 80  
GLN CG  CD   sing N N 81  
GLN CG  HG2  sing N N 82  
GLN CG  HG3  sing N N 83  
GLN CD  OE1  doub N N 84  
GLN CD  NE2  sing N N 85  
GLN NE2 HE21 sing N N 86  
GLN NE2 HE22 sing N N 87  
GLN OXT HXT  sing N N 88  
GLU N   CA   sing N N 89  
GLU N   H    sing N N 90  
GLU N   H2   sing N N 91  
GLU CA  C    sing N N 92  
GLU CA  CB   sing N N 93  
GLU CA  HA   sing N N 94  
GLU C   O    doub N N 95  
GLU C   OXT  sing N N 96  
GLU CB  CG   sing N N 97  
GLU CB  HB2  sing N N 98  
GLU CB  HB3  sing N N 99  
GLU CG  CD   sing N N 100 
GLU CG  HG2  sing N N 101 
GLU CG  HG3  sing N N 102 
GLU CD  OE1  doub N N 103 
GLU CD  OE2  sing N N 104 
GLU OE2 HE2  sing N N 105 
GLU OXT HXT  sing N N 106 
GLY N   CA   sing N N 107 
GLY N   H    sing N N 108 
GLY N   H2   sing N N 109 
GLY CA  C    sing N N 110 
GLY CA  HA2  sing N N 111 
GLY CA  HA3  sing N N 112 
GLY C   O    doub N N 113 
GLY C   OXT  sing N N 114 
GLY OXT HXT  sing N N 115 
HIS N   CA   sing N N 116 
HIS N   H    sing N N 117 
HIS N   H2   sing N N 118 
HIS CA  C    sing N N 119 
HIS CA  CB   sing N N 120 
HIS CA  HA   sing N N 121 
HIS C   O    doub N N 122 
HIS C   OXT  sing N N 123 
HIS CB  CG   sing N N 124 
HIS CB  HB2  sing N N 125 
HIS CB  HB3  sing N N 126 
HIS CG  ND1  sing Y N 127 
HIS CG  CD2  doub Y N 128 
HIS ND1 CE1  doub Y N 129 
HIS ND1 HD1  sing N N 130 
HIS CD2 NE2  sing Y N 131 
HIS CD2 HD2  sing N N 132 
HIS CE1 NE2  sing Y N 133 
HIS CE1 HE1  sing N N 134 
HIS NE2 HE2  sing N N 135 
HIS OXT HXT  sing N N 136 
HOH O   H1   sing N N 137 
HOH O   H2   sing N N 138 
ILE N   CA   sing N N 139 
ILE N   H    sing N N 140 
ILE N   H2   sing N N 141 
ILE CA  C    sing N N 142 
ILE CA  CB   sing N N 143 
ILE CA  HA   sing N N 144 
ILE C   O    doub N N 145 
ILE C   OXT  sing N N 146 
ILE CB  CG1  sing N N 147 
ILE CB  CG2  sing N N 148 
ILE CB  HB   sing N N 149 
ILE CG1 CD1  sing N N 150 
ILE CG1 HG12 sing N N 151 
ILE CG1 HG13 sing N N 152 
ILE CG2 HG21 sing N N 153 
ILE CG2 HG22 sing N N 154 
ILE CG2 HG23 sing N N 155 
ILE CD1 HD11 sing N N 156 
ILE CD1 HD12 sing N N 157 
ILE CD1 HD13 sing N N 158 
ILE OXT HXT  sing N N 159 
LEU N   CA   sing N N 160 
LEU N   H    sing N N 161 
LEU N   H2   sing N N 162 
LEU CA  C    sing N N 163 
LEU CA  CB   sing N N 164 
LEU CA  HA   sing N N 165 
LEU C   O    doub N N 166 
LEU C   OXT  sing N N 167 
LEU CB  CG   sing N N 168 
LEU CB  HB2  sing N N 169 
LEU CB  HB3  sing N N 170 
LEU CG  CD1  sing N N 171 
LEU CG  CD2  sing N N 172 
LEU CG  HG   sing N N 173 
LEU CD1 HD11 sing N N 174 
LEU CD1 HD12 sing N N 175 
LEU CD1 HD13 sing N N 176 
LEU CD2 HD21 sing N N 177 
LEU CD2 HD22 sing N N 178 
LEU CD2 HD23 sing N N 179 
LEU OXT HXT  sing N N 180 
LYS N   CA   sing N N 181 
LYS N   H    sing N N 182 
LYS N   H2   sing N N 183 
LYS CA  C    sing N N 184 
LYS CA  CB   sing N N 185 
LYS CA  HA   sing N N 186 
LYS C   O    doub N N 187 
LYS C   OXT  sing N N 188 
LYS CB  CG   sing N N 189 
LYS CB  HB2  sing N N 190 
LYS CB  HB3  sing N N 191 
LYS CG  CD   sing N N 192 
LYS CG  HG2  sing N N 193 
LYS CG  HG3  sing N N 194 
LYS CD  CE   sing N N 195 
LYS CD  HD2  sing N N 196 
LYS CD  HD3  sing N N 197 
LYS CE  NZ   sing N N 198 
LYS CE  HE2  sing N N 199 
LYS CE  HE3  sing N N 200 
LYS NZ  HZ1  sing N N 201 
LYS NZ  HZ2  sing N N 202 
LYS NZ  HZ3  sing N N 203 
LYS OXT HXT  sing N N 204 
MET N   CA   sing N N 205 
MET N   H    sing N N 206 
MET N   H2   sing N N 207 
MET CA  C    sing N N 208 
MET CA  CB   sing N N 209 
MET CA  HA   sing N N 210 
MET C   O    doub N N 211 
MET C   OXT  sing N N 212 
MET CB  CG   sing N N 213 
MET CB  HB2  sing N N 214 
MET CB  HB3  sing N N 215 
MET CG  SD   sing N N 216 
MET CG  HG2  sing N N 217 
MET CG  HG3  sing N N 218 
MET SD  CE   sing N N 219 
MET CE  HE1  sing N N 220 
MET CE  HE2  sing N N 221 
MET CE  HE3  sing N N 222 
MET OXT HXT  sing N N 223 
PHE N   CA   sing N N 224 
PHE N   H    sing N N 225 
PHE N   H2   sing N N 226 
PHE CA  C    sing N N 227 
PHE CA  CB   sing N N 228 
PHE CA  HA   sing N N 229 
PHE C   O    doub N N 230 
PHE C   OXT  sing N N 231 
PHE CB  CG   sing N N 232 
PHE CB  HB2  sing N N 233 
PHE CB  HB3  sing N N 234 
PHE CG  CD1  doub Y N 235 
PHE CG  CD2  sing Y N 236 
PHE CD1 CE1  sing Y N 237 
PHE CD1 HD1  sing N N 238 
PHE CD2 CE2  doub Y N 239 
PHE CD2 HD2  sing N N 240 
PHE CE1 CZ   doub Y N 241 
PHE CE1 HE1  sing N N 242 
PHE CE2 CZ   sing Y N 243 
PHE CE2 HE2  sing N N 244 
PHE CZ  HZ   sing N N 245 
PHE OXT HXT  sing N N 246 
PRO N   CA   sing N N 247 
PRO N   CD   sing N N 248 
PRO N   H    sing N N 249 
PRO CA  C    sing N N 250 
PRO CA  CB   sing N N 251 
PRO CA  HA   sing N N 252 
PRO C   O    doub N N 253 
PRO C   OXT  sing N N 254 
PRO CB  CG   sing N N 255 
PRO CB  HB2  sing N N 256 
PRO CB  HB3  sing N N 257 
PRO CG  CD   sing N N 258 
PRO CG  HG2  sing N N 259 
PRO CG  HG3  sing N N 260 
PRO CD  HD2  sing N N 261 
PRO CD  HD3  sing N N 262 
PRO OXT HXT  sing N N 263 
SER N   CA   sing N N 264 
SER N   H    sing N N 265 
SER N   H2   sing N N 266 
SER CA  C    sing N N 267 
SER CA  CB   sing N N 268 
SER CA  HA   sing N N 269 
SER C   O    doub N N 270 
SER C   OXT  sing N N 271 
SER CB  OG   sing N N 272 
SER CB  HB2  sing N N 273 
SER CB  HB3  sing N N 274 
SER OG  HG   sing N N 275 
SER OXT HXT  sing N N 276 
SO4 S   O1   doub N N 277 
SO4 S   O2   doub N N 278 
SO4 S   O3   sing N N 279 
SO4 S   O4   sing N N 280 
THR N   CA   sing N N 281 
THR N   H    sing N N 282 
THR N   H2   sing N N 283 
THR CA  C    sing N N 284 
THR CA  CB   sing N N 285 
THR CA  HA   sing N N 286 
THR C   O    doub N N 287 
THR C   OXT  sing N N 288 
THR CB  OG1  sing N N 289 
THR CB  CG2  sing N N 290 
THR CB  HB   sing N N 291 
THR OG1 HG1  sing N N 292 
THR CG2 HG21 sing N N 293 
THR CG2 HG22 sing N N 294 
THR CG2 HG23 sing N N 295 
THR OXT HXT  sing N N 296 
TRP N   CA   sing N N 297 
TRP N   H    sing N N 298 
TRP N   H2   sing N N 299 
TRP CA  C    sing N N 300 
TRP CA  CB   sing N N 301 
TRP CA  HA   sing N N 302 
TRP C   O    doub N N 303 
TRP C   OXT  sing N N 304 
TRP CB  CG   sing N N 305 
TRP CB  HB2  sing N N 306 
TRP CB  HB3  sing N N 307 
TRP CG  CD1  doub Y N 308 
TRP CG  CD2  sing Y N 309 
TRP CD1 NE1  sing Y N 310 
TRP CD1 HD1  sing N N 311 
TRP CD2 CE2  doub Y N 312 
TRP CD2 CE3  sing Y N 313 
TRP NE1 CE2  sing Y N 314 
TRP NE1 HE1  sing N N 315 
TRP CE2 CZ2  sing Y N 316 
TRP CE3 CZ3  doub Y N 317 
TRP CE3 HE3  sing N N 318 
TRP CZ2 CH2  doub Y N 319 
TRP CZ2 HZ2  sing N N 320 
TRP CZ3 CH2  sing Y N 321 
TRP CZ3 HZ3  sing N N 322 
TRP CH2 HH2  sing N N 323 
TRP OXT HXT  sing N N 324 
VAL N   CA   sing N N 325 
VAL N   H    sing N N 326 
VAL N   H2   sing N N 327 
VAL CA  C    sing N N 328 
VAL CA  CB   sing N N 329 
VAL CA  HA   sing N N 330 
VAL C   O    doub N N 331 
VAL C   OXT  sing N N 332 
VAL CB  CG1  sing N N 333 
VAL CB  CG2  sing N N 334 
VAL CB  HB   sing N N 335 
VAL CG1 HG11 sing N N 336 
VAL CG1 HG12 sing N N 337 
VAL CG1 HG13 sing N N 338 
VAL CG2 HG21 sing N N 339 
VAL CG2 HG22 sing N N 340 
VAL CG2 HG23 sing N N 341 
VAL OXT HXT  sing N N 342 
# 
_pdbx_reflns_twin.domain_id    1 
_pdbx_reflns_twin.crystal_id   1 
_pdbx_reflns_twin.diffrn_id    1 
_pdbx_reflns_twin.type         ? 
_pdbx_reflns_twin.operator     L,-K,H 
_pdbx_reflns_twin.fraction     0.1230 
# 
_atom_sites.entry_id                    2X04 
_atom_sites.fract_transf_matrix[1][1]   -0.01611094 
_atom_sites.fract_transf_matrix[1][2]   0.02531367 
_atom_sites.fract_transf_matrix[1][3]   0.00795004 
_atom_sites.fract_transf_matrix[2][1]   0.00240970 
_atom_sites.fract_transf_matrix[2][2]   0.00545746 
_atom_sites.fract_transf_matrix[2][3]   -0.01249374 
_atom_sites.fract_transf_matrix[3][1]   -0.03060480 
_atom_sites.fract_transf_matrix[3][2]   0.00114739 
_atom_sites.fract_transf_matrix[3][3]   -0.00540164 
_atom_sites.fract_transf_vector[1]      0.249017 
_atom_sites.fract_transf_vector[2]      -0.104334 
_atom_sites.fract_transf_vector[3]      0.252622 
# 
loop_
_atom_type.symbol 
C 
N 
O 
S 
# 
loop_
_atom_site.group_PDB 
_atom_site.id 
_atom_site.type_symbol 
_atom_site.label_atom_id 
_atom_site.label_alt_id 
_atom_site.label_comp_id 
_atom_site.label_asym_id 
_atom_site.label_entity_id 
_atom_site.label_seq_id 
_atom_site.pdbx_PDB_ins_code 
_atom_site.Cartn_x 
_atom_site.Cartn_y 
_atom_site.Cartn_z 
_atom_site.occupancy 
_atom_site.B_iso_or_equiv 
_atom_site.pdbx_formal_charge 
_atom_site.auth_seq_id 
_atom_site.auth_comp_id 
_atom_site.auth_asym_id 
_atom_site.auth_atom_id 
_atom_site.pdbx_PDB_model_num 
ATOM   1    N N   . GLY A 1 1  ? -9.121  -16.334 24.273  1.00 44.72  ? 540  GLY A N   1 
ATOM   2    C CA  . GLY A 1 1  ? -9.960  -16.750 23.166  1.00 31.23  ? 540  GLY A CA  1 
ATOM   3    C C   . GLY A 1 1  ? -9.296  -16.397 21.850  1.00 30.99  ? 540  GLY A C   1 
ATOM   4    O O   . GLY A 1 1  ? -8.779  -15.288 21.699  1.00 39.45  ? 540  GLY A O   1 
ATOM   5    N N   . PRO A 1 2  ? -9.266  -17.350 20.901  1.00 22.15  ? 541  PRO A N   1 
ATOM   6    C CA  . PRO A 1 2  ? -8.804  -16.990 19.561  1.00 25.40  ? 541  PRO A CA  1 
ATOM   7    C C   . PRO A 1 2  ? -9.886  -16.189 18.851  1.00 23.66  ? 541  PRO A C   1 
ATOM   8    O O   . PRO A 1 2  ? -11.054 -16.300 19.222  1.00 25.16  ? 541  PRO A O   1 
ATOM   9    C CB  . PRO A 1 2  ? -8.671  -18.344 18.850  1.00 24.65  ? 541  PRO A CB  1 
ATOM   10   C CG  . PRO A 1 2  ? -8.811  -19.381 19.890  1.00 26.36  ? 541  PRO A CG  1 
ATOM   11   C CD  . PRO A 1 2  ? -9.593  -18.781 21.006  1.00 26.90  ? 541  PRO A CD  1 
ATOM   12   N N   . LEU A 1 3  ? -9.512  -15.418 17.837  1.00 17.49  ? 542  LEU A N   1 
ATOM   13   C CA  . LEU A 1 3  ? -10.492 -14.781 16.962  1.00 15.39  ? 542  LEU A CA  1 
ATOM   14   C C   . LEU A 1 3  ? -11.241 -15.846 16.177  1.00 23.33  ? 542  LEU A C   1 
ATOM   15   O O   . LEU A 1 3  ? -10.711 -16.935 15.971  1.00 21.28  ? 542  LEU A O   1 
ATOM   16   C CB  . LEU A 1 3  ? -9.784  -13.867 15.972  1.00 16.04  ? 542  LEU A CB  1 
ATOM   17   C CG  . LEU A 1 3  ? -9.037  -12.692 16.576  1.00 17.39  ? 542  LEU A CG  1 
ATOM   18   C CD1 . LEU A 1 3  ? -8.453  -11.881 15.460  1.00 19.50  ? 542  LEU A CD1 1 
ATOM   19   C CD2 . LEU A 1 3  ? -9.963  -11.857 17.433  1.00 19.14  ? 542  LEU A CD2 1 
ATOM   20   N N   . GLY A 1 4  ? -12.455 -15.539 15.720  1.00 17.07  ? 543  GLY A N   1 
ATOM   21   C CA  . GLY A 1 4  ? -13.186 -16.458 14.855  1.00 14.05  ? 543  GLY A CA  1 
ATOM   22   C C   . GLY A 1 4  ? -12.535 -16.622 13.491  1.00 16.35  ? 543  GLY A C   1 
ATOM   23   O O   . GLY A 1 4  ? -11.793 -15.756 13.033  1.00 15.66  ? 543  GLY A O   1 
ATOM   24   N N   . SER A 1 5  ? -12.808 -17.738 12.826  1.00 23.54  ? 544  SER A N   1 
ATOM   25   C CA  . SER A 1 5  ? -12.263 -17.956 11.493  1.00 29.72  ? 544  SER A CA  1 
ATOM   26   C C   . SER A 1 5  ? -12.949 -17.012 10.504  1.00 23.82  ? 544  SER A C   1 
ATOM   27   O O   . SER A 1 5  ? -14.126 -16.700 10.657  1.00 25.50  ? 544  SER A O   1 
ATOM   28   C CB  . SER A 1 5  ? -12.453 -19.413 11.067  1.00 31.22  ? 544  SER A CB  1 
ATOM   29   O OG  . SER A 1 5  ? -13.826 -19.753 11.061  1.00 38.01  ? 544  SER A OG  1 
ATOM   30   N N   . LEU A 1 6  ? -12.204 -16.557 9.499   1.00 21.57  ? 545  LEU A N   1 
ATOM   31   C CA  . LEU A 1 6  ? -12.710 -15.591 8.523   1.00 21.75  ? 545  LEU A CA  1 
ATOM   32   C C   . LEU A 1 6  ? -12.718 -16.180 7.109   1.00 18.90  ? 545  LEU A C   1 
ATOM   33   O O   . LEU A 1 6  ? -11.677 -16.586 6.590   1.00 18.42  ? 545  LEU A O   1 
ATOM   34   C CB  . LEU A 1 6  ? -11.859 -14.319 8.553   1.00 17.94  ? 545  LEU A CB  1 
ATOM   35   C CG  . LEU A 1 6  ? -12.212 -13.209 7.569   1.00 16.05  ? 545  LEU A CG  1 
ATOM   36   C CD1 . LEU A 1 6  ? -13.550 -12.563 7.926   1.00 17.13  ? 545  LEU A CD1 1 
ATOM   37   C CD2 . LEU A 1 6  ? -11.105 -12.169 7.561   1.00 14.69  ? 545  LEU A CD2 1 
ATOM   38   N N   . THR A 1 7  ? -13.893 -16.239 6.489   1.00 20.50  ? 546  THR A N   1 
ATOM   39   C CA  . THR A 1 7  ? -14.012 -16.768 5.132   1.00 22.50  ? 546  THR A CA  1 
ATOM   40   C C   . THR A 1 7  ? -14.205 -15.626 4.138   1.00 20.99  ? 546  THR A C   1 
ATOM   41   O O   . THR A 1 7  ? -14.501 -14.489 4.528   1.00 19.73  ? 546  THR A O   1 
ATOM   42   C CB  . THR A 1 7  ? -15.197 -17.758 5.002   1.00 20.20  ? 546  THR A CB  1 
ATOM   43   O OG1 . THR A 1 7  ? -16.422 -17.077 5.297   1.00 20.68  ? 546  THR A OG1 1 
ATOM   44   C CG2 . THR A 1 7  ? -15.041 -18.928 5.958   1.00 15.24  ? 546  THR A CG2 1 
ATOM   45   N N   . ALA A 1 8  ? -14.046 -15.924 2.853   1.00 18.17  ? 547  ALA A N   1 
ATOM   46   C CA  . ALA A 1 8  ? -14.242 -14.912 1.823   1.00 16.42  ? 547  ALA A CA  1 
ATOM   47   C C   . ALA A 1 8  ? -15.677 -14.390 1.811   1.00 15.28  ? 547  ALA A C   1 
ATOM   48   O O   . ALA A 1 8  ? -15.908 -13.197 1.632   1.00 15.84  ? 547  ALA A O   1 
ATOM   49   C CB  . ALA A 1 8  ? -13.865 -15.458 0.455   1.00 19.64  ? 547  ALA A CB  1 
ATOM   50   N N   . SER A 1 9  ? -16.644 -15.288 2.004   1.00 15.96  ? 548  SER A N   1 
ATOM   51   C CA  A SER A 1 9  ? -18.050 -14.899 1.984   0.53 14.63  ? 548  SER A CA  1 
ATOM   52   C CA  B SER A 1 9  ? -18.049 -14.908 1.996   0.47 14.66  ? 548  SER A CA  1 
ATOM   53   C C   . SER A 1 9  ? -18.426 -14.047 3.197   1.00 18.23  ? 548  SER A C   1 
ATOM   54   O O   . SER A 1 9  ? -19.185 -13.089 3.068   1.00 19.67  ? 548  SER A O   1 
ATOM   55   C CB  A SER A 1 9  ? -18.945 -16.133 1.893   0.53 16.22  ? 548  SER A CB  1 
ATOM   56   C CB  B SER A 1 9  ? -18.933 -16.152 1.920   0.47 16.22  ? 548  SER A CB  1 
ATOM   57   O OG  A SER A 1 9  ? -18.577 -17.082 2.868   0.53 20.78  ? 548  SER A OG  1 
ATOM   58   O OG  B SER A 1 9  ? -18.694 -16.834 0.708   0.47 17.29  ? 548  SER A OG  1 
ATOM   59   N N   . MET A 1 10 ? -17.897 -14.396 4.369   1.00 15.39  ? 549  MET A N   1 
ATOM   60   C CA  . MET A 1 10 ? -18.132 -13.601 5.564   1.00 13.99  ? 549  MET A CA  1 
ATOM   61   C C   . MET A 1 10 ? -17.559 -12.220 5.327   1.00 16.90  ? 549  MET A C   1 
ATOM   62   O O   . MET A 1 10 ? -18.189 -11.205 5.618   1.00 17.08  ? 549  MET A O   1 
ATOM   63   C CB  . MET A 1 10 ? -17.431 -14.214 6.776   1.00 17.62  ? 549  MET A CB  1 
ATOM   64   C CG  . MET A 1 10 ? -18.162 -15.366 7.444   1.00 35.30  ? 549  MET A CG  1 
ATOM   65   S SD  . MET A 1 10 ? -17.088 -16.218 8.637   1.00 45.01  ? 549  MET A SD  1 
ATOM   66   C CE  . MET A 1 10 ? -15.934 -14.918 9.008   1.00 27.69  ? 549  MET A CE  1 
ATOM   67   N N   . LEU A 1 11 ? -16.341 -12.182 4.803   1.00 18.03  ? 550  LEU A N   1 
ATOM   68   C CA  . LEU A 1 11 ? -15.667 -10.917 4.558   1.00 15.37  ? 550  LEU A CA  1 
ATOM   69   C C   . LEU A 1 11 ? -16.443 -10.079 3.539   1.00 17.82  ? 550  LEU A C   1 
ATOM   70   O O   . LEU A 1 11 ? -16.680 -8.882  3.742   1.00 19.05  ? 550  LEU A O   1 
ATOM   71   C CB  . LEU A 1 11 ? -14.233 -11.185 4.094   1.00 16.31  ? 550  LEU A CB  1 
ATOM   72   C CG  . LEU A 1 11 ? -13.301 -10.003 3.902   1.00 15.81  ? 550  LEU A CG  1 
ATOM   73   C CD1 . LEU A 1 11 ? -12.996 -9.352  5.239   1.00 13.53  ? 550  LEU A CD1 1 
ATOM   74   C CD2 . LEU A 1 11 ? -12.054 -10.496 3.231   1.00 18.20  ? 550  LEU A CD2 1 
ATOM   75   N N   . ALA A 1 12 ? -16.880 -10.727 2.464   1.00 20.78  ? 551  ALA A N   1 
ATOM   76   C CA  . ALA A 1 12 ? -17.582 -10.039 1.386   1.00 20.51  ? 551  ALA A CA  1 
ATOM   77   C C   . ALA A 1 12 ? -18.917 -9.444  1.831   1.00 21.53  ? 551  ALA A C   1 
ATOM   78   O O   . ALA A 1 12 ? -19.430 -8.522  1.205   1.00 34.31  ? 551  ALA A O   1 
ATOM   79   C CB  . ALA A 1 12 ? -17.782 -10.976 0.199   1.00 25.93  ? 551  ALA A CB  1 
ATOM   80   N N   . SER A 1 13 ? -19.469 -9.955  2.923   1.00 22.00  ? 552  SER A N   1 
ATOM   81   C CA  . SER A 1 13 ? -20.773 -9.504  3.395   1.00 21.12  ? 552  SER A CA  1 
ATOM   82   C C   . SER A 1 13 ? -20.742 -8.256  4.292   1.00 29.88  ? 552  SER A C   1 
ATOM   83   O O   . SER A 1 13 ? -21.795 -7.735  4.663   1.00 33.94  ? 552  SER A O   1 
ATOM   84   C CB  . SER A 1 13 ? -21.487 -10.650 4.122   1.00 27.32  ? 552  SER A CB  1 
ATOM   85   O OG  . SER A 1 13 ? -20.893 -10.906 5.384   1.00 30.17  ? 552  SER A OG  1 
ATOM   86   N N   . ALA A 1 14 ? -19.548 -7.779  4.642   1.00 20.71  ? 553  ALA A N   1 
ATOM   87   C CA  . ALA A 1 14 ? -19.423 -6.637  5.548   1.00 20.33  ? 553  ALA A CA  1 
ATOM   88   C C   . ALA A 1 14 ? -19.127 -5.348  4.802   1.00 15.54  ? 553  ALA A C   1 
ATOM   89   O O   . ALA A 1 14 ? -18.596 -5.382  3.695   1.00 17.68  ? 553  ALA A O   1 
ATOM   90   C CB  . ALA A 1 14 ? -18.326 -6.902  6.579   1.00 19.89  ? 553  ALA A CB  1 
ATOM   91   N N   . PRO A 1 15 ? -19.458 -4.200  5.412   1.00 15.38  ? 554  PRO A N   1 
ATOM   92   C CA  . PRO A 1 15 ? -19.037 -2.909  4.864   1.00 19.46  ? 554  PRO A CA  1 
ATOM   93   C C   . PRO A 1 15 ? -17.511 -2.856  4.708   1.00 20.17  ? 554  PRO A C   1 
ATOM   94   O O   . PRO A 1 15 ? -16.797 -3.564  5.421   1.00 15.87  ? 554  PRO A O   1 
ATOM   95   C CB  . PRO A 1 15 ? -19.482 -1.907  5.939   1.00 23.89  ? 554  PRO A CB  1 
ATOM   96   C CG  . PRO A 1 15 ? -20.548 -2.598  6.681   1.00 25.53  ? 554  PRO A CG  1 
ATOM   97   C CD  . PRO A 1 15 ? -20.205 -4.047  6.669   1.00 18.52  ? 554  PRO A CD  1 
ATOM   98   N N   . PRO A 1 16 ? -17.022 -2.006  3.795   1.00 18.40  ? 555  PRO A N   1 
ATOM   99   C CA  . PRO A 1 16 ? -15.595 -1.962  3.473   1.00 17.71  ? 555  PRO A CA  1 
ATOM   100  C C   . PRO A 1 16 ? -14.761 -1.610  4.697   1.00 15.59  ? 555  PRO A C   1 
ATOM   101  O O   . PRO A 1 16 ? -13.695 -2.190  4.887   1.00 14.44  ? 555  PRO A O   1 
ATOM   102  C CB  . PRO A 1 16 ? -15.503 -0.845  2.421   1.00 19.13  ? 555  PRO A CB  1 
ATOM   103  C CG  . PRO A 1 16 ? -16.888 -0.633  1.944   1.00 21.53  ? 555  PRO A CG  1 
ATOM   104  C CD  . PRO A 1 16 ? -17.774 -0.947  3.102   1.00 27.98  ? 555  PRO A CD  1 
ATOM   105  N N   . GLN A 1 17 ? -15.220 -0.665  5.506   1.00 14.51  ? 556  GLN A N   1 
ATOM   106  C CA  . GLN A 1 17 ? -14.503 -0.339  6.731   1.00 17.89  ? 556  GLN A CA  1 
ATOM   107  C C   . GLN A 1 17 ? -14.355 -1.570  7.639   1.00 15.39  ? 556  GLN A C   1 
ATOM   108  O O   . GLN A 1 17 ? -13.291 -1.805  8.231   1.00 14.47  ? 556  GLN A O   1 
ATOM   109  C CB  . GLN A 1 17 ? -15.196 0.816   7.459   1.00 24.36  ? 556  GLN A CB  1 
ATOM   110  C CG  . GLN A 1 17 ? -15.028 0.776   8.982   1.00 61.81  ? 556  GLN A CG  1 
ATOM   111  C CD  . GLN A 1 17 ? -16.133 -0.015  9.697   1.00 67.05  ? 556  GLN A CD  1 
ATOM   112  O OE1 . GLN A 1 17 ? -16.015 -0.303  10.886  1.00 40.75  ? 556  GLN A OE1 1 
ATOM   113  N NE2 . GLN A 1 17 ? -17.221 -0.325  8.987   1.00 58.76  ? 556  GLN A NE2 1 
ATOM   114  N N   . GLU A 1 18 ? -15.420 -2.360  7.731   1.00 11.06  ? 557  GLU A N   1 
ATOM   115  C CA  . GLU A 1 18 ? -15.409 -3.564  8.561   1.00 11.73  ? 557  GLU A CA  1 
ATOM   116  C C   . GLU A 1 18 ? -14.494 -4.660  7.999   1.00 11.88  ? 557  GLU A C   1 
ATOM   117  O O   . GLU A 1 18 ? -13.859 -5.402  8.749   1.00 9.51   ? 557  GLU A O   1 
ATOM   118  C CB  . GLU A 1 18 ? -16.826 -4.113  8.744   1.00 16.14  ? 557  GLU A CB  1 
ATOM   119  C CG  . GLU A 1 18 ? -16.905 -5.350  9.611   1.00 12.32  ? 557  GLU A CG  1 
ATOM   120  C CD  . GLU A 1 18 ? -16.529 -5.087  11.053  1.00 17.62  ? 557  GLU A CD  1 
ATOM   121  O OE1 . GLU A 1 18 ? -16.511 -3.912  11.478  1.00 21.17  ? 557  GLU A OE1 1 
ATOM   122  O OE2 . GLU A 1 18 ? -16.243 -6.064  11.764  1.00 23.26  ? 557  GLU A OE2 1 
ATOM   123  N N   . GLN A 1 19 ? -14.428 -4.767  6.677   1.00 10.42  ? 558  GLN A N   1 
ATOM   124  C CA  . GLN A 1 19 ? -13.553 -5.758  6.062   1.00 8.64   ? 558  GLN A CA  1 
ATOM   125  C C   . GLN A 1 19 ? -12.096 -5.512  6.428   1.00 8.30   ? 558  GLN A C   1 
ATOM   126  O O   . GLN A 1 19 ? -11.365 -6.454  6.732   1.00 9.20   ? 558  GLN A O   1 
ATOM   127  C CB  . GLN A 1 19 ? -13.727 -5.765  4.543   1.00 12.02  ? 558  GLN A CB  1 
ATOM   128  C CG  . GLN A 1 19 ? -15.100 -6.224  4.099   1.00 12.31  ? 558  GLN A CG  1 
ATOM   129  C CD  . GLN A 1 19 ? -15.221 -6.390  2.587   1.00 20.54  ? 558  GLN A CD  1 
ATOM   130  O OE1 . GLN A 1 19 ? -14.308 -6.887  1.923   1.00 18.33  ? 558  GLN A OE1 1 
ATOM   131  N NE2 . GLN A 1 19 ? -16.361 -5.988  2.044   1.00 16.72  ? 558  GLN A NE2 1 
ATOM   132  N N   . LYS A 1 20 ? -11.676 -4.246  6.389   1.00 10.15  ? 559  LYS A N   1 
ATOM   133  C CA  . LYS A 1 20 ? -10.306 -3.903  6.769   1.00 10.03  ? 559  LYS A CA  1 
ATOM   134  C C   . LYS A 1 20 ? -10.083 -4.232  8.242   1.00 10.51  ? 559  LYS A C   1 
ATOM   135  O O   . LYS A 1 20 ? -9.011  -4.699  8.608   1.00 9.64   ? 559  LYS A O   1 
ATOM   136  C CB  . LYS A 1 20 ? -9.987  -2.428  6.498   1.00 11.17  ? 559  LYS A CB  1 
ATOM   137  C CG  . LYS A 1 20 ? -9.982  -2.024  5.019   1.00 11.15  ? 559  LYS A CG  1 
ATOM   138  C CD  . LYS A 1 20 ? -9.029  -2.865  4.187   1.00 7.89   ? 559  LYS A CD  1 
ATOM   139  C CE  . LYS A 1 20 ? -8.952  -2.335  2.761   1.00 11.28  ? 559  LYS A CE  1 
ATOM   140  N NZ  . LYS A 1 20 ? -8.034  -3.135  1.885   1.00 10.67  ? 559  LYS A NZ  1 
ATOM   141  N N   . GLN A 1 21 ? -11.093 -4.007  9.082   1.00 8.61   ? 560  GLN A N   1 
ATOM   142  C CA  . GLN A 1 21 ? -10.942 -4.292  10.511  1.00 8.38   ? 560  GLN A CA  1 
ATOM   143  C C   . GLN A 1 21 ? -10.804 -5.798  10.759  1.00 8.90   ? 560  GLN A C   1 
ATOM   144  O O   . GLN A 1 21 ? -9.959  -6.230  11.545  1.00 9.04   ? 560  GLN A O   1 
ATOM   145  C CB  . GLN A 1 21 ? -12.110 -3.724  11.324  1.00 9.43   ? 560  GLN A CB  1 
ATOM   146  C CG  . GLN A 1 21 ? -11.809 -3.570  12.814  1.00 10.97  ? 560  GLN A CG  1 
ATOM   147  C CD  . GLN A 1 21 ? -10.795 -2.475  13.096  1.00 12.09  ? 560  GLN A CD  1 
ATOM   148  O OE1 . GLN A 1 21 ? -10.721 -1.479  12.373  1.00 12.34  ? 560  GLN A OE1 1 
ATOM   149  N NE2 . GLN A 1 21 ? -10.003 -2.659  14.152  1.00 10.95  ? 560  GLN A NE2 1 
ATOM   150  N N   . MET A 1 22 ? -11.632 -6.593  10.080  1.00 8.49   ? 561  MET A N   1 
ATOM   151  C CA  . MET A 1 22 ? -11.561 -8.053  10.178  1.00 8.95   ? 561  MET A CA  1 
ATOM   152  C C   . MET A 1 22 ? -10.182 -8.572  9.783   1.00 7.94   ? 561  MET A C   1 
ATOM   153  O O   . MET A 1 22 ? -9.621  -9.435  10.441  1.00 10.27  ? 561  MET A O   1 
ATOM   154  C CB  . MET A 1 22 ? -12.619 -8.714  9.291   1.00 10.06  ? 561  MET A CB  1 
ATOM   155  C CG  . MET A 1 22 ? -14.065 -8.504  9.758   1.00 8.83   ? 561  MET A CG  1 
ATOM   156  S SD  . MET A 1 22 ? -15.209 -9.039  8.461   1.00 12.98  ? 561  MET A SD  1 
ATOM   157  C CE  . MET A 1 22 ? -16.724 -9.150  9.411   1.00 16.41  ? 561  MET A CE  1 
ATOM   158  N N   . LEU A 1 23 ? -9.647  -8.048  8.688   1.00 8.09   ? 562  LEU A N   1 
ATOM   159  C CA  . LEU A 1 23 ? -8.346  -8.499  8.208   1.00 6.78   ? 562  LEU A CA  1 
ATOM   160  C C   . LEU A 1 23 ? -7.257  -8.009  9.144   1.00 8.22   ? 562  LEU A C   1 
ATOM   161  O O   . LEU A 1 23 ? -6.342  -8.761  9.490   1.00 10.17  ? 562  LEU A O   1 
ATOM   162  C CB  . LEU A 1 23 ? -8.113  -7.995  6.776   1.00 9.51   ? 562  LEU A CB  1 
ATOM   163  C CG  . LEU A 1 23 ? -9.042  -8.629  5.738   1.00 7.45   ? 562  LEU A CG  1 
ATOM   164  C CD1 . LEU A 1 23 ? -9.138  -7.786  4.483   1.00 9.47   ? 562  LEU A CD1 1 
ATOM   165  C CD2 . LEU A 1 23 ? -8.573  -10.043 5.420   1.00 10.18  ? 562  LEU A CD2 1 
ATOM   166  N N   . GLY A 1 24 ? -7.349  -6.747  9.561   1.00 8.92   ? 563  GLY A N   1 
ATOM   167  C CA  . GLY A 1 24 ? -6.345  -6.171  10.446  1.00 9.24   ? 563  GLY A CA  1 
ATOM   168  C C   . GLY A 1 24 ? -6.196  -6.927  11.757  1.00 7.80   ? 563  GLY A C   1 
ATOM   169  O O   . GLY A 1 24 ? -5.077  -7.148  12.228  1.00 8.65   ? 563  GLY A O   1 
ATOM   170  N N   . GLU A 1 25 ? -7.317  -7.318  12.366  1.00 6.95   ? 564  GLU A N   1 
ATOM   171  C CA  . GLU A 1 25 ? -7.254  -7.973  13.676  1.00 9.60   ? 564  GLU A CA  1 
ATOM   172  C C   . GLU A 1 25 ? -6.510  -9.304  13.570  1.00 10.11  ? 564  GLU A C   1 
ATOM   173  O O   . GLU A 1 25 ? -5.912  -9.776  14.542  1.00 11.26  ? 564  GLU A O   1 
ATOM   174  C CB  . GLU A 1 25 ? -8.657  -8.209  14.277  1.00 10.09  ? 564  GLU A CB  1 
ATOM   175  C CG  . GLU A 1 25 ? -9.507  -6.967  14.556  1.00 10.65  ? 564  GLU A CG  1 
ATOM   176  C CD  . GLU A 1 25 ? -8.954  -6.059  15.649  1.00 18.66  ? 564  GLU A CD  1 
ATOM   177  O OE1 . GLU A 1 25 ? -7.953  -6.433  16.307  1.00 19.49  ? 564  GLU A OE1 1 
ATOM   178  O OE2 . GLU A 1 25 ? -9.537  -4.966  15.851  1.00 12.77  ? 564  GLU A OE2 1 
ATOM   179  N N   . ARG A 1 26 ? -6.569  -9.913  12.389  1.00 8.75   ? 565  ARG A N   1 
ATOM   180  C CA  . ARG A 1 26 ? -5.950  -11.220 12.167  1.00 7.98   ? 565  ARG A CA  1 
ATOM   181  C C   . ARG A 1 26 ? -4.512  -11.080 11.695  1.00 8.94   ? 565  ARG A C   1 
ATOM   182  O O   . ARG A 1 26 ? -3.646  -11.872 12.067  1.00 11.15  ? 565  ARG A O   1 
ATOM   183  C CB  . ARG A 1 26 ? -6.794  -12.058 11.204  1.00 7.95   ? 565  ARG A CB  1 
ATOM   184  C CG  . ARG A 1 26 ? -8.107  -12.474 11.848  1.00 8.68   ? 565  ARG A CG  1 
ATOM   185  C CD  . ARG A 1 26 ? -9.153  -13.003 10.886  1.00 13.71  ? 565  ARG A CD  1 
ATOM   186  N NE  . ARG A 1 26 ? -10.317 -13.417 11.662  1.00 12.17  ? 565  ARG A NE  1 
ATOM   187  C CZ  . ARG A 1 26 ? -11.165 -12.563 12.225  1.00 15.13  ? 565  ARG A CZ  1 
ATOM   188  N NH1 . ARG A 1 26 ? -10.992 -11.255 12.073  1.00 11.02  ? 565  ARG A NH1 1 
ATOM   189  N NH2 . ARG A 1 26 ? -12.189 -13.009 12.940  1.00 13.66  ? 565  ARG A NH2 1 
ATOM   190  N N   . LEU A 1 27 ? -4.255  -10.040 10.912  1.00 8.97   ? 566  LEU A N   1 
ATOM   191  C CA  . LEU A 1 27 ? -2.907  -9.786  10.404  1.00 8.88   ? 566  LEU A CA  1 
ATOM   192  C C   . LEU A 1 27 ? -1.966  -9.304  11.502  1.00 7.55   ? 566  LEU A C   1 
ATOM   193  O O   . LEU A 1 27 ? -0.825  -9.744  11.596  1.00 10.34  ? 566  LEU A O   1 
ATOM   194  C CB  . LEU A 1 27 ? -2.956  -8.738  9.285   1.00 9.76   ? 566  LEU A CB  1 
ATOM   195  C CG  . LEU A 1 27 ? -3.518  -9.107  7.908   1.00 12.34  ? 566  LEU A CG  1 
ATOM   196  C CD1 . LEU A 1 27 ? -3.893  -7.838  7.147   1.00 11.29  ? 566  LEU A CD1 1 
ATOM   197  C CD2 . LEU A 1 27 ? -2.544  -9.972  7.105   1.00 12.10  ? 566  LEU A CD2 1 
ATOM   198  N N   . PHE A 1 28 ? -2.454  -8.389  12.330  1.00 9.07   ? 567  PHE A N   1 
ATOM   199  C CA  . PHE A 1 28 ? -1.604  -7.714  13.314  1.00 8.60   ? 567  PHE A CA  1 
ATOM   200  C C   . PHE A 1 28 ? -0.835  -8.660  14.248  1.00 6.66   ? 567  PHE A C   1 
ATOM   201  O O   . PHE A 1 28 ? 0.375   -8.530  14.392  1.00 6.75   ? 567  PHE A O   1 
ATOM   202  C CB  . PHE A 1 28 ? -2.407  -6.667  14.107  1.00 8.22   ? 567  PHE A CB  1 
ATOM   203  C CG  . PHE A 1 28 ? -1.583  -5.915  15.122  1.00 9.73   ? 567  PHE A CG  1 
ATOM   204  C CD1 . PHE A 1 28 ? -1.008  -4.693  14.807  1.00 10.03  ? 567  PHE A CD1 1 
ATOM   205  C CD2 . PHE A 1 28 ? -1.364  -6.445  16.377  1.00 9.66   ? 567  PHE A CD2 1 
ATOM   206  C CE1 . PHE A 1 28 ? -0.243  -4.013  15.733  1.00 12.00  ? 567  PHE A CE1 1 
ATOM   207  C CE2 . PHE A 1 28 ? -0.608  -5.769  17.303  1.00 8.77   ? 567  PHE A CE2 1 
ATOM   208  C CZ  . PHE A 1 28 ? -0.047  -4.556  16.984  1.00 10.54  ? 567  PHE A CZ  1 
ATOM   209  N N   . PRO A 1 29 ? -1.531  -9.612  14.895  1.00 9.13   ? 568  PRO A N   1 
ATOM   210  C CA  . PRO A 1 29 ? -0.811  -10.492 15.820  1.00 9.54   ? 568  PRO A CA  1 
ATOM   211  C C   . PRO A 1 29 ? 0.282   -11.290 15.124  1.00 11.67  ? 568  PRO A C   1 
ATOM   212  O O   . PRO A 1 29 ? 1.322   -11.574 15.726  1.00 11.20  ? 568  PRO A O   1 
ATOM   213  C CB  . PRO A 1 29 ? -1.894  -11.449 16.304  1.00 9.97   ? 568  PRO A CB  1 
ATOM   214  C CG  . PRO A 1 29 ? -3.158  -10.748 16.073  1.00 12.15  ? 568  PRO A CG  1 
ATOM   215  C CD  . PRO A 1 29 ? -2.980  -9.886  14.890  1.00 8.71   ? 568  PRO A CD  1 
ATOM   216  N N   . LEU A 1 30 ? 0.042   -11.670 13.873  1.00 8.52   ? 569  LEU A N   1 
ATOM   217  C CA  . LEU A 1 30 ? 1.037   -12.432 13.121  1.00 10.65  ? 569  LEU A CA  1 
ATOM   218  C C   . LEU A 1 30 ? 2.220   -11.554 12.727  1.00 9.40   ? 569  LEU A C   1 
ATOM   219  O O   . LEU A 1 30 ? 3.368   -11.986 12.782  1.00 12.00  ? 569  LEU A O   1 
ATOM   220  C CB  . LEU A 1 30 ? 0.423   -13.053 11.872  1.00 8.98   ? 569  LEU A CB  1 
ATOM   221  C CG  . LEU A 1 30 ? -0.634  -14.123 12.141  1.00 10.54  ? 569  LEU A CG  1 
ATOM   222  C CD1 . LEU A 1 30 ? -1.271  -14.561 10.832  1.00 13.55  ? 569  LEU A CD1 1 
ATOM   223  C CD2 . LEU A 1 30 ? 0.003   -15.289 12.874  1.00 14.55  ? 569  LEU A CD2 1 
ATOM   224  N N   . ILE A 1 31 ? 1.930   -10.331 12.310  1.00 8.39   ? 570  ILE A N   1 
ATOM   225  C CA  . ILE A 1 31 ? 2.989   -9.405  11.927  1.00 8.89   ? 570  ILE A CA  1 
ATOM   226  C C   . ILE A 1 31 ? 3.769   -8.955  13.160  1.00 9.65   ? 570  ILE A C   1 
ATOM   227  O O   . ILE A 1 31 ? 4.988   -8.813  13.105  1.00 10.54  ? 570  ILE A O   1 
ATOM   228  C CB  . ILE A 1 31 ? 2.416   -8.190  11.196  1.00 9.25   ? 570  ILE A CB  1 
ATOM   229  C CG1 . ILE A 1 31 ? 1.731   -8.655  9.906   1.00 8.87   ? 570  ILE A CG1 1 
ATOM   230  C CG2 . ILE A 1 31 ? 3.515   -7.153  10.942  1.00 10.15  ? 570  ILE A CG2 1 
ATOM   231  C CD1 . ILE A 1 31 ? 0.843   -7.617  9.280   1.00 8.06   ? 570  ILE A CD1 1 
ATOM   232  N N   . GLN A 1 32 ? 3.058   -8.753  14.265  1.00 7.43   ? 571  GLN A N   1 
ATOM   233  C CA  . GLN A 1 32 ? 3.667   -8.371  15.541  1.00 10.08  ? 571  GLN A CA  1 
ATOM   234  C C   . GLN A 1 32 ? 4.664   -9.411  16.056  1.00 10.25  ? 571  GLN A C   1 
ATOM   235  O O   . GLN A 1 32 ? 5.686   -9.061  16.658  1.00 10.65  ? 571  GLN A O   1 
ATOM   236  C CB  . GLN A 1 32 ? 2.588   -8.125  16.598  1.00 8.01   ? 571  GLN A CB  1 
ATOM   237  C CG  . GLN A 1 32 ? 3.130   -7.596  17.917  1.00 13.87  ? 571  GLN A CG  1 
ATOM   238  C CD  . GLN A 1 32 ? 2.062   -7.454  18.985  1.00 10.44  ? 571  GLN A CD  1 
ATOM   239  O OE1 . GLN A 1 32 ? 1.072   -8.183  18.999  1.00 15.80  ? 571  GLN A OE1 1 
ATOM   240  N NE2 . GLN A 1 32 ? 2.260   -6.510  19.883  1.00 18.97  ? 571  GLN A NE2 1 
ATOM   241  N N   . ALA A 1 33 ? 4.369   -10.689 15.830  1.00 9.98   ? 572  ALA A N   1 
ATOM   242  C CA  . ALA A 1 33 ? 5.304   -11.746 16.229  1.00 10.97  ? 572  ALA A CA  1 
ATOM   243  C C   . ALA A 1 33 ? 6.614   -11.659 15.454  1.00 14.57  ? 572  ALA A C   1 
ATOM   244  O O   . ALA A 1 33 ? 7.675   -11.978 15.994  1.00 16.94  ? 572  ALA A O   1 
ATOM   245  C CB  . ALA A 1 33 ? 4.677   -13.132 16.079  1.00 9.99   ? 572  ALA A CB  1 
ATOM   246  N N   . MET A 1 34 ? 6.538   -11.226 14.193  1.00 10.85  ? 573  MET A N   1 
ATOM   247  C CA  . MET A 1 34 ? 7.726   -11.067 13.357  1.00 9.47   ? 573  MET A CA  1 
ATOM   248  C C   . MET A 1 34 ? 8.460   -9.776  13.702  1.00 12.19  ? 573  MET A C   1 
ATOM   249  O O   . MET A 1 34 ? 9.694   -9.766  13.820  1.00 14.01  ? 573  MET A O   1 
ATOM   250  C CB  . MET A 1 34 ? 7.351   -11.026 11.868  1.00 10.19  ? 573  MET A CB  1 
ATOM   251  C CG  . MET A 1 34 ? 6.667   -12.261 11.332  1.00 13.59  ? 573  MET A CG  1 
ATOM   252  S SD  . MET A 1 34 ? 6.325   -12.116 9.560   1.00 21.34  ? 573  MET A SD  1 
ATOM   253  C CE  . MET A 1 34 ? 4.570   -12.441 9.525   1.00 21.61  ? 573  MET A CE  1 
ATOM   254  N N   . HIS A 1 35 ? 7.701   -8.686  13.819  1.00 10.20  ? 574  HIS A N   1 
ATOM   255  C CA  . HIS A 1 35 ? 8.263   -7.341  13.975  1.00 9.49   ? 574  HIS A CA  1 
ATOM   256  C C   . HIS A 1 35 ? 7.483   -6.576  15.027  1.00 13.02  ? 574  HIS A C   1 
ATOM   257  O O   . HIS A 1 35 ? 6.569   -5.815  14.700  1.00 12.39  ? 574  HIS A O   1 
ATOM   258  C CB  . HIS A 1 35 ? 8.251   -6.592  12.644  1.00 9.92   ? 574  HIS A CB  1 
ATOM   259  C CG  . HIS A 1 35 ? 9.163   -7.191  11.623  1.00 13.42  ? 574  HIS A CG  1 
ATOM   260  N ND1 . HIS A 1 35 ? 10.519  -6.935  11.602  1.00 14.40  ? 574  HIS A ND1 1 
ATOM   261  C CD2 . HIS A 1 35 ? 8.930   -8.055  10.606  1.00 12.78  ? 574  HIS A CD2 1 
ATOM   262  C CE1 . HIS A 1 35 ? 11.077  -7.611  10.615  1.00 15.08  ? 574  HIS A CE1 1 
ATOM   263  N NE2 . HIS A 1 35 ? 10.134  -8.301  9.994   1.00 12.86  ? 574  HIS A NE2 1 
ATOM   264  N N   . PRO A 1 36 ? 7.842   -6.782  16.303  1.00 13.11  ? 575  PRO A N   1 
ATOM   265  C CA  . PRO A 1 36 ? 7.095   -6.225  17.439  1.00 11.20  ? 575  PRO A CA  1 
ATOM   266  C C   . PRO A 1 36 ? 6.951   -4.703  17.421  1.00 13.19  ? 575  PRO A C   1 
ATOM   267  O O   . PRO A 1 36 ? 5.883   -4.208  17.768  1.00 17.23  ? 575  PRO A O   1 
ATOM   268  C CB  . PRO A 1 36 ? 7.928   -6.666  18.648  1.00 15.92  ? 575  PRO A CB  1 
ATOM   269  C CG  . PRO A 1 36 ? 8.633   -7.913  18.180  1.00 14.38  ? 575  PRO A CG  1 
ATOM   270  C CD  . PRO A 1 36 ? 8.944   -7.664  16.734  1.00 11.80  ? 575  PRO A CD  1 
ATOM   271  N N   . THR A 1 37 ? 7.999   -3.975  17.045  1.00 13.41  ? 576  THR A N   1 
ATOM   272  C CA  . THR A 1 37 ? 7.941   -2.518  17.082  1.00 10.99  ? 576  THR A CA  1 
ATOM   273  C C   . THR A 1 37 ? 7.227   -1.952  15.854  1.00 14.75  ? 576  THR A C   1 
ATOM   274  O O   . THR A 1 37 ? 6.384   -1.053  15.969  1.00 12.97  ? 576  THR A O   1 
ATOM   275  C CB  . THR A 1 37 ? 9.349   -1.894  17.223  1.00 13.79  ? 576  THR A CB  1 
ATOM   276  O OG1 . THR A 1 37 ? 9.947   -2.334  18.453  1.00 16.02  ? 576  THR A OG1 1 
ATOM   277  C CG2 . THR A 1 37 ? 9.266   -0.368  17.208  1.00 14.32  ? 576  THR A CG2 1 
ATOM   278  N N   . LEU A 1 38 ? 7.536   -2.500  14.684  1.00 11.21  ? 577  LEU A N   1 
ATOM   279  C CA  . LEU A 1 38 ? 6.973   -1.979  13.442  1.00 9.23   ? 577  LEU A CA  1 
ATOM   280  C C   . LEU A 1 38 ? 5.565   -2.515  13.120  1.00 10.86  ? 577  LEU A C   1 
ATOM   281  O O   . LEU A 1 38 ? 4.971   -2.114  12.121  1.00 10.10  ? 577  LEU A O   1 
ATOM   282  C CB  . LEU A 1 38 ? 7.921   -2.263  12.276  1.00 11.59  ? 577  LEU A CB  1 
ATOM   283  C CG  . LEU A 1 38 ? 9.232   -1.477  12.222  1.00 13.69  ? 577  LEU A CG  1 
ATOM   284  C CD1 . LEU A 1 38 ? 10.062  -1.951  11.035  1.00 16.00  ? 577  LEU A CD1 1 
ATOM   285  C CD2 . LEU A 1 38 ? 8.977   0.021   12.124  1.00 13.12  ? 577  LEU A CD2 1 
ATOM   286  N N   . ALA A 1 39 ? 5.029   -3.395  13.967  1.00 9.78   ? 578  ALA A N   1 
ATOM   287  C CA  . ALA A 1 39 ? 3.760   -4.076  13.679  1.00 9.55   ? 578  ALA A CA  1 
ATOM   288  C C   . ALA A 1 39 ? 2.604   -3.160  13.249  1.00 10.63  ? 578  ALA A C   1 
ATOM   289  O O   . ALA A 1 39 ? 1.911   -3.445  12.274  1.00 10.37  ? 578  ALA A O   1 
ATOM   290  C CB  . ALA A 1 39 ? 3.339   -4.932  14.855  1.00 9.48   ? 578  ALA A CB  1 
ATOM   291  N N   . GLY A 1 40 ? 2.394   -2.068  13.979  1.00 9.28   ? 579  GLY A N   1 
ATOM   292  C CA  . GLY A 1 40 ? 1.318   -1.138  13.660  1.00 9.88   ? 579  GLY A CA  1 
ATOM   293  C C   . GLY A 1 40 ? 1.501   -0.467  12.307  1.00 8.14   ? 579  GLY A C   1 
ATOM   294  O O   . GLY A 1 40 ? 0.535   -0.337  11.532  1.00 10.21  ? 579  GLY A O   1 
ATOM   295  N N   . LYS A 1 41 ? 2.727   -0.038  12.019  1.00 10.54  ? 580  LYS A N   1 
ATOM   296  C CA  . LYS A 1 41 ? 3.031   0.577   10.729  1.00 9.87   ? 580  LYS A CA  1 
ATOM   297  C C   . LYS A 1 41 ? 2.902   -0.420  9.581   1.00 10.34  ? 580  LYS A C   1 
ATOM   298  O O   . LYS A 1 41 ? 2.297   -0.108  8.563   1.00 10.29  ? 580  LYS A O   1 
ATOM   299  C CB  . LYS A 1 41 ? 4.449   1.158   10.713  1.00 11.02  ? 580  LYS A CB  1 
ATOM   300  C CG  . LYS A 1 41 ? 4.649   2.399   11.565  1.00 21.74  ? 580  LYS A CG  1 
ATOM   301  C CD  . LYS A 1 41 ? 6.071   2.926   11.390  1.00 25.43  ? 580  LYS A CD  1 
ATOM   302  C CE  . LYS A 1 41 ? 6.369   4.064   12.336  1.00 50.41  ? 580  LYS A CE  1 
ATOM   303  N NZ  . LYS A 1 41 ? 5.985   3.714   13.733  1.00 62.13  ? 580  LYS A NZ  1 
ATOM   304  N N   . ILE A 1 42 ? 3.493   -1.604  9.738   1.00 7.55   ? 581  ILE A N   1 
ATOM   305  C CA  . ILE A 1 42 ? 3.435   -2.637  8.706   1.00 8.98   ? 581  ILE A CA  1 
ATOM   306  C C   . ILE A 1 42 ? 1.990   -3.024  8.424   1.00 9.16   ? 581  ILE A C   1 
ATOM   307  O O   . ILE A 1 42 ? 1.569   -3.089  7.272   1.00 10.31  ? 581  ILE A O   1 
ATOM   308  C CB  . ILE A 1 42 ? 4.226   -3.908  9.099   1.00 6.28   ? 581  ILE A CB  1 
ATOM   309  C CG1 . ILE A 1 42 ? 5.710   -3.596  9.283   1.00 8.50   ? 581  ILE A CG1 1 
ATOM   310  C CG2 . ILE A 1 42 ? 4.012   -5.014  8.063   1.00 7.45   ? 581  ILE A CG2 1 
ATOM   311  C CD1 . ILE A 1 42 ? 6.473   -4.730  9.967   1.00 11.58  ? 581  ILE A CD1 1 
ATOM   312  N N   . THR A 1 43 ? 1.218   -3.280  9.474   1.00 8.50   ? 582  THR A N   1 
ATOM   313  C CA  . THR A 1 43 ? -0.159  -3.707  9.288   1.00 7.82   ? 582  THR A CA  1 
ATOM   314  C C   . THR A 1 43 ? -0.973  -2.647  8.548   1.00 6.59   ? 582  THR A C   1 
ATOM   315  O O   . THR A 1 43 ? -1.738  -2.963  7.638   1.00 9.75   ? 582  THR A O   1 
ATOM   316  C CB  . THR A 1 43 ? -0.831  -4.061  10.634  1.00 7.90   ? 582  THR A CB  1 
ATOM   317  O OG1 . THR A 1 43 ? -0.047  -5.059  11.313  1.00 8.87   ? 582  THR A OG1 1 
ATOM   318  C CG2 . THR A 1 43 ? -2.258  -4.605  10.407  1.00 7.57   ? 582  THR A CG2 1 
ATOM   319  N N   . GLY A 1 44 ? -0.814  -1.386  8.944   1.00 8.80   ? 583  GLY A N   1 
ATOM   320  C CA  . GLY A 1 44 ? -1.537  -0.300  8.306   1.00 7.72   ? 583  GLY A CA  1 
ATOM   321  C C   . GLY A 1 44 ? -1.171  -0.189  6.834   1.00 7.77   ? 583  GLY A C   1 
ATOM   322  O O   . GLY A 1 44 ? -2.027  0.088   5.987   1.00 9.91   ? 583  GLY A O   1 
ATOM   323  N N   . MET A 1 45 ? 0.109   -0.403  6.526   1.00 8.31   ? 584  MET A N   1 
ATOM   324  C CA  . MET A 1 45 ? 0.564   -0.416  5.133   1.00 9.26   ? 584  MET A CA  1 
ATOM   325  C C   . MET A 1 45 ? -0.048  -1.558  4.341   1.00 9.85   ? 584  MET A C   1 
ATOM   326  O O   . MET A 1 45 ? -0.542  -1.349  3.225   1.00 11.34  ? 584  MET A O   1 
ATOM   327  C CB  . MET A 1 45 ? 2.081   -0.519  5.065   1.00 9.93   ? 584  MET A CB  1 
ATOM   328  C CG  . MET A 1 45 ? 2.792   0.698   5.602   1.00 14.20  ? 584  MET A CG  1 
ATOM   329  S SD  . MET A 1 45 ? 4.562   0.412   5.785   1.00 16.00  ? 584  MET A SD  1 
ATOM   330  C CE  . MET A 1 45 ? 4.965   -0.025  4.095   1.00 6.75   ? 584  MET A CE  1 
ATOM   331  N N   . LEU A 1 46 ? -0.014  -2.767  4.904   1.00 8.66   ? 585  LEU A N   1 
ATOM   332  C CA  . LEU A 1 46 ? -0.563  -3.928  4.213   1.00 9.07   ? 585  LEU A CA  1 
ATOM   333  C C   . LEU A 1 46 ? -2.084  -3.840  4.007   1.00 10.28  ? 585  LEU A C   1 
ATOM   334  O O   . LEU A 1 46 ? -2.616  -4.435  3.072   1.00 10.26  ? 585  LEU A O   1 
ATOM   335  C CB  . LEU A 1 46 ? -0.190  -5.226  4.932   1.00 9.31   ? 585  LEU A CB  1 
ATOM   336  C CG  . LEU A 1 46 ? 1.130   -5.893  4.553   1.00 14.25  ? 585  LEU A CG  1 
ATOM   337  C CD1 . LEU A 1 46 ? 2.240   -4.891  4.466   1.00 17.34  ? 585  LEU A CD1 1 
ATOM   338  C CD2 . LEU A 1 46 ? 1.473   -6.996  5.547   1.00 14.30  ? 585  LEU A CD2 1 
ATOM   339  N N   . LEU A 1 47 ? -2.785  -3.102  4.864   1.00 8.46   ? 586  LEU A N   1 
ATOM   340  C CA  . LEU A 1 47 ? -4.236  -2.961  4.698   1.00 9.40   ? 586  LEU A CA  1 
ATOM   341  C C   . LEU A 1 47 ? -4.619  -2.119  3.484   1.00 8.14   ? 586  LEU A C   1 
ATOM   342  O O   . LEU A 1 47 ? -5.799  -2.014  3.153   1.00 11.40  ? 586  LEU A O   1 
ATOM   343  C CB  . LEU A 1 47 ? -4.908  -2.415  5.967   1.00 11.24  ? 586  LEU A CB  1 
ATOM   344  C CG  . LEU A 1 47 ? -4.974  -3.378  7.163   1.00 7.90   ? 586  LEU A CG  1 
ATOM   345  C CD1 . LEU A 1 47 ? -5.421  -2.639  8.407   1.00 9.42   ? 586  LEU A CD1 1 
ATOM   346  C CD2 . LEU A 1 47 ? -5.876  -4.570  6.884   1.00 9.51   ? 586  LEU A CD2 1 
ATOM   347  N N   . GLU A 1 48 ? -3.627  -1.525  2.817   1.00 8.44   ? 587  GLU A N   1 
ATOM   348  C CA  . GLU A 1 48 ? -3.892  -0.813  1.561   1.00 11.93  ? 587  GLU A CA  1 
ATOM   349  C C   . GLU A 1 48 ? -4.104  -1.799  0.407   1.00 11.62  ? 587  GLU A C   1 
ATOM   350  O O   . GLU A 1 48 ? -4.613  -1.436  -0.657  1.00 13.76  ? 587  GLU A O   1 
ATOM   351  C CB  . GLU A 1 48 ? -2.753  0.153   1.221   1.00 10.73  ? 587  GLU A CB  1 
ATOM   352  C CG  . GLU A 1 48 ? -2.559  1.282   2.217   1.00 9.89   ? 587  GLU A CG  1 
ATOM   353  C CD  . GLU A 1 48 ? -3.732  2.242   2.284   1.00 12.57  ? 587  GLU A CD  1 
ATOM   354  O OE1 . GLU A 1 48 ? -4.490  2.339   1.302   1.00 20.12  ? 587  GLU A OE1 1 
ATOM   355  O OE2 . GLU A 1 48 ? -3.895  2.900   3.336   1.00 16.38  ? 587  GLU A OE2 1 
ATOM   356  N N   . ILE A 1 49 ? -3.714  -3.049  0.638   1.00 9.62   ? 588  ILE A N   1 
ATOM   357  C CA  . ILE A 1 49 ? -3.818  -4.117  -0.343  1.00 7.77   ? 588  ILE A CA  1 
ATOM   358  C C   . ILE A 1 49 ? -5.269  -4.599  -0.525  1.00 15.20  ? 588  ILE A C   1 
ATOM   359  O O   . ILE A 1 49 ? -6.084  -4.537  0.401   1.00 13.43  ? 588  ILE A O   1 
ATOM   360  C CB  . ILE A 1 49 ? -2.929  -5.290  0.090   1.00 9.60   ? 588  ILE A CB  1 
ATOM   361  C CG1 . ILE A 1 49 ? -1.451  -4.881  0.011   1.00 12.22  ? 588  ILE A CG1 1 
ATOM   362  C CG2 . ILE A 1 49 ? -3.191  -6.512  -0.769  1.00 12.21  ? 588  ILE A CG2 1 
ATOM   363  C CD1 . ILE A 1 49 ? -0.501  -5.836  0.704   1.00 10.38  ? 588  ILE A CD1 1 
ATOM   364  N N   . ASP A 1 50 ? -5.589  -5.070  -1.727  1.00 10.79  ? 589  ASP A N   1 
ATOM   365  C CA  . ASP A 1 50 ? -6.896  -5.645  -2.012  1.00 19.18  ? 589  ASP A CA  1 
ATOM   366  C C   . ASP A 1 50 ? -7.269  -6.762  -1.029  1.00 12.44  ? 589  ASP A C   1 
ATOM   367  O O   . ASP A 1 50 ? -6.442  -7.599  -0.687  1.00 12.26  ? 589  ASP A O   1 
ATOM   368  C CB  . ASP A 1 50 ? -6.892  -6.178  -3.440  1.00 18.05  ? 589  ASP A CB  1 
ATOM   369  C CG  . ASP A 1 50 ? -7.870  -7.294  -3.644  1.00 29.36  ? 589  ASP A CG  1 
ATOM   370  O OD1 . ASP A 1 50 ? -9.084  -7.018  -3.772  1.00 49.06  ? 589  ASP A OD1 1 
ATOM   371  O OD2 . ASP A 1 50 ? -7.409  -8.449  -3.685  1.00 23.09  ? 589  ASP A OD2 1 
ATOM   372  N N   . ASN A 1 51 ? -8.522  -6.783  -0.587  1.00 11.25  ? 590  ASN A N   1 
ATOM   373  C CA  . ASN A 1 51 ? -8.941  -7.735  0.441   1.00 10.26  ? 590  ASN A CA  1 
ATOM   374  C C   . ASN A 1 51 ? -8.806  -9.224  0.100   1.00 9.84   ? 590  ASN A C   1 
ATOM   375  O O   . ASN A 1 51 ? -8.583  -10.046 0.977   1.00 12.10  ? 590  ASN A O   1 
ATOM   376  C CB  . ASN A 1 51 ? -10.366 -7.416  0.899   1.00 11.38  ? 590  ASN A CB  1 
ATOM   377  C CG  . ASN A 1 51 ? -10.464 -6.070  1.568   1.00 13.25  ? 590  ASN A CG  1 
ATOM   378  O OD1 . ASN A 1 51 ? -9.455  -5.479  1.925   1.00 13.96  ? 590  ASN A OD1 1 
ATOM   379  N ND2 . ASN A 1 51 ? -11.678 -5.572  1.740   1.00 13.69  ? 590  ASN A ND2 1 
ATOM   380  N N   . SER A 1 52 ? -8.949  -9.587  -1.167  1.00 13.05  ? 591  SER A N   1 
ATOM   381  C CA  . SER A 1 52 ? -8.800  -10.994 -1.520  1.00 14.41  ? 591  SER A CA  1 
ATOM   382  C C   . SER A 1 52 ? -7.339  -11.478 -1.426  1.00 13.54  ? 591  SER A C   1 
ATOM   383  O O   . SER A 1 52 ? -7.082  -12.627 -1.053  1.00 13.18  ? 591  SER A O   1 
ATOM   384  C CB  . SER A 1 52 ? -9.419  -11.281 -2.889  1.00 18.59  ? 591  SER A CB  1 
ATOM   385  O OG  . SER A 1 52 ? -10.831 -11.174 -2.814  1.00 29.99  ? 591  SER A OG  1 
ATOM   386  N N   . GLU A 1 53 ? -6.391  -10.594 -1.749  1.00 12.64  ? 592  GLU A N   1 
ATOM   387  C CA  . GLU A 1 53 ? -4.977  -10.888 -1.546  1.00 11.13  ? 592  GLU A CA  1 
ATOM   388  C C   . GLU A 1 53 ? -4.642  -10.941 -0.045  1.00 11.72  ? 592  GLU A C   1 
ATOM   389  O O   . GLU A 1 53 ? -3.886  -11.810 0.404   1.00 10.98  ? 592  GLU A O   1 
ATOM   390  C CB  . GLU A 1 53 ? -4.099  -9.864  -2.282  1.00 15.52  ? 592  GLU A CB  1 
ATOM   391  C CG  . GLU A 1 53 ? -2.608  -9.878  -1.928  1.00 15.04  ? 592  GLU A CG  1 
ATOM   392  C CD  . GLU A 1 53 ? -1.910  -11.214 -2.185  1.00 24.86  ? 592  GLU A CD  1 
ATOM   393  O OE1 . GLU A 1 53 ? -2.538  -12.131 -2.760  1.00 22.72  ? 592  GLU A OE1 1 
ATOM   394  O OE2 . GLU A 1 53 ? -0.723  -11.352 -1.809  1.00 21.48  ? 592  GLU A OE2 1 
ATOM   395  N N   . LEU A 1 54 ? -5.216  -10.017 0.729   1.00 11.51  ? 593  LEU A N   1 
ATOM   396  C CA  . LEU A 1 54 ? -5.035  -10.013 2.182   1.00 8.41   ? 593  LEU A CA  1 
ATOM   397  C C   . LEU A 1 54 ? -5.536  -11.313 2.787   1.00 9.22   ? 593  LEU A C   1 
ATOM   398  O O   . LEU A 1 54 ? -4.855  -11.925 3.608   1.00 10.90  ? 593  LEU A O   1 
ATOM   399  C CB  . LEU A 1 54 ? -5.739  -8.823  2.823   1.00 9.28   ? 593  LEU A CB  1 
ATOM   400  C CG  . LEU A 1 54 ? -5.048  -7.481  2.598   1.00 10.47  ? 593  LEU A CG  1 
ATOM   401  C CD1 . LEU A 1 54 ? -5.894  -6.326  3.121   1.00 12.62  ? 593  LEU A CD1 1 
ATOM   402  C CD2 . LEU A 1 54 ? -3.649  -7.475  3.218   1.00 9.60   ? 593  LEU A CD2 1 
ATOM   403  N N   . LEU A 1 55 ? -6.726  -11.743 2.370   1.00 11.29  ? 594  LEU A N   1 
ATOM   404  C CA  . LEU A 1 55 ? -7.250  -13.026 2.805   1.00 11.68  ? 594  LEU A CA  1 
ATOM   405  C C   . LEU A 1 55 ? -6.313  -14.156 2.416   1.00 12.63  ? 594  LEU A C   1 
ATOM   406  O O   . LEU A 1 55 ? -6.053  -15.047 3.223   1.00 15.30  ? 594  LEU A O   1 
ATOM   407  C CB  . LEU A 1 55 ? -8.639  -13.272 2.222   1.00 12.66  ? 594  LEU A CB  1 
ATOM   408  C CG  . LEU A 1 55 ? -9.342  -14.452 2.884   1.00 20.37  ? 594  LEU A CG  1 
ATOM   409  C CD1 . LEU A 1 55 ? -9.245  -14.359 4.394   1.00 19.97  ? 594  LEU A CD1 1 
ATOM   410  C CD2 . LEU A 1 55 ? -10.788 -14.489 2.426   1.00 19.22  ? 594  LEU A CD2 1 
ATOM   411  N N   . HIS A 1 56 ? -5.807  -14.123 1.183   1.00 13.54  ? 595  HIS A N   1 
ATOM   412  C CA  . HIS A 1 56 ? -4.801  -15.098 0.758   1.00 14.61  ? 595  HIS A CA  1 
ATOM   413  C C   . HIS A 1 56 ? -3.559  -15.045 1.658   1.00 13.01  ? 595  HIS A C   1 
ATOM   414  O O   . HIS A 1 56 ? -3.002  -16.083 2.019   1.00 13.10  ? 595  HIS A O   1 
ATOM   415  C CB  . HIS A 1 56 ? -4.416  -14.898 -0.712  1.00 12.95  ? 595  HIS A CB  1 
ATOM   416  C CG  . HIS A 1 56 ? -3.285  -15.779 -1.163  1.00 17.56  ? 595  HIS A CG  1 
ATOM   417  N ND1 . HIS A 1 56 ? -3.348  -17.151 -1.118  1.00 21.47  ? 595  HIS A ND1 1 
ATOM   418  C CD2 . HIS A 1 56 ? -2.062  -15.473 -1.663  1.00 23.95  ? 595  HIS A CD2 1 
ATOM   419  C CE1 . HIS A 1 56 ? -2.215  -17.661 -1.574  1.00 18.38  ? 595  HIS A CE1 1 
ATOM   420  N NE2 . HIS A 1 56 ? -1.420  -16.665 -1.912  1.00 24.28  ? 595  HIS A NE2 1 
ATOM   421  N N   . MET A 1 57 ? -3.129  -13.837 2.027   1.00 12.82  ? 596  MET A N   1 
ATOM   422  C CA  . MET A 1 57 ? -1.949  -13.685 2.883   1.00 12.23  ? 596  MET A CA  1 
ATOM   423  C C   . MET A 1 57 ? -2.177  -14.327 4.247   1.00 14.75  ? 596  MET A C   1 
ATOM   424  O O   . MET A 1 57 ? -1.272  -14.925 4.823   1.00 13.19  ? 596  MET A O   1 
ATOM   425  C CB  . MET A 1 57 ? -1.578  -12.208 3.032   1.00 7.31   ? 596  MET A CB  1 
ATOM   426  C CG  . MET A 1 57 ? -0.892  -11.649 1.809   1.00 10.01  ? 596  MET A CG  1 
ATOM   427  S SD  . MET A 1 57 ? -1.110  -9.871  1.619   1.00 13.48  ? 596  MET A SD  1 
ATOM   428  C CE  . MET A 1 57 ? -0.464  -9.260  3.163   1.00 11.36  ? 596  MET A CE  1 
ATOM   429  N N   . LEU A 1 58 ? -3.401  -14.204 4.753   1.00 15.39  ? 597  LEU A N   1 
ATOM   430  C CA  . LEU A 1 58 ? -3.766  -14.828 6.020   1.00 14.11  ? 597  LEU A CA  1 
ATOM   431  C C   . LEU A 1 58 ? -3.780  -16.354 5.934   1.00 16.96  ? 597  LEU A C   1 
ATOM   432  O O   . LEU A 1 58 ? -3.615  -17.036 6.943   1.00 18.92  ? 597  LEU A O   1 
ATOM   433  C CB  . LEU A 1 58 ? -5.133  -14.322 6.487   1.00 14.46  ? 597  LEU A CB  1 
ATOM   434  C CG  . LEU A 1 58 ? -5.109  -12.937 7.121   1.00 14.04  ? 597  LEU A CG  1 
ATOM   435  C CD1 . LEU A 1 58 ? -6.513  -12.444 7.416   1.00 11.67  ? 597  LEU A CD1 1 
ATOM   436  C CD2 . LEU A 1 58 ? -4.278  -12.980 8.393   1.00 18.05  ? 597  LEU A CD2 1 
ATOM   437  N N   . GLU A 1 59 ? -3.977  -16.879 4.726   1.00 15.84  ? 598  GLU A N   1 
ATOM   438  C CA  . GLU A 1 59 ? -4.049  -18.325 4.514   1.00 21.59  ? 598  GLU A CA  1 
ATOM   439  C C   . GLU A 1 59 ? -2.702  -18.944 4.151   1.00 18.38  ? 598  GLU A C   1 
ATOM   440  O O   . GLU A 1 59 ? -2.518  -20.156 4.247   1.00 23.31  ? 598  GLU A O   1 
ATOM   441  C CB  . GLU A 1 59 ? -5.082  -18.642 3.425   1.00 18.09  ? 598  GLU A CB  1 
ATOM   442  C CG  . GLU A 1 59 ? -6.529  -18.340 3.823   1.00 21.03  ? 598  GLU A CG  1 
ATOM   443  C CD  . GLU A 1 59 ? -7.468  -18.256 2.624   1.00 43.59  ? 598  GLU A CD  1 
ATOM   444  O OE1 . GLU A 1 59 ? -6.972  -18.311 1.478   1.00 45.03  ? 598  GLU A OE1 1 
ATOM   445  O OE2 . GLU A 1 59 ? -8.699  -18.130 2.820   1.00 38.55  ? 598  GLU A OE2 1 
ATOM   446  N N   . SER A 1 60 ? -1.756  -18.102 3.746   1.00 16.74  ? 599  SER A N   1 
ATOM   447  C CA  . SER A 1 60 ? -0.453  -18.561 3.292   1.00 16.38  ? 599  SER A CA  1 
ATOM   448  C C   . SER A 1 60 ? 0.660   -17.816 4.020   1.00 15.00  ? 599  SER A C   1 
ATOM   449  O O   . SER A 1 60 ? 0.989   -16.686 3.656   1.00 16.81  ? 599  SER A O   1 
ATOM   450  C CB  . SER A 1 60 ? -0.320  -18.325 1.784   1.00 18.71  ? 599  SER A CB  1 
ATOM   451  O OG  . SER A 1 60 ? 0.977   -18.655 1.319   1.00 27.39  ? 599  SER A OG  1 
ATOM   452  N N   . PRO A 1 61 ? 1.242   -18.438 5.054   1.00 16.46  ? 600  PRO A N   1 
ATOM   453  C CA  . PRO A 1 61 ? 2.320   -17.780 5.806   1.00 17.14  ? 600  PRO A CA  1 
ATOM   454  C C   . PRO A 1 61 ? 3.474   -17.298 4.922   1.00 17.02  ? 600  PRO A C   1 
ATOM   455  O O   . PRO A 1 61 ? 4.071   -16.261 5.207   1.00 15.13  ? 600  PRO A O   1 
ATOM   456  C CB  . PRO A 1 61 ? 2.784   -18.870 6.773   1.00 19.49  ? 600  PRO A CB  1 
ATOM   457  C CG  . PRO A 1 61 ? 1.546   -19.674 7.016   1.00 21.50  ? 600  PRO A CG  1 
ATOM   458  C CD  . PRO A 1 61 ? 0.809   -19.692 5.693   1.00 22.81  ? 600  PRO A CD  1 
ATOM   459  N N   . GLU A 1 62 ? 3.786   -18.033 3.857   1.00 16.82  ? 601  GLU A N   1 
ATOM   460  C CA  . GLU A 1 62 ? 4.828   -17.600 2.928   1.00 16.80  ? 601  GLU A CA  1 
ATOM   461  C C   . GLU A 1 62 ? 4.447   -16.292 2.220   1.00 13.82  ? 601  GLU A C   1 
ATOM   462  O O   . GLU A 1 62 ? 5.286   -15.403 2.024   1.00 16.02  ? 601  GLU A O   1 
ATOM   463  C CB  . GLU A 1 62 ? 5.112   -18.704 1.907   1.00 19.71  ? 601  GLU A CB  1 
ATOM   464  C CG  . GLU A 1 62 ? 6.013   -18.284 0.761   1.00 47.89  ? 601  GLU A CG  1 
ATOM   465  C CD  . GLU A 1 62 ? 6.334   -19.436 -0.173  1.00 66.11  ? 601  GLU A CD  1 
ATOM   466  O OE1 . GLU A 1 62 ? 6.148   -20.605 0.236   1.00 58.93  ? 601  GLU A OE1 1 
ATOM   467  O OE2 . GLU A 1 62 ? 6.776   -19.174 -1.312  1.00 70.15  ? 601  GLU A OE2 1 
ATOM   468  N N   . SER A 1 63 ? 3.183   -16.170 1.831   1.00 13.94  ? 602  SER A N   1 
ATOM   469  C CA  A SER A 1 63 ? 2.715   -14.954 1.182   0.65 12.29  ? 602  SER A CA  1 
ATOM   470  C CA  B SER A 1 63 ? 2.712   -14.946 1.186   0.35 12.35  ? 602  SER A CA  1 
ATOM   471  C C   . SER A 1 63 ? 2.790   -13.764 2.144   1.00 12.91  ? 602  SER A C   1 
ATOM   472  O O   . SER A 1 63 ? 3.318   -12.710 1.803   1.00 13.06  ? 602  SER A O   1 
ATOM   473  C CB  A SER A 1 63 ? 1.289   -15.130 0.648   0.65 14.37  ? 602  SER A CB  1 
ATOM   474  C CB  B SER A 1 63 ? 1.281   -15.112 0.670   0.35 14.41  ? 602  SER A CB  1 
ATOM   475  O OG  A SER A 1 63 ? 1.255   -16.042 -0.440  0.65 16.72  ? 602  SER A OG  1 
ATOM   476  O OG  B SER A 1 63 ? 0.768   -13.876 0.201   0.35 20.48  ? 602  SER A OG  1 
ATOM   477  N N   . LEU A 1 64 ? 2.260   -13.937 3.351   1.00 13.41  ? 603  LEU A N   1 
ATOM   478  C CA  . LEU A 1 64 ? 2.317   -12.859 4.339   1.00 9.65   ? 603  LEU A CA  1 
ATOM   479  C C   . LEU A 1 64 ? 3.756   -12.418 4.599   1.00 12.45  ? 603  LEU A C   1 
ATOM   480  O O   . LEU A 1 64 ? 4.047   -11.224 4.632   1.00 12.91  ? 603  LEU A O   1 
ATOM   481  C CB  . LEU A 1 64 ? 1.658   -13.285 5.647   1.00 9.74   ? 603  LEU A CB  1 
ATOM   482  C CG  . LEU A 1 64 ? 1.691   -12.238 6.760   1.00 7.95   ? 603  LEU A CG  1 
ATOM   483  C CD1 . LEU A 1 64 ? 1.057   -10.915 6.322   1.00 10.97  ? 603  LEU A CD1 1 
ATOM   484  C CD2 . LEU A 1 64 ? 0.990   -12.784 7.998   1.00 11.05  ? 603  LEU A CD2 1 
ATOM   485  N N   . ARG A 1 65 ? 4.651   -13.391 4.773   1.00 11.21  ? 604  ARG A N   1 
ATOM   486  C CA  . ARG A 1 65 ? 6.062   -13.115 5.045   1.00 13.46  ? 604  ARG A CA  1 
ATOM   487  C C   . ARG A 1 65 ? 6.668   -12.257 3.942   1.00 14.49  ? 604  ARG A C   1 
ATOM   488  O O   . ARG A 1 65 ? 7.374   -11.287 4.211   1.00 15.64  ? 604  ARG A O   1 
ATOM   489  C CB  . ARG A 1 65 ? 6.826   -14.436 5.155   1.00 12.95  ? 604  ARG A CB  1 
ATOM   490  C CG  . ARG A 1 65 ? 7.876   -14.493 6.235   1.00 30.17  ? 604  ARG A CG  1 
ATOM   491  C CD  . ARG A 1 65 ? 7.937   -15.905 6.830   1.00 48.23  ? 604  ARG A CD  1 
ATOM   492  N NE  . ARG A 1 65 ? 8.155   -16.936 5.812   1.00 60.95  ? 604  ARG A NE  1 
ATOM   493  C CZ  . ARG A 1 65 ? 7.737   -18.201 5.902   1.00 63.94  ? 604  ARG A CZ  1 
ATOM   494  N NH1 . ARG A 1 65 ? 7.053   -18.618 6.967   1.00 35.36  ? 604  ARG A NH1 1 
ATOM   495  N NH2 . ARG A 1 65 ? 7.994   -19.052 4.915   1.00 43.57  ? 604  ARG A NH2 1 
ATOM   496  N N   . SER A 1 66 ? 6.382   -12.611 2.694   1.00 12.38  ? 605  SER A N   1 
ATOM   497  C CA  A SER A 1 66 ? 6.891   -11.868 1.551   0.49 15.18  ? 605  SER A CA  1 
ATOM   498  C CA  B SER A 1 66 ? 6.892   -11.859 1.554   0.51 15.18  ? 605  SER A CA  1 
ATOM   499  C C   . SER A 1 66 ? 6.415   -10.415 1.577   1.00 13.66  ? 605  SER A C   1 
ATOM   500  O O   . SER A 1 66 ? 7.192   -9.482  1.322   1.00 13.36  ? 605  SER A O   1 
ATOM   501  C CB  A SER A 1 66 ? 6.466   -12.543 0.245   0.49 17.45  ? 605  SER A CB  1 
ATOM   502  C CB  B SER A 1 66 ? 6.471   -12.532 0.253   0.51 17.46  ? 605  SER A CB  1 
ATOM   503  O OG  A SER A 1 66 ? 7.234   -12.072 -0.849  0.49 25.32  ? 605  SER A OG  1 
ATOM   504  O OG  B SER A 1 66 ? 7.052   -13.818 0.159   0.51 22.15  ? 605  SER A OG  1 
ATOM   505  N N   . LYS A 1 67 ? 5.138   -10.223 1.890   1.00 13.29  ? 606  LYS A N   1 
ATOM   506  C CA  . LYS A 1 67 ? 4.579   -8.878  1.960   1.00 13.11  ? 606  LYS A CA  1 
ATOM   507  C C   . LYS A 1 67 ? 5.185   -8.094  3.113   1.00 11.40  ? 606  LYS A C   1 
ATOM   508  O O   . LYS A 1 67 ? 5.520   -6.923  2.962   1.00 13.09  ? 606  LYS A O   1 
ATOM   509  C CB  . LYS A 1 67 ? 3.054   -8.915  2.094   1.00 11.55  ? 606  LYS A CB  1 
ATOM   510  C CG  . LYS A 1 67 ? 2.350   -9.415  0.854   1.00 19.45  ? 606  LYS A CG  1 
ATOM   511  C CD  . LYS A 1 67 ? 2.751   -8.594  -0.359  1.00 22.91  ? 606  LYS A CD  1 
ATOM   512  C CE  . LYS A 1 67 ? 2.003   -9.035  -1.600  1.00 22.58  ? 606  LYS A CE  1 
ATOM   513  N NZ  . LYS A 1 67 ? 2.447   -8.227  -2.764  1.00 24.90  ? 606  LYS A NZ  1 
ATOM   514  N N   . VAL A 1 68 ? 5.315   -8.733  4.269   1.00 10.90  ? 607  VAL A N   1 
ATOM   515  C CA  . VAL A 1 68 ? 5.920   -8.076  5.424   1.00 10.17  ? 607  VAL A CA  1 
ATOM   516  C C   . VAL A 1 68 ? 7.331   -7.596  5.090   1.00 12.67  ? 607  VAL A C   1 
ATOM   517  O O   . VAL A 1 68 ? 7.694   -6.459  5.391   1.00 12.81  ? 607  VAL A O   1 
ATOM   518  C CB  . VAL A 1 68 ? 5.902   -8.988  6.679   1.00 9.26   ? 607  VAL A CB  1 
ATOM   519  C CG1 . VAL A 1 68 ? 6.819   -8.445  7.782   1.00 10.68  ? 607  VAL A CG1 1 
ATOM   520  C CG2 . VAL A 1 68 ? 4.476   -9.109  7.191   1.00 9.76   ? 607  VAL A CG2 1 
ATOM   521  N N   . ASP A 1 69 ? 8.106   -8.453  4.433   1.00 10.40  ? 608  ASP A N   1 
ATOM   522  C CA  . ASP A 1 69 ? 9.474   -8.111  4.065   1.00 11.63  ? 608  ASP A CA  1 
ATOM   523  C C   . ASP A 1 69 ? 9.524   -6.889  3.144   1.00 11.28  ? 608  ASP A C   1 
ATOM   524  O O   . ASP A 1 69 ? 10.424  -6.046  3.249   1.00 11.48  ? 608  ASP A O   1 
ATOM   525  C CB  . ASP A 1 69 ? 10.151  -9.304  3.390   1.00 13.49  ? 608  ASP A CB  1 
ATOM   526  C CG  . ASP A 1 69 ? 10.530  -10.399 4.372   1.00 19.49  ? 608  ASP A CG  1 
ATOM   527  O OD1 . ASP A 1 69 ? 10.566  -10.122 5.591   1.00 21.03  ? 608  ASP A OD1 1 
ATOM   528  O OD2 . ASP A 1 69 ? 10.791  -11.536 3.911   1.00 29.86  ? 608  ASP A OD2 1 
ATOM   529  N N   . GLU A 1 70 ? 8.556   -6.793  2.235   1.00 11.70  ? 609  GLU A N   1 
ATOM   530  C CA  . GLU A 1 70 ? 8.482   -5.655  1.321   1.00 11.26  ? 609  GLU A CA  1 
ATOM   531  C C   . GLU A 1 70 ? 8.185   -4.365  2.086   1.00 17.38  ? 609  GLU A C   1 
ATOM   532  O O   . GLU A 1 70 ? 8.775   -3.318  1.814   1.00 13.53  ? 609  GLU A O   1 
ATOM   533  C CB  . GLU A 1 70 ? 7.441   -5.906  0.221   1.00 11.70  ? 609  GLU A CB  1 
ATOM   534  C CG  . GLU A 1 70 ? 7.797   -7.100  -0.650  1.00 14.72  ? 609  GLU A CG  1 
ATOM   535  C CD  . GLU A 1 70 ? 6.662   -7.588  -1.525  1.00 19.25  ? 609  GLU A CD  1 
ATOM   536  O OE1 . GLU A 1 70 ? 5.526   -7.080  -1.407  1.00 21.85  ? 609  GLU A OE1 1 
ATOM   537  O OE2 . GLU A 1 70 ? 6.912   -8.498  -2.341  1.00 20.54  ? 609  GLU A OE2 1 
ATOM   538  N N   . ALA A 1 71 ? 7.279   -4.444  3.059   1.00 11.19  ? 610  ALA A N   1 
ATOM   539  C CA  . ALA A 1 71 ? 6.968   -3.291  3.885   1.00 9.17   ? 610  ALA A CA  1 
ATOM   540  C C   . ALA A 1 71 ? 8.181   -2.879  4.712   1.00 12.25  ? 610  ALA A C   1 
ATOM   541  O O   . ALA A 1 71 ? 8.503   -1.705  4.814   1.00 11.99  ? 610  ALA A O   1 
ATOM   542  C CB  . ALA A 1 71 ? 5.798   -3.595  4.779   1.00 10.74  ? 610  ALA A CB  1 
ATOM   543  N N   . VAL A 1 72 ? 8.864   -3.849  5.310   1.00 13.03  ? 611  VAL A N   1 
ATOM   544  C CA  . VAL A 1 72 ? 10.061  -3.544  6.099   1.00 15.68  ? 611  VAL A CA  1 
ATOM   545  C C   . VAL A 1 72 ? 11.148  -2.874  5.238   1.00 14.72  ? 611  VAL A C   1 
ATOM   546  O O   . VAL A 1 72 ? 11.814  -1.933  5.678   1.00 12.77  ? 611  VAL A O   1 
ATOM   547  C CB  . VAL A 1 72 ? 10.612  -4.807  6.789   1.00 10.80  ? 611  VAL A CB  1 
ATOM   548  C CG1 . VAL A 1 72 ? 11.945  -4.505  7.452   1.00 13.89  ? 611  VAL A CG1 1 
ATOM   549  C CG2 . VAL A 1 72 ? 9.619   -5.324  7.820   1.00 12.96  ? 611  VAL A CG2 1 
ATOM   550  N N   . ALA A 1 73 ? 11.298  -3.356  4.004   1.00 13.22  ? 612  ALA A N   1 
ATOM   551  C CA  . ALA A 1 73 ? 12.267  -2.807  3.057   1.00 13.59  ? 612  ALA A CA  1 
ATOM   552  C C   . ALA A 1 73 ? 12.045  -1.323  2.830   1.00 13.87  ? 612  ALA A C   1 
ATOM   553  O O   . ALA A 1 73 ? 12.985  -0.536  2.783   1.00 16.31  ? 612  ALA A O   1 
ATOM   554  C CB  . ALA A 1 73 ? 12.189  -3.548  1.746   1.00 12.93  ? 612  ALA A CB  1 
ATOM   555  N N   . VAL A 1 74 ? 10.784  -0.948  2.698   1.00 14.61  ? 613  VAL A N   1 
ATOM   556  C CA  . VAL A 1 74 ? 10.401  0.438   2.504   1.00 11.48  ? 613  VAL A CA  1 
ATOM   557  C C   . VAL A 1 74 ? 10.547  1.278   3.788   1.00 19.01  ? 613  VAL A C   1 
ATOM   558  O O   . VAL A 1 74 ? 10.945  2.442   3.735   1.00 19.45  ? 613  VAL A O   1 
ATOM   559  C CB  . VAL A 1 74 ? 8.966   0.490   1.935   1.00 19.78  ? 613  VAL A CB  1 
ATOM   560  C CG1 . VAL A 1 74 ? 8.230   1.702   2.432   1.00 27.62  ? 613  VAL A CG1 1 
ATOM   561  C CG2 . VAL A 1 74 ? 9.004   0.428   0.414   1.00 23.00  ? 613  VAL A CG2 1 
ATOM   562  N N   . LEU A 1 75 ? 10.251  0.683   4.940   1.00 13.77  ? 614  LEU A N   1 
ATOM   563  C CA  . LEU A 1 75 ? 10.351  1.393   6.213   1.00 18.62  ? 614  LEU A CA  1 
ATOM   564  C C   . LEU A 1 75 ? 11.794  1.582   6.648   1.00 21.07  ? 614  LEU A C   1 
ATOM   565  O O   . LEU A 1 75 ? 12.115  2.530   7.378   1.00 27.56  ? 614  LEU A O   1 
ATOM   566  C CB  . LEU A 1 75 ? 9.594   0.640   7.307   1.00 15.70  ? 614  LEU A CB  1 
ATOM   567  C CG  . LEU A 1 75 ? 8.081   0.648   7.159   1.00 13.94  ? 614  LEU A CG  1 
ATOM   568  C CD1 . LEU A 1 75 ? 7.405   -0.367  8.083   1.00 12.92  ? 614  LEU A CD1 1 
ATOM   569  C CD2 . LEU A 1 75 ? 7.589   2.047   7.417   1.00 18.15  ? 614  LEU A CD2 1 
ATOM   570  N N   . GLN A 1 76 ? 12.656  0.668   6.211   1.00 23.01  ? 615  GLN A N   1 
ATOM   571  C CA  . GLN A 1 76 ? 14.067  0.672   6.594   1.00 28.35  ? 615  GLN A CA  1 
ATOM   572  C C   . GLN A 1 76 ? 14.917  1.533   5.710   1.00 26.87  ? 615  GLN A C   1 
ATOM   573  O O   . GLN A 1 76 ? 16.085  1.712   5.989   1.00 36.25  ? 615  GLN A O   1 
ATOM   574  C CB  . GLN A 1 76 ? 14.657  -0.715  6.441   1.00 25.68  ? 615  GLN A CB  1 
ATOM   575  C CG  . GLN A 1 76 ? 14.475  -1.652  7.592   1.00 35.23  ? 615  GLN A CG  1 
ATOM   576  C CD  . GLN A 1 76 ? 15.197  -2.957  7.349   1.00 28.03  ? 615  GLN A CD  1 
ATOM   577  O OE1 . GLN A 1 76 ? 15.634  -3.237  6.230   1.00 40.63  ? 615  GLN A OE1 1 
ATOM   578  N NE2 . GLN A 1 76 ? 15.324  -3.767  8.386   1.00 30.57  ? 615  GLN A NE2 1 
ATOM   579  N N   . ALA A 1 77 ? 14.357  1.997   4.602   1.00 28.88  ? 616  ALA A N   1 
ATOM   580  C CA  . ALA A 1 77 ? 15.131  2.768   3.629   1.00 36.33  ? 616  ALA A CA  1 
ATOM   581  C C   . ALA A 1 77 ? 15.568  4.113   4.214   1.00 37.76  ? 616  ALA A C   1 
ATOM   582  O O   . ALA A 1 77 ? 16.386  4.171   5.141   1.00 46.47  ? 616  ALA A O   1 
ATOM   583  C CB  . ALA A 1 77 ? 14.359  2.968   2.337   1.00 25.05  ? 616  ALA A CB  1 
ATOM   584  N N   . GLY B 1 1  ? 6.311   11.230  -26.703 1.00 35.67  ? 540  GLY B N   1 
ATOM   585  C CA  . GLY B 1 1  ? 5.528   10.014  -26.833 1.00 31.55  ? 540  GLY B CA  1 
ATOM   586  C C   . GLY B 1 1  ? 5.116   9.435   -25.490 1.00 30.35  ? 540  GLY B C   1 
ATOM   587  O O   . GLY B 1 1  ? 5.810   9.631   -24.485 1.00 26.03  ? 540  GLY B O   1 
ATOM   588  N N   . PRO B 1 2  ? 3.983   8.716   -25.463 1.00 31.61  ? 541  PRO B N   1 
ATOM   589  C CA  . PRO B 1 2  ? 3.494   8.143   -24.201 1.00 33.30  ? 541  PRO B CA  1 
ATOM   590  C C   . PRO B 1 2  ? 4.467   7.115   -23.632 1.00 16.73  ? 541  PRO B C   1 
ATOM   591  O O   . PRO B 1 2  ? 5.224   6.497   -24.380 1.00 18.72  ? 541  PRO B O   1 
ATOM   592  C CB  . PRO B 1 2  ? 2.176   7.459   -24.602 1.00 22.93  ? 541  PRO B CB  1 
ATOM   593  C CG  . PRO B 1 2  ? 2.233   7.303   -26.081 1.00 21.83  ? 541  PRO B CG  1 
ATOM   594  C CD  . PRO B 1 2  ? 3.125   8.380   -26.614 1.00 25.07  ? 541  PRO B CD  1 
ATOM   595  N N   . LEU B 1 3  ? 4.468   6.947   -22.316 1.00 18.26  ? 542  LEU B N   1 
ATOM   596  C CA  . LEU B 1 3  ? 5.187   5.833   -21.720 1.00 14.45  ? 542  LEU B CA  1 
ATOM   597  C C   . LEU B 1 3  ? 4.460   4.554   -22.095 1.00 13.01  ? 542  LEU B C   1 
ATOM   598  O O   . LEU B 1 3  ? 3.260   4.574   -22.382 1.00 16.39  ? 542  LEU B O   1 
ATOM   599  C CB  . LEU B 1 3  ? 5.216   5.961   -20.203 1.00 12.73  ? 542  LEU B CB  1 
ATOM   600  C CG  . LEU B 1 3  ? 5.914   7.203   -19.667 1.00 16.53  ? 542  LEU B CG  1 
ATOM   601  C CD1 . LEU B 1 3  ? 5.902   7.156   -18.161 1.00 20.88  ? 542  LEU B CD1 1 
ATOM   602  C CD2 . LEU B 1 3  ? 7.327   7.292   -20.216 1.00 16.41  ? 542  LEU B CD2 1 
ATOM   603  N N   . GLY B 1 4  ? 5.178   3.437   -22.085 1.00 13.73  ? 543  GLY B N   1 
ATOM   604  C CA  . GLY B 1 4  ? 4.566   2.162   -22.400 1.00 16.72  ? 543  GLY B CA  1 
ATOM   605  C C   . GLY B 1 4  ? 3.582   1.710   -21.340 1.00 17.99  ? 543  GLY B C   1 
ATOM   606  O O   . GLY B 1 4  ? 3.621   2.160   -20.189 1.00 18.46  ? 543  GLY B O   1 
ATOM   607  N N   . SER B 1 5  ? 2.689   0.807   -21.738 1.00 21.56  ? 544  SER B N   1 
ATOM   608  C CA  . SER B 1 5  ? 1.764   0.164   -20.814 1.00 24.33  ? 544  SER B CA  1 
ATOM   609  C C   . SER B 1 5  ? 2.508   -0.740  -19.822 1.00 21.92  ? 544  SER B C   1 
ATOM   610  O O   . SER B 1 5  ? 3.497   -1.392  -20.170 1.00 20.63  ? 544  SER B O   1 
ATOM   611  C CB  . SER B 1 5  ? 0.731   -0.653  -21.599 1.00 27.18  ? 544  SER B CB  1 
ATOM   612  O OG  . SER B 1 5  ? -0.156  -1.338  -20.733 1.00 46.27  ? 544  SER B OG  1 
ATOM   613  N N   . LEU B 1 6  ? 2.022   -0.757  -18.583 1.00 17.54  ? 545  LEU B N   1 
ATOM   614  C CA  . LEU B 1 6  ? 2.624   -1.531  -17.508 1.00 21.79  ? 545  LEU B CA  1 
ATOM   615  C C   . LEU B 1 6  ? 1.639   -2.609  -17.089 1.00 21.05  ? 545  LEU B C   1 
ATOM   616  O O   . LEU B 1 6  ? 0.493   -2.304  -16.772 1.00 27.49  ? 545  LEU B O   1 
ATOM   617  C CB  . LEU B 1 6  ? 2.921   -0.610  -16.321 1.00 18.98  ? 545  LEU B CB  1 
ATOM   618  C CG  . LEU B 1 6  ? 3.820   -1.094  -15.184 1.00 20.49  ? 545  LEU B CG  1 
ATOM   619  C CD1 . LEU B 1 6  ? 5.174   -1.555  -15.718 1.00 19.72  ? 545  LEU B CD1 1 
ATOM   620  C CD2 . LEU B 1 6  ? 3.982   0.012   -14.153 1.00 10.78  ? 545  LEU B CD2 1 
ATOM   621  N N   . THR B 1 7  ? 2.066   -3.868  -17.111 1.00 26.09  ? 546  THR B N   1 
ATOM   622  C CA  . THR B 1 7  ? 1.222   -4.958  -16.623 1.00 24.79  ? 546  THR B CA  1 
ATOM   623  C C   . THR B 1 7  ? 1.815   -5.579  -15.368 1.00 20.56  ? 546  THR B C   1 
ATOM   624  O O   . THR B 1 7  ? 2.984   -5.353  -15.039 1.00 16.89  ? 546  THR B O   1 
ATOM   625  C CB  . THR B 1 7  ? 1.008   -6.057  -17.689 1.00 24.56  ? 546  THR B CB  1 
ATOM   626  O OG1 . THR B 1 7  ? 2.263   -6.677  -18.000 1.00 22.28  ? 546  THR B OG1 1 
ATOM   627  C CG2 . THR B 1 7  ? 0.411   -5.468  -18.952 1.00 24.14  ? 546  THR B CG2 1 
ATOM   628  N N   . ALA B 1 8  ? 1.003   -6.363  -14.668 1.00 19.14  ? 547  ALA B N   1 
ATOM   629  C CA  . ALA B 1 8  ? 1.441   -7.040  -13.455 1.00 14.09  ? 547  ALA B CA  1 
ATOM   630  C C   . ALA B 1 8  ? 2.617   -7.979  -13.696 1.00 16.22  ? 547  ALA B C   1 
ATOM   631  O O   . ALA B 1 8  ? 3.551   -8.029  -12.893 1.00 16.08  ? 547  ALA B O   1 
ATOM   632  C CB  . ALA B 1 8  ? 0.279   -7.798  -12.824 1.00 20.68  ? 547  ALA B CB  1 
ATOM   633  N N   . SER B 1 9  ? 2.575   -8.722  -14.800 1.00 18.11  ? 548  SER B N   1 
ATOM   634  C CA  A SER B 1 9  ? 3.640   -9.666  -15.126 0.45 15.08  ? 548  SER B CA  1 
ATOM   635  C CA  B SER B 1 9  ? 3.638   -9.665  -15.129 0.55 15.06  ? 548  SER B CA  1 
ATOM   636  C C   . SER B 1 9  ? 4.945   -8.961  -15.475 1.00 13.83  ? 548  SER B C   1 
ATOM   637  O O   . SER B 1 9  ? 6.024   -9.430  -15.114 1.00 16.06  ? 548  SER B O   1 
ATOM   638  C CB  A SER B 1 9  ? 3.205   -10.576 -16.271 0.45 15.67  ? 548  SER B CB  1 
ATOM   639  C CB  B SER B 1 9  ? 3.204   -10.574 -16.276 0.55 15.65  ? 548  SER B CB  1 
ATOM   640  O OG  A SER B 1 9  ? 2.723   -9.811  -17.356 0.45 17.06  ? 548  SER B OG  1 
ATOM   641  O OG  B SER B 1 9  ? 2.125   -11.394 -15.874 0.55 18.71  ? 548  SER B OG  1 
ATOM   642  N N   . MET B 1 10 ? 4.846   -7.841  -16.185 1.00 16.80  ? 549  MET B N   1 
ATOM   643  C CA  . MET B 1 10 ? 6.008   -7.019  -16.509 1.00 17.71  ? 549  MET B CA  1 
ATOM   644  C C   . MET B 1 10 ? 6.629   -6.472  -15.230 1.00 17.15  ? 549  MET B C   1 
ATOM   645  O O   . MET B 1 10 ? 7.837   -6.576  -14.993 1.00 20.50  ? 549  MET B O   1 
ATOM   646  C CB  . MET B 1 10 ? 5.596   -5.827  -17.372 1.00 18.87  ? 549  MET B CB  1 
ATOM   647  C CG  . MET B 1 10 ? 5.134   -6.155  -18.775 1.00 30.37  ? 549  MET B CG  1 
ATOM   648  S SD  . MET B 1 10 ? 4.388   -4.702  -19.571 1.00 47.86  ? 549  MET B SD  1 
ATOM   649  C CE  . MET B 1 10 ? 5.220   -3.390  -18.689 1.00 26.79  ? 549  MET B CE  1 
ATOM   650  N N   . LEU B 1 11 ? 5.783   -5.861  -14.417 1.00 17.46  ? 550  LEU B N   1 
ATOM   651  C CA  . LEU B 1 11 ? 6.213   -5.251  -13.174 1.00 22.59  ? 550  LEU B CA  1 
ATOM   652  C C   . LEU B 1 11 ? 6.915   -6.285  -12.296 1.00 16.72  ? 550  LEU B C   1 
ATOM   653  O O   . LEU B 1 11 ? 7.983   -6.028  -11.746 1.00 20.20  ? 550  LEU B O   1 
ATOM   654  C CB  . LEU B 1 11 ? 4.988   -4.664  -12.464 1.00 23.68  ? 550  LEU B CB  1 
ATOM   655  C CG  . LEU B 1 11 ? 5.199   -3.784  -11.242 1.00 17.02  ? 550  LEU B CG  1 
ATOM   656  C CD1 . LEU B 1 11 ? 6.103   -2.623  -11.596 1.00 15.44  ? 550  LEU B CD1 1 
ATOM   657  C CD2 . LEU B 1 11 ? 3.844   -3.312  -10.749 1.00 14.94  ? 550  LEU B CD2 1 
ATOM   658  N N   . ALA B 1 12 ? 6.315   -7.468  -12.195 1.00 20.53  ? 551  ALA B N   1 
ATOM   659  C CA  . ALA B 1 12 ? 6.839   -8.540  -11.350 1.00 20.20  ? 551  ALA B CA  1 
ATOM   660  C C   . ALA B 1 12 ? 8.221   -9.058  -11.756 1.00 22.03  ? 551  ALA B C   1 
ATOM   661  O O   . ALA B 1 12 ? 8.939   -9.616  -10.934 1.00 42.16  ? 551  ALA B O   1 
ATOM   662  C CB  . ALA B 1 12 ? 5.847   -9.695  -11.275 1.00 20.72  ? 551  ALA B CB  1 
ATOM   663  N N   . SER B 1 13 ? 8.593   -8.873  -13.017 1.00 20.41  ? 552  SER B N   1 
ATOM   664  C CA  . SER B 1 13 ? 9.855   -9.405  -13.520 1.00 25.19  ? 552  SER B CA  1 
ATOM   665  C C   . SER B 1 13 ? 11.055  -8.529  -13.162 1.00 20.84  ? 552  SER B C   1 
ATOM   666  O O   . SER B 1 13 ? 12.202  -8.972  -13.233 1.00 29.83  ? 552  SER B O   1 
ATOM   667  C CB  . SER B 1 13 ? 9.784   -9.591  -15.039 1.00 29.73  ? 552  SER B CB  1 
ATOM   668  O OG  . SER B 1 13 ? 9.682   -8.348  -15.715 1.00 33.46  ? 552  SER B OG  1 
ATOM   669  N N   . ALA B 1 14 ? 10.781  -7.286  -12.779 1.00 18.33  ? 553  ALA B N   1 
ATOM   670  C CA  . ALA B 1 14 ? 11.820  -6.296  -12.540 1.00 19.34  ? 553  ALA B CA  1 
ATOM   671  C C   . ALA B 1 14 ? 12.269  -6.295  -11.085 1.00 15.84  ? 553  ALA B C   1 
ATOM   672  O O   . ALA B 1 14 ? 11.501  -6.669  -10.204 1.00 17.01  ? 553  ALA B O   1 
ATOM   673  C CB  . ALA B 1 14 ? 11.298  -4.910  -12.932 1.00 17.85  ? 553  ALA B CB  1 
ATOM   674  N N   . PRO B 1 15 ? 13.519  -5.871  -10.829 1.00 16.18  ? 554  PRO B N   1 
ATOM   675  C CA  . PRO B 1 15 ? 14.047  -5.677  -9.473  1.00 18.05  ? 554  PRO B CA  1 
ATOM   676  C C   . PRO B 1 15 ? 13.208  -4.670  -8.690  1.00 18.60  ? 554  PRO B C   1 
ATOM   677  O O   . PRO B 1 15 ? 12.568  -3.810  -9.292  1.00 15.07  ? 554  PRO B O   1 
ATOM   678  C CB  . PRO B 1 15 ? 15.452  -5.111  -9.719  1.00 20.48  ? 554  PRO B CB  1 
ATOM   679  C CG  . PRO B 1 15 ? 15.798  -5.539  -11.098 1.00 20.88  ? 554  PRO B CG  1 
ATOM   680  C CD  . PRO B 1 15 ? 14.515  -5.545  -11.861 1.00 16.72  ? 554  PRO B CD  1 
ATOM   681  N N   . PRO B 1 16 ? 13.210  -4.778  -7.355  1.00 15.64  ? 555  PRO B N   1 
ATOM   682  C CA  . PRO B 1 16 ? 12.358  -3.953  -6.498  1.00 13.75  ? 555  PRO B CA  1 
ATOM   683  C C   . PRO B 1 16 ? 12.468  -2.453  -6.722  1.00 13.55  ? 555  PRO B C   1 
ATOM   684  O O   . PRO B 1 16 ? 11.421  -1.794  -6.748  1.00 13.94  ? 555  PRO B O   1 
ATOM   685  C CB  . PRO B 1 16 ? 12.835  -4.314  -5.095  1.00 23.07  ? 555  PRO B CB  1 
ATOM   686  C CG  . PRO B 1 16 ? 13.257  -5.732  -5.227  1.00 28.42  ? 555  PRO B CG  1 
ATOM   687  C CD  . PRO B 1 16 ? 13.913  -5.817  -6.584  1.00 22.92  ? 555  PRO B CD  1 
ATOM   688  N N   . GLN B 1 17 ? 13.673  -1.899  -6.853  1.00 15.68  ? 556  GLN B N   1 
ATOM   689  C CA  . GLN B 1 17 ? 13.771  -0.454  -7.080  1.00 14.12  ? 556  GLN B CA  1 
ATOM   690  C C   . GLN B 1 17 ? 13.179  -0.106  -8.442  1.00 11.85  ? 556  GLN B C   1 
ATOM   691  O O   . GLN B 1 17 ? 12.529  0.929   -8.605  1.00 13.53  ? 556  GLN B O   1 
ATOM   692  C CB  . GLN B 1 17 ? 15.214  0.058   -6.966  1.00 25.14  ? 556  GLN B CB  1 
ATOM   693  C CG  . GLN B 1 17 ? 15.329  1.596   -6.908  1.00 32.83  ? 556  GLN B CG  1 
ATOM   694  C CD  . GLN B 1 17 ? 15.110  2.284   -8.248  1.00 57.20  ? 556  GLN B CD  1 
ATOM   695  O OE1 . GLN B 1 17 ? 15.298  1.689   -9.308  1.00 55.20  ? 556  GLN B OE1 1 
ATOM   696  N NE2 . GLN B 1 17 ? 14.722  3.552   -8.201  1.00 47.04  ? 556  GLN B NE2 1 
ATOM   697  N N   . GLU B 1 18 ? 13.396  -0.985  -9.415  1.00 11.55  ? 557  GLU B N   1 
ATOM   698  C CA  . GLU B 1 18 ? 12.911  -0.737  -10.769 1.00 11.31  ? 557  GLU B CA  1 
ATOM   699  C C   . GLU B 1 18 ? 11.387  -0.732  -10.826 1.00 8.93   ? 557  GLU B C   1 
ATOM   700  O O   . GLU B 1 18 ? 10.795  0.102   -11.501 1.00 9.36   ? 557  GLU B O   1 
ATOM   701  C CB  . GLU B 1 18 ? 13.476  -1.758  -11.754 1.00 14.04  ? 557  GLU B CB  1 
ATOM   702  C CG  . GLU B 1 18 ? 13.088  -1.513  -13.203 1.00 11.64  ? 557  GLU B CG  1 
ATOM   703  C CD  . GLU B 1 18 ? 13.674  -0.228  -13.779 1.00 13.05  ? 557  GLU B CD  1 
ATOM   704  O OE1 . GLU B 1 18 ? 14.691  0.262   -13.248 1.00 18.59  ? 557  GLU B OE1 1 
ATOM   705  O OE2 . GLU B 1 18 ? 13.111  0.289   -14.764 1.00 16.28  ? 557  GLU B OE2 1 
ATOM   706  N N   . GLN B 1 19 ? 10.748  -1.646  -10.101 1.00 8.95   ? 558  GLN B N   1 
ATOM   707  C CA  . GLN B 1 19 ? 9.284   -1.630  -10.009 1.00 9.29   ? 558  GLN B CA  1 
ATOM   708  C C   . GLN B 1 19 ? 8.762   -0.282  -9.487  1.00 6.66   ? 558  GLN B C   1 
ATOM   709  O O   . GLN B 1 19 ? 7.788   0.256   -10.005 1.00 8.70   ? 558  GLN B O   1 
ATOM   710  C CB  . GLN B 1 19 ? 8.783   -2.772  -9.121  1.00 11.23  ? 558  GLN B CB  1 
ATOM   711  C CG  . GLN B 1 19 ? 9.212   -4.150  -9.589  1.00 13.35  ? 558  GLN B CG  1 
ATOM   712  C CD  . GLN B 1 19 ? 8.462   -5.279  -8.886  1.00 20.97  ? 558  GLN B CD  1 
ATOM   713  O OE1 . GLN B 1 19 ? 7.308   -5.121  -8.481  1.00 21.33  ? 558  GLN B OE1 1 
ATOM   714  N NE2 . GLN B 1 19 ? 9.109   -6.427  -8.760  1.00 19.92  ? 558  GLN B NE2 1 
ATOM   715  N N   . LYS B 1 20 ? 9.402   0.260   -8.455  1.00 9.99   ? 559  LYS B N   1 
ATOM   716  C CA  . LYS B 1 20 ? 8.981   1.555   -7.921  1.00 9.07   ? 559  LYS B CA  1 
ATOM   717  C C   . LYS B 1 20 ? 9.185   2.650   -8.964  1.00 8.76   ? 559  LYS B C   1 
ATOM   718  O O   . LYS B 1 20 ? 8.361   3.543   -9.097  1.00 8.60   ? 559  LYS B O   1 
ATOM   719  C CB  . LYS B 1 20 ? 9.740   1.893   -6.633  1.00 10.38  ? 559  LYS B CB  1 
ATOM   720  C CG  . LYS B 1 20 ? 9.459   0.937   -5.456  1.00 10.61  ? 559  LYS B CG  1 
ATOM   721  C CD  . LYS B 1 20 ? 8.011   1.019   -4.970  1.00 9.64   ? 559  LYS B CD  1 
ATOM   722  C CE  . LYS B 1 20 ? 7.772   0.099   -3.778  1.00 11.69  ? 559  LYS B CE  1 
ATOM   723  N NZ  . LYS B 1 20 ? 6.338   0.065   -3.381  1.00 11.23  ? 559  LYS B NZ  1 
ATOM   724  N N   . GLN B 1 21 ? 10.280  2.582   -9.713  1.00 9.06   ? 560  GLN B N   1 
ATOM   725  C CA  . GLN B 1 21 ? 10.520  3.565   -10.764 1.00 6.87   ? 560  GLN B CA  1 
ATOM   726  C C   . GLN B 1 21 ? 9.471   3.473   -11.863 1.00 8.86   ? 560  GLN B C   1 
ATOM   727  O O   . GLN B 1 21 ? 8.990   4.497   -12.348 1.00 9.52   ? 560  GLN B O   1 
ATOM   728  C CB  . GLN B 1 21 ? 11.908  3.377   -11.373 1.00 9.65   ? 560  GLN B CB  1 
ATOM   729  C CG  . GLN B 1 21 ? 12.424  4.606   -12.104 1.00 9.93   ? 560  GLN B CG  1 
ATOM   730  C CD  . GLN B 1 21 ? 12.813  5.716   -11.150 1.00 11.68  ? 560  GLN B CD  1 
ATOM   731  O OE1 . GLN B 1 21 ? 13.167  5.461   -9.999  1.00 12.49  ? 560  GLN B OE1 1 
ATOM   732  N NE2 . GLN B 1 21 ? 12.756  6.957   -11.623 1.00 10.68  ? 560  GLN B NE2 1 
ATOM   733  N N   . MET B 1 22 ? 9.129   2.253   -12.271 1.00 6.98   ? 561  MET B N   1 
ATOM   734  C CA  . MET B 1 22 ? 8.089   2.051   -13.275 1.00 8.38   ? 561  MET B CA  1 
ATOM   735  C C   . MET B 1 22 ? 6.756   2.650   -12.834 1.00 8.24   ? 561  MET B C   1 
ATOM   736  O O   . MET B 1 22 ? 6.029   3.272   -13.611 1.00 9.02   ? 561  MET B O   1 
ATOM   737  C CB  . MET B 1 22 ? 7.898   0.561   -13.537 1.00 10.62  ? 561  MET B CB  1 
ATOM   738  C CG  . MET B 1 22 ? 9.033   -0.093  -14.305 1.00 10.16  ? 561  MET B CG  1 
ATOM   739  S SD  . MET B 1 22 ? 8.869   -1.899  -14.256 1.00 14.03  ? 561  MET B SD  1 
ATOM   740  C CE  . MET B 1 22 ? 9.916   -2.382  -15.635 1.00 13.79  ? 561  MET B CE  1 
ATOM   741  N N   . LEU B 1 23 ? 6.417   2.418   -11.579 1.00 8.76   ? 562  LEU B N   1 
ATOM   742  C CA  . LEU B 1 23 ? 5.168   2.940   -11.058 1.00 8.05   ? 562  LEU B CA  1 
ATOM   743  C C   . LEU B 1 23 ? 5.234   4.467   -10.913 1.00 9.48   ? 562  LEU B C   1 
ATOM   744  O O   . LEU B 1 23 ? 4.285   5.166   -11.274 1.00 9.40   ? 562  LEU B O   1 
ATOM   745  C CB  . LEU B 1 23 ? 4.815   2.257   -9.733  1.00 7.91   ? 562  LEU B CB  1 
ATOM   746  C CG  . LEU B 1 23 ? 4.441   0.784   -9.899  1.00 8.34   ? 562  LEU B CG  1 
ATOM   747  C CD1 . LEU B 1 23 ? 4.494   0.080   -8.556  1.00 10.14  ? 562  LEU B CD1 1 
ATOM   748  C CD2 . LEU B 1 23 ? 3.061   0.614   -10.538 1.00 10.26  ? 562  LEU B CD2 1 
ATOM   749  N N   . GLY B 1 24 ? 6.353   4.978   -10.399 1.00 7.28   ? 563  GLY B N   1 
ATOM   750  C CA  . GLY B 1 24 ? 6.511   6.403   -10.162 1.00 8.06   ? 563  GLY B CA  1 
ATOM   751  C C   . GLY B 1 24 ? 6.438   7.224   -11.439 1.00 8.40   ? 563  GLY B C   1 
ATOM   752  O O   . GLY B 1 24 ? 5.844   8.305   -11.465 1.00 8.66   ? 563  GLY B O   1 
ATOM   753  N N   . GLU B 1 25 ? 7.040   6.724   -12.516 1.00 8.11   ? 564  GLU B N   1 
ATOM   754  C CA  . GLU B 1 25 ? 7.036   7.477   -13.771 1.00 8.43   ? 564  GLU B CA  1 
ATOM   755  C C   . GLU B 1 25 ? 5.625   7.672   -14.309 1.00 7.77   ? 564  GLU B C   1 
ATOM   756  O O   . GLU B 1 25 ? 5.363   8.642   -15.012 1.00 9.76   ? 564  GLU B O   1 
ATOM   757  C CB  . GLU B 1 25 ? 7.893   6.791   -14.841 1.00 10.08  ? 564  GLU B CB  1 
ATOM   758  C CG  . GLU B 1 25 ? 9.358   6.613   -14.453 1.00 15.51  ? 564  GLU B CG  1 
ATOM   759  C CD  . GLU B 1 25 ? 10.159  7.910   -14.486 1.00 18.23  ? 564  GLU B CD  1 
ATOM   760  O OE1 . GLU B 1 25 ? 9.580   8.978   -14.781 1.00 15.99  ? 564  GLU B OE1 1 
ATOM   761  O OE2 . GLU B 1 25 ? 11.380  7.851   -14.217 1.00 15.18  ? 564  GLU B OE2 1 
ATOM   762  N N   . ARG B 1 26 ? 4.732   6.737   -13.993 1.00 7.55   ? 565  ARG B N   1 
ATOM   763  C CA  . ARG B 1 26 ? 3.344   6.813   -14.456 1.00 9.07   ? 565  ARG B CA  1 
ATOM   764  C C   . ARG B 1 26 ? 2.442   7.559   -13.473 1.00 10.77  ? 565  ARG B C   1 
ATOM   765  O O   . ARG B 1 26 ? 1.543   8.288   -13.888 1.00 10.09  ? 565  ARG B O   1 
ATOM   766  C CB  . ARG B 1 26 ? 2.796   5.414   -14.770 1.00 9.32   ? 565  ARG B CB  1 
ATOM   767  C CG  . ARG B 1 26 ? 3.456   4.812   -16.000 1.00 9.36   ? 565  ARG B CG  1 
ATOM   768  C CD  . ARG B 1 26 ? 3.396   3.293   -16.072 1.00 10.78  ? 565  ARG B CD  1 
ATOM   769  N NE  . ARG B 1 26 ? 4.050   2.866   -17.302 1.00 9.77   ? 565  ARG B NE  1 
ATOM   770  C CZ  . ARG B 1 26 ? 5.365   2.817   -17.450 1.00 10.07  ? 565  ARG B CZ  1 
ATOM   771  N NH1 . ARG B 1 26 ? 6.168   3.141   -16.443 1.00 12.03  ? 565  ARG B NH1 1 
ATOM   772  N NH2 . ARG B 1 26 ? 5.884   2.452   -18.608 1.00 11.62  ? 565  ARG B NH2 1 
ATOM   773  N N   . LEU B 1 27 ? 2.699   7.391   -12.177 1.00 7.87   ? 566  LEU B N   1 
ATOM   774  C CA  . LEU B 1 27 ? 1.910   8.088   -11.162 1.00 7.52   ? 566  LEU B CA  1 
ATOM   775  C C   . LEU B 1 27 ? 2.169   9.588   -11.185 1.00 8.26   ? 566  LEU B C   1 
ATOM   776  O O   . LEU B 1 27 ? 1.236   10.390  -11.153 1.00 10.28  ? 566  LEU B O   1 
ATOM   777  C CB  . LEU B 1 27 ? 2.220   7.550   -9.761  1.00 8.03   ? 566  LEU B CB  1 
ATOM   778  C CG  . LEU B 1 27 ? 1.708   6.148   -9.410  1.00 10.73  ? 566  LEU B CG  1 
ATOM   779  C CD1 . LEU B 1 27 ? 2.473   5.563   -8.221  1.00 11.77  ? 566  LEU B CD1 1 
ATOM   780  C CD2 . LEU B 1 27 ? 0.213   6.175   -9.131  1.00 10.28  ? 566  LEU B CD2 1 
ATOM   781  N N   . PHE B 1 28 ? 3.442   9.963   -11.242 1.00 8.84   ? 567  PHE B N   1 
ATOM   782  C CA  . PHE B 1 28 ? 3.834   11.361  -11.082 1.00 9.27   ? 567  PHE B CA  1 
ATOM   783  C C   . PHE B 1 28 ? 3.078   12.337  -11.998 1.00 9.38   ? 567  PHE B C   1 
ATOM   784  O O   . PHE B 1 28 ? 2.514   13.318  -11.510 1.00 9.39   ? 567  PHE B O   1 
ATOM   785  C CB  . PHE B 1 28 ? 5.355   11.531  -11.214 1.00 6.75   ? 567  PHE B CB  1 
ATOM   786  C CG  . PHE B 1 28 ? 5.806   12.950  -11.043 1.00 7.21   ? 567  PHE B CG  1 
ATOM   787  C CD1 . PHE B 1 28 ? 6.184   13.431  -9.800  1.00 10.21  ? 567  PHE B CD1 1 
ATOM   788  C CD2 . PHE B 1 28 ? 5.815   13.819  -12.124 1.00 9.00   ? 567  PHE B CD2 1 
ATOM   789  C CE1 . PHE B 1 28 ? 6.587   14.759  -9.641  1.00 12.88  ? 567  PHE B CE1 1 
ATOM   790  C CE2 . PHE B 1 28 ? 6.216   15.142  -11.971 1.00 8.38   ? 567  PHE B CE2 1 
ATOM   791  C CZ  . PHE B 1 28 ? 6.598   15.610  -10.732 1.00 12.44  ? 567  PHE B CZ  1 
ATOM   792  N N   . PRO B 1 29 ? 3.061   12.080  -13.324 1.00 8.92   ? 568  PRO B N   1 
ATOM   793  C CA  . PRO B 1 29 ? 2.406   13.061  -14.200 1.00 8.09   ? 568  PRO B CA  1 
ATOM   794  C C   . PRO B 1 29 ? 0.908   13.237  -13.894 1.00 8.48   ? 568  PRO B C   1 
ATOM   795  O O   . PRO B 1 29 ? 0.379   14.354  -14.005 1.00 11.38  ? 568  PRO B O   1 
ATOM   796  C CB  . PRO B 1 29 ? 2.597   12.467  -15.606 1.00 13.38  ? 568  PRO B CB  1 
ATOM   797  C CG  . PRO B 1 29 ? 3.744   11.539  -15.476 1.00 17.30  ? 568  PRO B CG  1 
ATOM   798  C CD  . PRO B 1 29 ? 3.707   10.998  -14.086 1.00 9.20   ? 568  PRO B CD  1 
ATOM   799  N N   . LEU B 1 30 ? 0.229   12.151  -13.528 1.00 7.98   ? 569  LEU B N   1 
ATOM   800  C CA  . LEU B 1 30 ? -1.194  12.237  -13.208 1.00 9.18   ? 569  LEU B CA  1 
ATOM   801  C C   . LEU B 1 30 ? -1.413  12.998  -11.896 1.00 8.92   ? 569  LEU B C   1 
ATOM   802  O O   . LEU B 1 30 ? -2.317  13.831  -11.782 1.00 10.67  ? 569  LEU B O   1 
ATOM   803  C CB  . LEU B 1 30 ? -1.813  10.836  -13.128 1.00 9.17   ? 569  LEU B CB  1 
ATOM   804  C CG  . LEU B 1 30 ? -1.845  10.014  -14.423 1.00 14.39  ? 569  LEU B CG  1 
ATOM   805  C CD1 . LEU B 1 30 ? -2.273  8.580   -14.135 1.00 15.01  ? 569  LEU B CD1 1 
ATOM   806  C CD2 . LEU B 1 30 ? -2.767  10.647  -15.452 1.00 15.74  ? 569  LEU B CD2 1 
ATOM   807  N N   . ILE B 1 31 ? -0.580  12.706  -10.906 1.00 7.30   ? 570  ILE B N   1 
ATOM   808  C CA  . ILE B 1 31 ? -0.645  13.374  -9.620  1.00 7.86   ? 570  ILE B CA  1 
ATOM   809  C C   . ILE B 1 31 ? -0.281  14.849  -9.776  1.00 10.30  ? 570  ILE B C   1 
ATOM   810  O O   . ILE B 1 31 ? -0.916  15.718  -9.177  1.00 11.25  ? 570  ILE B O   1 
ATOM   811  C CB  . ILE B 1 31 ? 0.291   12.682  -8.604  1.00 7.18   ? 570  ILE B CB  1 
ATOM   812  C CG1 . ILE B 1 31 ? -0.210  11.257  -8.348  1.00 7.64   ? 570  ILE B CG1 1 
ATOM   813  C CG2 . ILE B 1 31 ? 0.376   13.470  -7.298  1.00 8.89   ? 570  ILE B CG2 1 
ATOM   814  C CD1 . ILE B 1 31 ? 0.720   10.403  -7.483  1.00 9.65   ? 570  ILE B CD1 1 
ATOM   815  N N   . GLN B 1 32 ? 0.732   15.124  -10.593 1.00 8.50   ? 571  GLN B N   1 
ATOM   816  C CA  . GLN B 1 32 ? 1.177   16.492  -10.821 1.00 9.47   ? 571  GLN B CA  1 
ATOM   817  C C   . GLN B 1 32 ? 0.089   17.336  -11.478 1.00 11.56  ? 571  GLN B C   1 
ATOM   818  O O   . GLN B 1 32 ? 0.009   18.542  -11.250 1.00 12.03  ? 571  GLN B O   1 
ATOM   819  C CB  . GLN B 1 32 ? 2.434   16.512  -11.678 1.00 8.48   ? 571  GLN B CB  1 
ATOM   820  C CG  . GLN B 1 32 ? 3.021   17.894  -11.851 1.00 13.58  ? 571  GLN B CG  1 
ATOM   821  C CD  . GLN B 1 32 ? 4.120   17.921  -12.882 1.00 16.45  ? 571  GLN B CD  1 
ATOM   822  O OE1 . GLN B 1 32 ? 4.102   17.164  -13.852 1.00 16.26  ? 571  GLN B OE1 1 
ATOM   823  N NE2 . GLN B 1 32 ? 5.089   18.793  -12.678 1.00 21.30  ? 571  GLN B NE2 1 
ATOM   824  N N   . ALA B 1 33 ? -0.743  16.705  -12.298 1.00 9.29   ? 572  ALA B N   1 
ATOM   825  C CA  . ALA B 1 33 ? -1.869  17.405  -12.914 1.00 12.40  ? 572  ALA B CA  1 
ATOM   826  C C   . ALA B 1 33 ? -2.841  17.871  -11.844 1.00 15.80  ? 572  ALA B C   1 
ATOM   827  O O   . ALA B 1 33 ? -3.471  18.928  -11.978 1.00 15.27  ? 572  ALA B O   1 
ATOM   828  C CB  . ALA B 1 33 ? -2.580  16.504  -13.896 1.00 10.99  ? 572  ALA B CB  1 
ATOM   829  N N   . MET B 1 34 ? -2.967  17.071  -10.787 1.00 12.91  ? 573  MET B N   1 
ATOM   830  C CA  . MET B 1 34 ? -3.887  17.361  -9.689  1.00 11.32  ? 573  MET B CA  1 
ATOM   831  C C   . MET B 1 34 ? -3.266  18.336  -8.696  1.00 15.18  ? 573  MET B C   1 
ATOM   832  O O   . MET B 1 34 ? -3.919  19.280  -8.244  1.00 12.96  ? 573  MET B O   1 
ATOM   833  C CB  . MET B 1 34 ? -4.244  16.080  -8.935  1.00 15.44  ? 573  MET B CB  1 
ATOM   834  C CG  . MET B 1 34 ? -4.839  14.965  -9.774  1.00 16.14  ? 573  MET B CG  1 
ATOM   835  S SD  . MET B 1 34 ? -5.189  13.520  -8.743  1.00 21.51  ? 573  MET B SD  1 
ATOM   836  C CE  . MET B 1 34 ? -5.027  12.195  -9.941  1.00 19.99  ? 573  MET B CE  1 
ATOM   837  N N   . HIS B 1 35 ? -2.003  18.086  -8.349  1.00 10.97  ? 574  HIS B N   1 
ATOM   838  C CA  . HIS B 1 35 ? -1.298  18.889  -7.354  1.00 12.04  ? 574  HIS B CA  1 
ATOM   839  C C   . HIS B 1 35 ? 0.108   19.236  -7.808  1.00 10.04  ? 574  HIS B C   1 
ATOM   840  O O   . HIS B 1 35 ? 1.066   18.533  -7.479  1.00 13.44  ? 574  HIS B O   1 
ATOM   841  C CB  . HIS B 1 35 ? -1.279  18.175  -6.009  1.00 9.46   ? 574  HIS B CB  1 
ATOM   842  C CG  . HIS B 1 35 ? -2.617  18.139  -5.349  1.00 14.34  ? 574  HIS B CG  1 
ATOM   843  N ND1 . HIS B 1 35 ? -3.443  17.035  -5.396  1.00 21.61  ? 574  HIS B ND1 1 
ATOM   844  C CD2 . HIS B 1 35 ? -3.297  19.086  -4.663  1.00 11.49  ? 574  HIS B CD2 1 
ATOM   845  C CE1 . HIS B 1 35 ? -4.566  17.299  -4.757  1.00 15.39  ? 574  HIS B CE1 1 
ATOM   846  N NE2 . HIS B 1 35 ? -4.502  18.538  -4.302  1.00 17.81  ? 574  HIS B NE2 1 
ATOM   847  N N   . PRO B 1 36 ? 0.235   20.334  -8.573  1.00 12.28  ? 575  PRO B N   1 
ATOM   848  C CA  . PRO B 1 36 ? 1.510   20.727  -9.191  1.00 14.29  ? 575  PRO B CA  1 
ATOM   849  C C   . PRO B 1 36 ? 2.683   20.909  -8.217  1.00 14.65  ? 575  PRO B C   1 
ATOM   850  O O   . PRO B 1 36 ? 3.795   20.533  -8.558  1.00 16.78  ? 575  PRO B O   1 
ATOM   851  C CB  . PRO B 1 36 ? 1.164   22.049  -9.882  1.00 12.54  ? 575  PRO B CB  1 
ATOM   852  C CG  . PRO B 1 36 ? -0.314  21.915  -10.205 1.00 15.21  ? 575  PRO B CG  1 
ATOM   853  C CD  . PRO B 1 36 ? -0.889  21.172  -9.037  1.00 12.30  ? 575  PRO B CD  1 
ATOM   854  N N   . THR B 1 37 ? 2.443   21.477  -7.040  1.00 12.22  ? 576  THR B N   1 
ATOM   855  C CA  . THR B 1 37 ? 3.527   21.737  -6.097  1.00 13.84  ? 576  THR B CA  1 
ATOM   856  C C   . THR B 1 37 ? 3.860   20.527  -5.216  1.00 12.71  ? 576  THR B C   1 
ATOM   857  O O   . THR B 1 37 ? 5.028   20.251  -4.956  1.00 15.47  ? 576  THR B O   1 
ATOM   858  C CB  . THR B 1 37 ? 3.207   22.943  -5.213  1.00 15.77  ? 576  THR B CB  1 
ATOM   859  O OG1 . THR B 1 37 ? 2.961   24.076  -6.054  1.00 18.72  ? 576  THR B OG1 1 
ATOM   860  C CG2 . THR B 1 37 ? 4.364   23.242  -4.264  1.00 16.85  ? 576  THR B CG2 1 
ATOM   861  N N   . LEU B 1 38 ? 2.835   19.812  -4.760  1.00 13.19  ? 577  LEU B N   1 
ATOM   862  C CA  . LEU B 1 38 ? 3.032   18.657  -3.882  1.00 12.37  ? 577  LEU B CA  1 
ATOM   863  C C   . LEU B 1 38 ? 3.269   17.336  -4.627  1.00 11.85  ? 577  LEU B C   1 
ATOM   864  O O   . LEU B 1 38 ? 3.493   16.310  -3.994  1.00 13.59  ? 577  LEU B O   1 
ATOM   865  C CB  . LEU B 1 38 ? 1.852   18.505  -2.912  1.00 14.44  ? 577  LEU B CB  1 
ATOM   866  C CG  . LEU B 1 38 ? 1.647   19.626  -1.883  1.00 17.51  ? 577  LEU B CG  1 
ATOM   867  C CD1 . LEU B 1 38 ? 0.324   19.451  -1.153  1.00 17.64  ? 577  LEU B CD1 1 
ATOM   868  C CD2 . LEU B 1 38 ? 2.811   19.697  -0.893  1.00 16.30  ? 577  LEU B CD2 1 
ATOM   869  N N   . ALA B 1 39 ? 3.240   17.367  -5.959  1.00 10.84  ? 578  ALA B N   1 
ATOM   870  C CA  . ALA B 1 39 ? 3.330   16.138  -6.759  1.00 11.92  ? 578  ALA B CA  1 
ATOM   871  C C   . ALA B 1 39 ? 4.451   15.205  -6.314  1.00 11.53  ? 578  ALA B C   1 
ATOM   872  O O   . ALA B 1 39 ? 4.224   14.013  -6.128  1.00 10.16  ? 578  ALA B O   1 
ATOM   873  C CB  . ALA B 1 39 ? 3.477   16.464  -8.241  1.00 10.92  ? 578  ALA B CB  1 
ATOM   874  N N   . GLY B 1 40 ? 5.661   15.744  -6.160  1.00 9.75   ? 579  GLY B N   1 
ATOM   875  C CA  . GLY B 1 40 ? 6.810   14.935  -5.795  1.00 10.73  ? 579  GLY B CA  1 
ATOM   876  C C   . GLY B 1 40 ? 6.644   14.267  -4.442  1.00 11.08  ? 579  GLY B C   1 
ATOM   877  O O   . GLY B 1 40 ? 6.952   13.084  -4.283  1.00 10.90  ? 579  GLY B O   1 
ATOM   878  N N   . LYS B 1 41 ? 6.151   15.027  -3.469  1.00 10.62  ? 580  LYS B N   1 
ATOM   879  C CA  . LYS B 1 41 ? 5.921   14.501  -2.129  1.00 12.80  ? 580  LYS B CA  1 
ATOM   880  C C   . LYS B 1 41 ? 4.798   13.469  -2.109  1.00 9.67   ? 580  LYS B C   1 
ATOM   881  O O   . LYS B 1 41 ? 4.934   12.401  -1.507  1.00 12.00  ? 580  LYS B O   1 
ATOM   882  C CB  . LYS B 1 41 ? 5.589   15.633  -1.161  1.00 13.69  ? 580  LYS B CB  1 
ATOM   883  C CG  . LYS B 1 41 ? 6.775   16.493  -0.780  1.00 22.22  ? 580  LYS B CG  1 
ATOM   884  C CD  . LYS B 1 41 ? 6.331   17.687  0.049   1.00 29.22  ? 580  LYS B CD  1 
ATOM   885  C CE  . LYS B 1 41 ? 7.498   18.615  0.342   1.00 37.67  ? 580  LYS B CE  1 
ATOM   886  N NZ  . LYS B 1 41 ? 7.030   19.895  0.952   1.00 54.59  ? 580  LYS B NZ  1 
ATOM   887  N N   . ILE B 1 42 ? 3.678   13.787  -2.754  1.00 9.10   ? 581  ILE B N   1 
ATOM   888  C CA  . ILE B 1 42 ? 2.564   12.849  -2.836  1.00 8.80   ? 581  ILE B CA  1 
ATOM   889  C C   . ILE B 1 42 ? 3.012   11.531  -3.482  1.00 8.47   ? 581  ILE B C   1 
ATOM   890  O O   . ILE B 1 42 ? 2.733   10.454  -2.965  1.00 10.39  ? 581  ILE B O   1 
ATOM   891  C CB  . ILE B 1 42 ? 1.360   13.433  -3.606  1.00 8.19   ? 581  ILE B CB  1 
ATOM   892  C CG1 . ILE B 1 42 ? 0.843   14.694  -2.920  1.00 12.06  ? 581  ILE B CG1 1 
ATOM   893  C CG2 . ILE B 1 42 ? 0.239   12.413  -3.683  1.00 9.42   ? 581  ILE B CG2 1 
ATOM   894  C CD1 . ILE B 1 42 ? -0.067  15.506  -3.783  1.00 14.03  ? 581  ILE B CD1 1 
ATOM   895  N N   . THR B 1 43 ? 3.726   11.618  -4.600  1.00 9.37   ? 582  THR B N   1 
ATOM   896  C CA  . THR B 1 43 ? 4.158   10.414  -5.310  1.00 7.99   ? 582  THR B CA  1 
ATOM   897  C C   . THR B 1 43 ? 5.068   9.553   -4.433  1.00 7.99   ? 582  THR B C   1 
ATOM   898  O O   . THR B 1 43 ? 4.903   8.340   -4.378  1.00 9.17   ? 582  THR B O   1 
ATOM   899  C CB  . THR B 1 43 ? 4.824   10.755  -6.661  1.00 9.96   ? 582  THR B CB  1 
ATOM   900  O OG1 . THR B 1 43 ? 3.904   11.512  -7.456  1.00 9.00   ? 582  THR B OG1 1 
ATOM   901  C CG2 . THR B 1 43 ? 5.196   9.486   -7.428  1.00 7.35   ? 582  THR B CG2 1 
ATOM   902  N N   . GLY B 1 44 ? 6.009   10.177  -3.731  1.00 8.89   ? 583  GLY B N   1 
ATOM   903  C CA  . GLY B 1 44 ? 6.880   9.439   -2.829  1.00 7.61   ? 583  GLY B CA  1 
ATOM   904  C C   . GLY B 1 44 ? 6.112   8.760   -1.706  1.00 10.58  ? 583  GLY B C   1 
ATOM   905  O O   . GLY B 1 44 ? 6.444   7.634   -1.314  1.00 12.41  ? 583  GLY B O   1 
ATOM   906  N N   . MET B 1 45 ? 5.084   9.432   -1.174  1.00 7.74   ? 584  MET B N   1 
ATOM   907  C CA  . MET B 1 45 ? 4.245   8.817   -0.144  1.00 9.44   ? 584  MET B CA  1 
ATOM   908  C C   . MET B 1 45 ? 3.518   7.583   -0.681  1.00 9.57   ? 584  MET B C   1 
ATOM   909  O O   . MET B 1 45 ? 3.514   6.530   -0.043  1.00 11.39  ? 584  MET B O   1 
ATOM   910  C CB  . MET B 1 45 ? 3.225   9.815   0.394   1.00 10.21  ? 584  MET B CB  1 
ATOM   911  C CG  . MET B 1 45 ? 3.839   10.993  1.139   1.00 18.01  ? 584  MET B CG  1 
ATOM   912  S SD  . MET B 1 45 ? 2.577   12.188  1.615   1.00 14.75  ? 584  MET B SD  1 
ATOM   913  C CE  . MET B 1 45 ? 1.588   11.215  2.751   1.00 14.54  ? 584  MET B CE  1 
ATOM   914  N N   . LEU B 1 46 ? 2.903   7.714   -1.854  1.00 9.24   ? 585  LEU B N   1 
ATOM   915  C CA  . LEU B 1 46 ? 2.191   6.597   -2.469  1.00 9.37   ? 585  LEU B CA  1 
ATOM   916  C C   . LEU B 1 46 ? 3.109   5.419   -2.805  1.00 9.04   ? 585  LEU B C   1 
ATOM   917  O O   . LEU B 1 46 ? 2.698   4.264   -2.671  1.00 9.75   ? 585  LEU B O   1 
ATOM   918  C CB  . LEU B 1 46 ? 1.440   7.065   -3.713  1.00 8.03   ? 585  LEU B CB  1 
ATOM   919  C CG  . LEU B 1 46 ? -0.011  7.507   -3.495  1.00 18.18  ? 585  LEU B CG  1 
ATOM   920  C CD1 . LEU B 1 46 ? -0.170  8.365   -2.265  1.00 16.29  ? 585  LEU B CD1 1 
ATOM   921  C CD2 . LEU B 1 46 ? -0.561  8.218   -4.724  1.00 11.80  ? 585  LEU B CD2 1 
ATOM   922  N N   . LEU B 1 47 ? 4.343   5.705   -3.224  1.00 8.13   ? 586  LEU B N   1 
ATOM   923  C CA  . LEU B 1 47 ? 5.286   4.639   -3.583  1.00 8.13   ? 586  LEU B CA  1 
ATOM   924  C C   . LEU B 1 47 ? 5.683   3.781   -2.382  1.00 10.90  ? 586  LEU B C   1 
ATOM   925  O O   . LEU B 1 47 ? 6.313   2.743   -2.550  1.00 11.23  ? 586  LEU B O   1 
ATOM   926  C CB  . LEU B 1 47 ? 6.545   5.205   -4.259  1.00 8.98   ? 586  LEU B CB  1 
ATOM   927  C CG  . LEU B 1 47 ? 6.377   5.700   -5.703  1.00 12.21  ? 586  LEU B CG  1 
ATOM   928  C CD1 . LEU B 1 47 ? 7.608   6.489   -6.156  1.00 10.77  ? 586  LEU B CD1 1 
ATOM   929  C CD2 . LEU B 1 47 ? 6.084   4.538   -6.653  1.00 9.15   ? 586  LEU B CD2 1 
ATOM   930  N N   . GLU B 1 48 ? 5.318   4.214   -1.174  1.00 12.72  ? 587  GLU B N   1 
ATOM   931  C CA  . GLU B 1 48 ? 5.567   3.417   0.040   1.00 14.87  ? 587  GLU B CA  1 
ATOM   932  C C   . GLU B 1 48 ? 4.689   2.166   0.105   1.00 18.82  ? 587  GLU B C   1 
ATOM   933  O O   . GLU B 1 48 ? 5.028   1.199   0.798   1.00 17.63  ? 587  GLU B O   1 
ATOM   934  C CB  . GLU B 1 48 ? 5.337   4.243   1.311   1.00 15.39  ? 587  GLU B CB  1 
ATOM   935  C CG  . GLU B 1 48 ? 6.281   5.402   1.490   1.00 15.12  ? 587  GLU B CG  1 
ATOM   936  C CD  . GLU B 1 48 ? 7.698   4.955   1.794   1.00 27.86  ? 587  GLU B CD  1 
ATOM   937  O OE1 . GLU B 1 48 ? 7.915   4.340   2.858   1.00 40.32  ? 587  GLU B OE1 1 
ATOM   938  O OE2 . GLU B 1 48 ? 8.602   5.232   0.981   1.00 26.16  ? 587  GLU B OE2 1 
ATOM   939  N N   . ILE B 1 49 ? 3.555   2.188   -0.596  1.00 12.10  ? 588  ILE B N   1 
ATOM   940  C CA  . ILE B 1 49 ? 2.625   1.067   -0.509  1.00 13.87  ? 588  ILE B CA  1 
ATOM   941  C C   . ILE B 1 49 ? 2.836   -0.006  -1.573  1.00 13.57  ? 588  ILE B C   1 
ATOM   942  O O   . ILE B 1 49 ? 3.702   0.116   -2.439  1.00 14.43  ? 588  ILE B O   1 
ATOM   943  C CB  . ILE B 1 49 ? 1.142   1.509   -0.444  1.00 17.44  ? 588  ILE B CB  1 
ATOM   944  C CG1 . ILE B 1 49 ? 0.633   1.958   -1.814  1.00 14.08  ? 588  ILE B CG1 1 
ATOM   945  C CG2 . ILE B 1 49 ? 0.951   2.581   0.637   1.00 17.84  ? 588  ILE B CG2 1 
ATOM   946  C CD1 . ILE B 1 49 ? -0.866  2.227   -1.839  1.00 16.75  ? 588  ILE B CD1 1 
ATOM   947  N N   . ASP B 1 50 ? 2.043   -1.065  -1.472  1.00 13.23  ? 589  ASP B N   1 
ATOM   948  C CA  . ASP B 1 50 ? 2.217   -2.269  -2.273  1.00 10.37  ? 589  ASP B CA  1 
ATOM   949  C C   . ASP B 1 50 ? 2.099   -2.028  -3.772  1.00 10.06  ? 589  ASP B C   1 
ATOM   950  O O   . ASP B 1 50 ? 1.203   -1.326  -4.229  1.00 10.61  ? 589  ASP B O   1 
ATOM   951  C CB  . ASP B 1 50 ? 1.195   -3.328  -1.847  1.00 13.61  ? 589  ASP B CB  1 
ATOM   952  C CG  . ASP B 1 50 ? 1.520   -4.694  -2.403  1.00 13.81  ? 589  ASP B CG  1 
ATOM   953  O OD1 . ASP B 1 50 ? 2.483   -5.313  -1.908  1.00 23.46  ? 589  ASP B OD1 1 
ATOM   954  O OD2 . ASP B 1 50 ? 0.824   -5.132  -3.335  1.00 20.44  ? 589  ASP B OD2 1 
ATOM   955  N N   . ASN B 1 51 ? 2.991   -2.646  -4.536  1.00 9.43   ? 590  ASN B N   1 
ATOM   956  C CA  . ASN B 1 51 ? 3.006   -2.438  -5.978  1.00 11.26  ? 590  ASN B CA  1 
ATOM   957  C C   . ASN B 1 51 ? 1.733   -2.875  -6.691  1.00 10.93  ? 590  ASN B C   1 
ATOM   958  O O   . ASN B 1 51 ? 1.311   -2.240  -7.658  1.00 12.91  ? 590  ASN B O   1 
ATOM   959  C CB  . ASN B 1 51 ? 4.252   -3.070  -6.600  1.00 12.83  ? 590  ASN B CB  1 
ATOM   960  C CG  . ASN B 1 51 ? 5.520   -2.401  -6.137  1.00 10.15  ? 590  ASN B CG  1 
ATOM   961  O OD1 . ASN B 1 51 ? 5.487   -1.300  -5.590  1.00 12.26  ? 590  ASN B OD1 1 
ATOM   962  N ND2 . ASN B 1 51 ? 6.653   -3.056  -6.353  1.00 13.58  ? 590  ASN B ND2 1 
ATOM   963  N N   . SER B 1 52 ? 1.101   -3.944  -6.228  1.00 12.26  ? 591  SER B N   1 
ATOM   964  C CA  A SER B 1 52 ? -0.137  -4.367  -6.870  0.53 14.75  ? 591  SER B CA  1 
ATOM   965  C CA  B SER B 1 52 ? -0.156  -4.390  -6.820  0.47 14.78  ? 591  SER B CA  1 
ATOM   966  C C   . SER B 1 52 ? -1.269  -3.361  -6.630  1.00 13.66  ? 591  SER B C   1 
ATOM   967  O O   . SER B 1 52 ? -2.115  -3.169  -7.506  1.00 16.46  ? 591  SER B O   1 
ATOM   968  C CB  A SER B 1 52 ? -0.534  -5.790  -6.466  0.53 21.23  ? 591  SER B CB  1 
ATOM   969  C CB  B SER B 1 52 ? -0.582  -5.742  -6.238  0.47 21.05  ? 591  SER B CB  1 
ATOM   970  O OG  A SER B 1 52 ? 0.240   -6.751  -7.177  0.53 20.48  ? 591  SER B OG  1 
ATOM   971  O OG  B SER B 1 52 ? -0.960  -5.628  -4.869  0.47 14.64  ? 591  SER B OG  1 
ATOM   972  N N   . GLU B 1 53 ? -1.268  -2.696  -5.476  1.00 11.68  ? 592  GLU B N   1 
ATOM   973  C CA  . GLU B 1 53 ? -2.261  -1.656  -5.231  1.00 10.67  ? 592  GLU B CA  1 
ATOM   974  C C   . GLU B 1 53 ? -1.950  -0.420  -6.080  1.00 11.06  ? 592  GLU B C   1 
ATOM   975  O O   . GLU B 1 53 ? -2.855  0.201   -6.616  1.00 12.01  ? 592  GLU B O   1 
ATOM   976  C CB  . GLU B 1 53 ? -2.379  -1.302  -3.737  1.00 12.76  ? 592  GLU B CB  1 
ATOM   977  C CG  . GLU B 1 53 ? -3.235  -0.052  -3.407  1.00 11.50  ? 592  GLU B CG  1 
ATOM   978  C CD  . GLU B 1 53 ? -4.719  -0.179  -3.796  1.00 16.66  ? 592  GLU B CD  1 
ATOM   979  O OE1 . GLU B 1 53 ? -5.171  -1.301  -4.102  1.00 18.60  ? 592  GLU B OE1 1 
ATOM   980  O OE2 . GLU B 1 53 ? -5.444  0.843   -3.791  1.00 18.47  ? 592  GLU B OE2 1 
ATOM   981  N N   . LEU B 1 54 ? -0.669  -0.090  -6.230  1.00 10.06  ? 593  LEU B N   1 
ATOM   982  C CA  . LEU B 1 54 ? -0.272  1.049   -7.070  1.00 9.14   ? 593  LEU B CA  1 
ATOM   983  C C   . LEU B 1 54 ? -0.669  0.820   -8.528  1.00 14.13  ? 593  LEU B C   1 
ATOM   984  O O   . LEU B 1 54 ? -1.140  1.730   -9.199  1.00 10.40  ? 593  LEU B O   1 
ATOM   985  C CB  . LEU B 1 54 ? 1.227   1.334   -6.940  1.00 6.71   ? 593  LEU B CB  1 
ATOM   986  C CG  . LEU B 1 54 ? 1.648   1.867   -5.566  1.00 8.25   ? 593  LEU B CG  1 
ATOM   987  C CD1 . LEU B 1 54 ? 3.156   1.939   -5.424  1.00 9.98   ? 593  LEU B CD1 1 
ATOM   988  C CD2 . LEU B 1 54 ? 1.017   3.225   -5.305  1.00 10.11  ? 593  LEU B CD2 1 
ATOM   989  N N   . LEU B 1 55 ? -0.486  -0.405  -9.012  1.00 12.83  ? 594  LEU B N   1 
ATOM   990  C CA  . LEU B 1 55 ? -0.883  -0.743  -10.372 1.00 11.48  ? 594  LEU B CA  1 
ATOM   991  C C   . LEU B 1 55 ? -2.396  -0.611  -10.540 1.00 12.91  ? 594  LEU B C   1 
ATOM   992  O O   . LEU B 1 55 ? -2.876  -0.084  -11.543 1.00 13.48  ? 594  LEU B O   1 
ATOM   993  C CB  . LEU B 1 55 ? -0.409  -2.156  -10.731 1.00 12.55  ? 594  LEU B CB  1 
ATOM   994  C CG  . LEU B 1 55 ? -0.525  -2.537  -12.205 1.00 24.00  ? 594  LEU B CG  1 
ATOM   995  C CD1 . LEU B 1 55 ? 0.222   -1.538  -13.077 1.00 16.58  ? 594  LEU B CD1 1 
ATOM   996  C CD2 . LEU B 1 55 ? -0.002  -3.948  -12.402 1.00 18.53  ? 594  LEU B CD2 1 
ATOM   997  N N   . HIS B 1 56 ? -3.152  -1.073  -9.547  1.00 12.57  ? 595  HIS B N   1 
ATOM   998  C CA  . HIS B 1 56 ? -4.595  -0.886  -9.582  1.00 11.55  ? 595  HIS B CA  1 
ATOM   999  C C   . HIS B 1 56 ? -4.991  0.597   -9.651  1.00 12.18  ? 595  HIS B C   1 
ATOM   1000 O O   . HIS B 1 56 ? -5.909  0.972   -10.389 1.00 12.76  ? 595  HIS B O   1 
ATOM   1001 C CB  . HIS B 1 56 ? -5.281  -1.558  -8.393  1.00 18.66  ? 595  HIS B CB  1 
ATOM   1002 C CG  . HIS B 1 56 ? -6.724  -1.168  -8.249  1.00 21.22  ? 595  HIS B CG  1 
ATOM   1003 N ND1 . HIS B 1 56 ? -7.666  -1.424  -9.224  1.00 23.55  ? 595  HIS B ND1 1 
ATOM   1004 C CD2 . HIS B 1 56 ? -7.381  -0.522  -7.254  1.00 25.62  ? 595  HIS B CD2 1 
ATOM   1005 C CE1 . HIS B 1 56 ? -8.841  -0.959  -8.836  1.00 22.37  ? 595  HIS B CE1 1 
ATOM   1006 N NE2 . HIS B 1 56 ? -8.696  -0.410  -7.641  1.00 24.25  ? 595  HIS B NE2 1 
ATOM   1007 N N   . MET B 1 57 ? -4.309  1.432   -8.871  1.00 10.73  ? 596  MET B N   1 
ATOM   1008 C CA  . MET B 1 57 ? -4.537  2.884   -8.884  1.00 10.81  ? 596  MET B CA  1 
ATOM   1009 C C   . MET B 1 57 ? -4.281  3.490   -10.267 1.00 9.43   ? 596  MET B C   1 
ATOM   1010 O O   . MET B 1 57 ? -4.991  4.395   -10.714 1.00 12.40  ? 596  MET B O   1 
ATOM   1011 C CB  . MET B 1 57 ? -3.674  3.568   -7.807  1.00 12.23  ? 596  MET B CB  1 
ATOM   1012 C CG  . MET B 1 57 ? -4.109  3.225   -6.372  1.00 13.81  ? 596  MET B CG  1 
ATOM   1013 S SD  . MET B 1 57 ? -2.795  3.385   -5.128  1.00 14.10  ? 596  MET B SD  1 
ATOM   1014 C CE  . MET B 1 57 ? -2.309  5.078   -5.400  1.00 10.13  ? 596  MET B CE  1 
ATOM   1015 N N   . LEU B 1 58 ? -3.268  2.966   -10.953 1.00 11.49  ? 597  LEU B N   1 
ATOM   1016 C CA  . LEU B 1 58 ? -2.960  3.407   -12.309 1.00 12.64  ? 597  LEU B CA  1 
ATOM   1017 C C   . LEU B 1 58 ? -4.030  2.974   -13.303 1.00 14.00  ? 597  LEU B C   1 
ATOM   1018 O O   . LEU B 1 58 ? -4.184  3.579   -14.362 1.00 16.14  ? 597  LEU B O   1 
ATOM   1019 C CB  . LEU B 1 58 ? -1.596  2.871   -12.750 1.00 14.93  ? 597  LEU B CB  1 
ATOM   1020 C CG  . LEU B 1 58 ? -0.387  3.606   -12.178 1.00 12.37  ? 597  LEU B CG  1 
ATOM   1021 C CD1 . LEU B 1 58 ? 0.898   2.935   -12.636 1.00 12.69  ? 597  LEU B CD1 1 
ATOM   1022 C CD2 . LEU B 1 58 ? -0.411  5.061   -12.603 1.00 13.78  ? 597  LEU B CD2 1 
ATOM   1023 N N   . GLU B 1 59 ? -4.759  1.918   -12.954 1.00 13.03  ? 598  GLU B N   1 
ATOM   1024 C CA  . GLU B 1 59 ? -5.793  1.369   -13.828 1.00 15.49  ? 598  GLU B CA  1 
ATOM   1025 C C   . GLU B 1 59 ? -7.171  1.942   -13.530 1.00 19.09  ? 598  GLU B C   1 
ATOM   1026 O O   . GLU B 1 59 ? -8.094  1.774   -14.323 1.00 17.98  ? 598  GLU B O   1 
ATOM   1027 C CB  . GLU B 1 59 ? -5.813  -0.160  -13.712 1.00 19.18  ? 598  GLU B CB  1 
ATOM   1028 C CG  . GLU B 1 59 ? -4.552  -0.817  -14.261 1.00 20.39  ? 598  GLU B CG  1 
ATOM   1029 C CD  . GLU B 1 59 ? -4.300  -2.203  -13.691 1.00 35.22  ? 598  GLU B CD  1 
ATOM   1030 O OE1 . GLU B 1 59 ? -5.144  -2.702  -12.915 1.00 32.35  ? 598  GLU B OE1 1 
ATOM   1031 O OE2 . GLU B 1 59 ? -3.250  -2.796  -14.017 1.00 42.61  ? 598  GLU B OE2 1 
ATOM   1032 N N   . SER B 1 60 ? -7.294  2.624   -12.391 1.00 13.60  ? 599  SER B N   1 
ATOM   1033 C CA  . SER B 1 60 ? -8.566  3.165   -11.926 1.00 12.04  ? 599  SER B CA  1 
ATOM   1034 C C   . SER B 1 60 ? -8.430  4.590   -11.407 1.00 11.82  ? 599  SER B C   1 
ATOM   1035 O O   . SER B 1 60 ? -8.054  4.794   -10.259 1.00 12.20  ? 599  SER B O   1 
ATOM   1036 C CB  . SER B 1 60 ? -9.105  2.282   -10.812 1.00 16.44  ? 599  SER B CB  1 
ATOM   1037 O OG  . SER B 1 60 ? -10.227 2.881   -10.203 1.00 20.30  ? 599  SER B OG  1 
ATOM   1038 N N   . PRO B 1 61 ? -8.731  5.587   -12.253 1.00 16.74  ? 600  PRO B N   1 
ATOM   1039 C CA  . PRO B 1 61 ? -8.637  7.001   -11.866 1.00 18.52  ? 600  PRO B CA  1 
ATOM   1040 C C   . PRO B 1 61 ? -9.324  7.316   -10.532 1.00 16.03  ? 600  PRO B C   1 
ATOM   1041 O O   . PRO B 1 61 ? -8.812  8.118   -9.745  1.00 14.89  ? 600  PRO B O   1 
ATOM   1042 C CB  . PRO B 1 61 ? -9.338  7.717   -13.021 1.00 15.93  ? 600  PRO B CB  1 
ATOM   1043 C CG  . PRO B 1 61 ? -9.049  6.846   -14.198 1.00 14.42  ? 600  PRO B CG  1 
ATOM   1044 C CD  . PRO B 1 61 ? -9.032  5.431   -13.688 1.00 14.22  ? 600  PRO B CD  1 
ATOM   1045 N N   . GLU B 1 62 ? -10.462 6.684   -10.277 1.00 15.37  ? 601  GLU B N   1 
ATOM   1046 C CA  . GLU B 1 62 ? -11.173 6.865   -9.019  1.00 17.28  ? 601  GLU B CA  1 
ATOM   1047 C C   . GLU B 1 62 ? -10.320 6.417   -7.833  1.00 12.58  ? 601  GLU B C   1 
ATOM   1048 O O   . GLU B 1 62 ? -10.274 7.081   -6.791  1.00 15.17  ? 601  GLU B O   1 
ATOM   1049 C CB  . GLU B 1 62 ? -12.481 6.078   -9.061  1.00 18.84  ? 601  GLU B CB  1 
ATOM   1050 C CG  . GLU B 1 62 ? -13.148 5.866   -7.723  1.00 58.78  ? 601  GLU B CG  1 
ATOM   1051 C CD  . GLU B 1 62 ? -14.484 5.156   -7.864  1.00 80.91  ? 601  GLU B CD  1 
ATOM   1052 O OE1 . GLU B 1 62 ? -15.015 5.105   -8.996  1.00 57.58  ? 601  GLU B OE1 1 
ATOM   1053 O OE2 . GLU B 1 62 ? -15.004 4.652   -6.846  1.00 100.24 ? 601  GLU B OE2 1 
ATOM   1054 N N   . SER B 1 63 ? -9.640  5.285   -7.992  1.00 11.49  ? 602  SER B N   1 
ATOM   1055 C CA  A SER B 1 63 ? -8.781  4.762   -6.937  0.50 13.03  ? 602  SER B CA  1 
ATOM   1056 C CA  B SER B 1 63 ? -8.772  4.760   -6.938  0.50 13.04  ? 602  SER B CA  1 
ATOM   1057 C C   . SER B 1 63 ? -7.569  5.663   -6.681  1.00 14.10  ? 602  SER B C   1 
ATOM   1058 O O   . SER B 1 63 ? -7.206  5.909   -5.535  1.00 13.60  ? 602  SER B O   1 
ATOM   1059 C CB  A SER B 1 63 ? -8.335  3.335   -7.271  0.50 14.12  ? 602  SER B CB  1 
ATOM   1060 C CB  B SER B 1 63 ? -8.294  3.345   -7.272  0.50 14.11  ? 602  SER B CB  1 
ATOM   1061 O OG  A SER B 1 63 ? -9.457  2.470   -7.385  0.50 14.95  ? 602  SER B OG  1 
ATOM   1062 O OG  B SER B 1 63 ? -7.398  2.872   -6.279  0.50 15.52  ? 602  SER B OG  1 
ATOM   1063 N N   . LEU B 1 64 ? -6.944  6.161   -7.747  1.00 11.12  ? 603  LEU B N   1 
ATOM   1064 C CA  . LEU B 1 64 ? -5.806  7.069   -7.574  1.00 12.54  ? 603  LEU B CA  1 
ATOM   1065 C C   . LEU B 1 64 ? -6.200  8.394   -6.903  1.00 15.49  ? 603  LEU B C   1 
ATOM   1066 O O   . LEU B 1 64 ? -5.505  8.880   -6.004  1.00 13.31  ? 603  LEU B O   1 
ATOM   1067 C CB  . LEU B 1 64 ? -5.106  7.342   -8.904  1.00 10.70  ? 603  LEU B CB  1 
ATOM   1068 C CG  . LEU B 1 64 ? -3.890  8.271   -8.824  1.00 10.77  ? 603  LEU B CG  1 
ATOM   1069 C CD1 . LEU B 1 64 ? -2.800  7.702   -7.916  1.00 11.05  ? 603  LEU B CD1 1 
ATOM   1070 C CD2 . LEU B 1 64 ? -3.339  8.520   -10.205 1.00 13.06  ? 603  LEU B CD2 1 
ATOM   1071 N N   . ARG B 1 65 ? -7.313  8.975   -7.341  1.00 14.39  ? 604  ARG B N   1 
ATOM   1072 C CA  . ARG B 1 65 ? -7.795  10.226  -6.769  1.00 10.51  ? 604  ARG B CA  1 
ATOM   1073 C C   . ARG B 1 65 ? -8.021  10.077  -5.258  1.00 11.80  ? 604  ARG B C   1 
ATOM   1074 O O   . ARG B 1 65 ? -7.607  10.928  -4.474  1.00 13.96  ? 604  ARG B O   1 
ATOM   1075 C CB  . ARG B 1 65 ? -9.082  10.651  -7.474  1.00 16.20  ? 604  ARG B CB  1 
ATOM   1076 C CG  . ARG B 1 65 ? -9.674  11.941  -6.961  1.00 19.27  ? 604  ARG B CG  1 
ATOM   1077 C CD  . ARG B 1 65 ? -8.627  13.048  -6.853  1.00 28.48  ? 604  ARG B CD  1 
ATOM   1078 N NE  . ARG B 1 65 ? -9.240  14.302  -6.418  1.00 45.49  ? 604  ARG B NE  1 
ATOM   1079 C CZ  . ARG B 1 65 ? -9.936  15.102  -7.219  1.00 51.18  ? 604  ARG B CZ  1 
ATOM   1080 N NH1 . ARG B 1 65 ? -10.097 14.779  -8.496  1.00 43.84  ? 604  ARG B NH1 1 
ATOM   1081 N NH2 . ARG B 1 65 ? -10.468 16.224  -6.749  1.00 39.37  ? 604  ARG B NH2 1 
ATOM   1082 N N   . SER B 1 66 ? -8.658  8.981   -4.851  1.00 12.51  ? 605  SER B N   1 
ATOM   1083 C CA  . SER B 1 66 ? -8.936  8.748   -3.442  1.00 12.26  ? 605  SER B CA  1 
ATOM   1084 C C   . SER B 1 66 ? -7.661  8.716   -2.609  1.00 13.35  ? 605  SER B C   1 
ATOM   1085 O O   . SER B 1 66 ? -7.602  9.319   -1.531  1.00 13.89  ? 605  SER B O   1 
ATOM   1086 C CB  . SER B 1 66 ? -9.703  7.442   -3.257  1.00 16.40  ? 605  SER B CB  1 
ATOM   1087 O OG  . SER B 1 66 ? -10.217 7.355   -1.941  1.00 26.44  ? 605  SER B OG  1 
ATOM   1088 N N   . LYS B 1 67 ? -6.645  8.006   -3.098  1.00 13.59  ? 606  LYS B N   1 
ATOM   1089 C CA  A LYS B 1 67 ? -5.375  7.920   -2.375  0.37 12.22  ? 606  LYS B CA  1 
ATOM   1090 C CA  B LYS B 1 67 ? -5.354  7.903   -2.420  0.63 12.20  ? 606  LYS B CA  1 
ATOM   1091 C C   . LYS B 1 67 ? -4.638  9.248   -2.380  1.00 10.15  ? 606  LYS B C   1 
ATOM   1092 O O   . LYS B 1 67 ? -4.040  9.623   -1.370  1.00 13.30  ? 606  LYS B O   1 
ATOM   1093 C CB  A LYS B 1 67 ? -4.470  6.810   -2.924  0.37 15.12  ? 606  LYS B CB  1 
ATOM   1094 C CB  B LYS B 1 67 ? -4.461  6.886   -3.137  0.63 14.99  ? 606  LYS B CB  1 
ATOM   1095 C CG  A LYS B 1 67 ? -4.868  5.416   -2.483  0.37 17.92  ? 606  LYS B CG  1 
ATOM   1096 C CG  B LYS B 1 67 ? -4.910  5.449   -2.992  0.63 16.76  ? 606  LYS B CG  1 
ATOM   1097 C CD  A LYS B 1 67 ? -5.992  4.911   -3.353  0.37 16.71  ? 606  LYS B CD  1 
ATOM   1098 C CD  B LYS B 1 67 ? -4.398  4.849   -1.696  0.63 12.30  ? 606  LYS B CD  1 
ATOM   1099 C CE  A LYS B 1 67 ? -6.849  3.868   -2.664  0.37 19.17  ? 606  LYS B CE  1 
ATOM   1100 C CE  B LYS B 1 67 ? -4.714  3.358   -1.621  0.63 13.70  ? 606  LYS B CE  1 
ATOM   1101 N NZ  A LYS B 1 67 ? -8.092  3.628   -3.453  0.37 14.61  ? 606  LYS B NZ  1 
ATOM   1102 N NZ  B LYS B 1 67 ? -6.176  3.079   -1.538  0.63 12.18  ? 606  LYS B NZ  1 
ATOM   1103 N N   . VAL B 1 68 ? -4.684  9.958   -3.501  1.00 9.10   ? 607  VAL B N   1 
ATOM   1104 C CA  . VAL B 1 68 ? -4.061  11.271  -3.571  1.00 8.76   ? 607  VAL B CA  1 
ATOM   1105 C C   . VAL B 1 68 ? -4.705  12.186  -2.539  1.00 10.10  ? 607  VAL B C   1 
ATOM   1106 O O   . VAL B 1 68 ? -4.015  12.913  -1.831  1.00 12.95  ? 607  VAL B O   1 
ATOM   1107 C CB  . VAL B 1 68 ? -4.140  11.888  -4.986  1.00 9.49   ? 607  VAL B CB  1 
ATOM   1108 C CG1 . VAL B 1 68 ? -3.787  13.376  -4.955  1.00 10.19  ? 607  VAL B CG1 1 
ATOM   1109 C CG2 . VAL B 1 68 ? -3.228  11.131  -5.942  1.00 10.64  ? 607  VAL B CG2 1 
ATOM   1110 N N   . ASP B 1 69 ? -6.025  12.117  -2.435  1.00 13.04  ? 608  ASP B N   1 
ATOM   1111 C CA  . ASP B 1 69 ? -6.747  12.990  -1.517  1.00 15.65  ? 608  ASP B CA  1 
ATOM   1112 C C   . ASP B 1 69 ? -6.314  12.749  -0.065  1.00 16.80  ? 608  ASP B C   1 
ATOM   1113 O O   . ASP B 1 69 ? -6.120  13.703  0.696   1.00 17.93  ? 608  ASP B O   1 
ATOM   1114 C CB  . ASP B 1 69 ? -8.263  12.839  -1.698  1.00 18.27  ? 608  ASP B CB  1 
ATOM   1115 C CG  . ASP B 1 69 ? -8.777  13.559  -2.937  1.00 26.24  ? 608  ASP B CG  1 
ATOM   1116 O OD1 . ASP B 1 69 ? -7.976  14.253  -3.597  1.00 28.52  ? 608  ASP B OD1 1 
ATOM   1117 O OD2 . ASP B 1 69 ? -9.980  13.434  -3.254  1.00 29.65  ? 608  ASP B OD2 1 
ATOM   1118 N N   . GLU B 1 70 ? -6.136  11.483  0.312   1.00 12.49  ? 609  GLU B N   1 
ATOM   1119 C CA  . GLU B 1 70 ? -5.668  11.149  1.662   1.00 16.91  ? 609  GLU B CA  1 
ATOM   1120 C C   . GLU B 1 70 ? -4.255  11.642  1.922   1.00 17.60  ? 609  GLU B C   1 
ATOM   1121 O O   . GLU B 1 70 ? -3.952  12.159  3.003   1.00 15.87  ? 609  GLU B O   1 
ATOM   1122 C CB  . GLU B 1 70 ? -5.656  9.645   1.888   1.00 19.39  ? 609  GLU B CB  1 
ATOM   1123 C CG  . GLU B 1 70 ? -6.937  8.943   1.636   1.00 29.25  ? 609  GLU B CG  1 
ATOM   1124 C CD  . GLU B 1 70 ? -6.763  7.464   1.837   1.00 38.78  ? 609  GLU B CD  1 
ATOM   1125 O OE1 . GLU B 1 70 ? -5.788  7.078   2.521   1.00 31.63  ? 609  GLU B OE1 1 
ATOM   1126 O OE2 . GLU B 1 70 ? -7.584  6.693   1.307   1.00 45.29  ? 609  GLU B OE2 1 
ATOM   1127 N N   . ALA B 1 71 ? -3.376  11.437  0.941   1.00 16.08  ? 610  ALA B N   1 
ATOM   1128 C CA  . ALA B 1 71 ? -1.990  11.859  1.074   1.00 13.91  ? 610  ALA B CA  1 
ATOM   1129 C C   . ALA B 1 71 ? -1.909  13.380  1.252   1.00 13.57  ? 610  ALA B C   1 
ATOM   1130 O O   . ALA B 1 71 ? -1.155  13.870  2.085   1.00 14.70  ? 610  ALA B O   1 
ATOM   1131 C CB  . ALA B 1 71 ? -1.163  11.394  -0.130  1.00 14.68  ? 610  ALA B CB  1 
ATOM   1132 N N   . VAL B 1 72 ? -2.704  14.123  0.487   1.00 12.86  ? 611  VAL B N   1 
ATOM   1133 C CA  . VAL B 1 72 ? -2.715  15.582  0.596   1.00 12.32  ? 611  VAL B CA  1 
ATOM   1134 C C   . VAL B 1 72 ? -3.212  16.046  1.958   1.00 14.07  ? 611  VAL B C   1 
ATOM   1135 O O   . VAL B 1 72 ? -2.602  16.902  2.584   1.00 15.87  ? 611  VAL B O   1 
ATOM   1136 C CB  . VAL B 1 72 ? -3.586  16.237  -0.477  1.00 16.08  ? 611  VAL B CB  1 
ATOM   1137 C CG1 . VAL B 1 72 ? -3.765  17.717  -0.155  1.00 14.67  ? 611  VAL B CG1 1 
ATOM   1138 C CG2 . VAL B 1 72 ? -2.960  16.060  -1.848  1.00 15.57  ? 611  VAL B CG2 1 
ATOM   1139 N N   . ALA B 1 73 ? -4.322  15.472  2.411   1.00 16.81  ? 612  ALA B N   1 
ATOM   1140 C CA  . ALA B 1 73 ? -4.846  15.785  3.735   1.00 17.76  ? 612  ALA B CA  1 
ATOM   1141 C C   . ALA B 1 73 ? -3.785  15.595  4.819   1.00 15.28  ? 612  ALA B C   1 
ATOM   1142 O O   . ALA B 1 73 ? -3.624  16.447  5.682   1.00 16.57  ? 612  ALA B O   1 
ATOM   1143 C CB  . ALA B 1 73 ? -6.084  14.952  4.031   1.00 14.98  ? 612  ALA B CB  1 
ATOM   1144 N N   . VAL B 1 74 ? -3.059  14.481  4.760   1.00 14.74  ? 613  VAL B N   1 
ATOM   1145 C CA  . VAL B 1 74 ? -1.939  14.216  5.668   1.00 16.61  ? 613  VAL B CA  1 
ATOM   1146 C C   . VAL B 1 74 ? -0.828  15.262  5.571   1.00 19.58  ? 613  VAL B C   1 
ATOM   1147 O O   . VAL B 1 74 ? -0.346  15.765  6.586   1.00 23.50  ? 613  VAL B O   1 
ATOM   1148 C CB  . VAL B 1 74 ? -1.334  12.813  5.411   1.00 20.92  ? 613  VAL B CB  1 
ATOM   1149 C CG1 . VAL B 1 74 ? -0.012  12.642  6.160   1.00 23.81  ? 613  VAL B CG1 1 
ATOM   1150 C CG2 . VAL B 1 74 ? -2.341  11.719  5.788   1.00 23.25  ? 613  VAL B CG2 1 
ATOM   1151 N N   . LEU B 1 75 ? -0.415  15.579  4.346   1.00 17.16  ? 614  LEU B N   1 
ATOM   1152 C CA  . LEU B 1 75 ? 0.633   16.576  4.117   1.00 19.61  ? 614  LEU B CA  1 
ATOM   1153 C C   . LEU B 1 75 ? 0.216   17.962  4.575   1.00 21.72  ? 614  LEU B C   1 
ATOM   1154 O O   . LEU B 1 75 ? 1.016   18.700  5.136   1.00 26.19  ? 614  LEU B O   1 
ATOM   1155 C CB  . LEU B 1 75 ? 1.006   16.650  2.631   1.00 19.56  ? 614  LEU B CB  1 
ATOM   1156 C CG  . LEU B 1 75 ? 1.903   15.555  2.075   1.00 21.62  ? 614  LEU B CG  1 
ATOM   1157 C CD1 . LEU B 1 75 ? 1.876   15.617  0.563   1.00 16.22  ? 614  LEU B CD1 1 
ATOM   1158 C CD2 . LEU B 1 75 ? 3.312   15.720  2.610   1.00 21.01  ? 614  LEU B CD2 1 
ATOM   1159 N N   . GLN B 1 76 ? -1.036  18.319  4.315   1.00 21.60  ? 615  GLN B N   1 
ATOM   1160 C CA  . GLN B 1 76 ? -1.528  19.634  4.690   1.00 20.63  ? 615  GLN B CA  1 
ATOM   1161 C C   . GLN B 1 76 ? -1.598  19.797  6.201   1.00 25.36  ? 615  GLN B C   1 
ATOM   1162 O O   . GLN B 1 76 ? -1.309  20.870  6.721   1.00 39.46  ? 615  GLN B O   1 
ATOM   1163 C CB  . GLN B 1 76 ? -2.872  19.905  4.034   1.00 20.33  ? 615  GLN B CB  1 
ATOM   1164 C CG  . GLN B 1 76 ? -2.757  20.023  2.540   1.00 24.48  ? 615  GLN B CG  1 
ATOM   1165 C CD  . GLN B 1 76 ? -4.081  20.276  1.878   1.00 29.59  ? 615  GLN B CD  1 
ATOM   1166 O OE1 . GLN B 1 76 ? -5.132  19.898  2.395   1.00 30.38  ? 615  GLN B OE1 1 
ATOM   1167 N NE2 . GLN B 1 76 ? -4.041  20.914  0.714   1.00 41.48  ? 615  GLN B NE2 1 
ATOM   1168 N N   . ALA B 1 77 ? -1.954  18.729  6.909   1.00 30.37  ? 616  ALA B N   1 
ATOM   1169 C CA  . ALA B 1 77 ? -1.981  18.769  8.371   1.00 32.57  ? 616  ALA B CA  1 
ATOM   1170 C C   . ALA B 1 77 ? -0.575  18.968  8.946   1.00 36.17  ? 616  ALA B C   1 
ATOM   1171 O O   . ALA B 1 77 ? -0.395  19.691  9.926   1.00 37.79  ? 616  ALA B O   1 
ATOM   1172 C CB  . ALA B 1 77 ? -2.637  17.506  8.945   1.00 19.89  ? 616  ALA B CB  1 
ATOM   1173 N N   . HIS B 1 78 ? 0.418   18.333  8.327   1.00 30.89  ? 617  HIS B N   1 
ATOM   1174 C CA  . HIS B 1 78 ? 1.813   18.486  8.738   1.00 29.19  ? 617  HIS B CA  1 
ATOM   1175 C C   . HIS B 1 78 ? 2.405   19.862  8.414   1.00 36.96  ? 617  HIS B C   1 
ATOM   1176 O O   . HIS B 1 78 ? 3.303   20.334  9.115   1.00 66.20  ? 617  HIS B O   1 
ATOM   1177 C CB  . HIS B 1 78 ? 2.684   17.405  8.095   1.00 32.10  ? 617  HIS B CB  1 
ATOM   1178 C CG  . HIS B 1 78 ? 2.814   16.162  8.918   1.00 43.82  ? 617  HIS B CG  1 
ATOM   1179 N ND1 . HIS B 1 78 ? 3.912   15.912  9.712   1.00 54.70  ? 617  HIS B ND1 1 
ATOM   1180 C CD2 . HIS B 1 78 ? 1.989   15.101  9.070   1.00 44.95  ? 617  HIS B CD2 1 
ATOM   1181 C CE1 . HIS B 1 78 ? 3.757   14.747  10.318  1.00 63.17  ? 617  HIS B CE1 1 
ATOM   1182 N NE2 . HIS B 1 78 ? 2.597   14.234  9.946   1.00 57.05  ? 617  HIS B NE2 1 
ATOM   1183 N N   . GLN B 1 79 ? 1.913   20.493  7.350   1.00 33.50  ? 618  GLN B N   1 
ATOM   1184 C CA  . GLN B 1 79 ? 2.481   21.751  6.852   1.00 35.25  ? 618  GLN B CA  1 
ATOM   1185 C C   . GLN B 1 79 ? 1.687   22.972  7.322   1.00 47.94  ? 618  GLN B C   1 
ATOM   1186 O O   . GLN B 1 79 ? 0.614   22.843  7.922   1.00 44.16  ? 618  GLN B O   1 
ATOM   1187 C CB  . GLN B 1 79 ? 2.573   21.739  5.315   1.00 44.34  ? 618  GLN B CB  1 
ATOM   1188 C CG  . GLN B 1 79 ? 3.445   20.615  4.742   1.00 45.74  ? 618  GLN B CG  1 
ATOM   1189 C CD  . GLN B 1 79 ? 3.485   20.599  3.216   1.00 44.67  ? 618  GLN B CD  1 
ATOM   1190 O OE1 . GLN B 1 79 ? 2.678   21.255  2.547   1.00 27.77  ? 618  GLN B OE1 1 
ATOM   1191 N NE2 . GLN B 1 79 ? 4.431   19.842  2.660   1.00 38.40  ? 618  GLN B NE2 1 
ATOM   1192 N N   . TRP C 2 4  ? 1.238   8.144   7.383   1.00 27.66  ? 1385 TRP C N   1 
ATOM   1193 C CA  . TRP C 2 4  ? 0.458   7.562   6.296   1.00 20.08  ? 1385 TRP C CA  1 
ATOM   1194 C C   . TRP C 2 4  ? 1.264   6.481   5.578   1.00 23.59  ? 1385 TRP C C   1 
ATOM   1195 O O   . TRP C 2 4  ? 2.442   6.680   5.293   1.00 33.54  ? 1385 TRP C O   1 
ATOM   1196 C CB  . TRP C 2 4  ? 0.014   8.642   5.303   1.00 21.04  ? 1385 TRP C CB  1 
ATOM   1197 C CG  . TRP C 2 4  ? -1.079  8.180   4.407   1.00 18.45  ? 1385 TRP C CG  1 
ATOM   1198 C CD1 . TRP C 2 4  ? -2.416  8.318   4.619   1.00 22.35  ? 1385 TRP C CD1 1 
ATOM   1199 C CD2 . TRP C 2 4  ? -0.934  7.472   3.171   1.00 19.38  ? 1385 TRP C CD2 1 
ATOM   1200 N NE1 . TRP C 2 4  ? -3.121  7.747   3.587   1.00 25.52  ? 1385 TRP C NE1 1 
ATOM   1201 C CE2 . TRP C 2 4  ? -2.238  7.222   2.684   1.00 19.19  ? 1385 TRP C CE2 1 
ATOM   1202 C CE3 . TRP C 2 4  ? 0.161   7.025   2.423   1.00 18.81  ? 1385 TRP C CE3 1 
ATOM   1203 C CZ2 . TRP C 2 4  ? -2.470  6.550   1.488   1.00 18.39  ? 1385 TRP C CZ2 1 
ATOM   1204 C CZ3 . TRP C 2 4  ? -0.073  6.357   1.232   1.00 23.41  ? 1385 TRP C CZ3 1 
ATOM   1205 C CH2 . TRP C 2 4  ? -1.379  6.126   0.778   1.00 25.42  ? 1385 TRP C CH2 1 
ATOM   1206 N N   . PRO C 2 5  ? 0.642   5.320   5.300   1.00 17.77  ? 1386 PRO C N   1 
ATOM   1207 C CA  . PRO C 2 5  ? -0.717  4.908   5.685   1.00 20.18  ? 1386 PRO C CA  1 
ATOM   1208 C C   . PRO C 2 5  ? -0.899  4.849   7.198   1.00 13.36  ? 1386 PRO C C   1 
ATOM   1209 O O   . PRO C 2 5  ? 0.074   4.574   7.905   1.00 14.27  ? 1386 PRO C O   1 
ATOM   1210 C CB  . PRO C 2 5  ? -0.829  3.494   5.107   1.00 18.30  ? 1386 PRO C CB  1 
ATOM   1211 C CG  . PRO C 2 5  ? 0.130   3.471   3.984   1.00 21.31  ? 1386 PRO C CG  1 
ATOM   1212 C CD  . PRO C 2 5  ? 1.280   4.333   4.414   1.00 18.28  ? 1386 PRO C CD  1 
ATOM   1213 N N   . PRO C 2 6  ? -2.133  5.089   7.684   1.00 15.08  ? 1387 PRO C N   1 
ATOM   1214 C CA  . PRO C 2 6  ? -2.390  5.087   9.130   1.00 18.60  ? 1387 PRO C CA  1 
ATOM   1215 C C   . PRO C 2 6  ? -2.029  3.745   9.769   1.00 13.40  ? 1387 PRO C C   1 
ATOM   1216 O O   . PRO C 2 6  ? -2.267  2.685   9.194   1.00 15.68  ? 1387 PRO C O   1 
ATOM   1217 C CB  . PRO C 2 6  ? -3.904  5.317   9.219   1.00 18.16  ? 1387 PRO C CB  1 
ATOM   1218 C CG  . PRO C 2 6  ? -4.270  5.967   7.942   1.00 21.70  ? 1387 PRO C CG  1 
ATOM   1219 C CD  . PRO C 2 6  ? -3.349  5.393   6.910   1.00 18.46  ? 1387 PRO C CD  1 
ATOM   1220 N N   . GLU C 2 7  ? -1.448  3.788   10.955  1.00 13.80  ? 1388 GLU C N   1 
ATOM   1221 C CA  . GLU C 2 7  ? -1.111  2.559   11.646  1.00 11.41  ? 1388 GLU C CA  1 
ATOM   1222 C C   . GLU C 2 7  ? -2.381  1.827   12.024  1.00 14.52  ? 1388 GLU C C   1 
ATOM   1223 O O   . GLU C 2 7  ? -3.454  2.434   12.146  1.00 14.67  ? 1388 GLU C O   1 
ATOM   1224 C CB  . GLU C 2 7  ? -0.308  2.858   12.908  1.00 15.27  ? 1388 GLU C CB  1 
ATOM   1225 C CG  . GLU C 2 7  ? 1.029   3.518   12.638  1.00 17.60  ? 1388 GLU C CG  1 
ATOM   1226 C CD  . GLU C 2 7  ? 1.874   3.625   13.886  1.00 34.07  ? 1388 GLU C CD  1 
ATOM   1227 O OE1 . GLU C 2 7  ? 1.510   2.992   14.902  1.00 34.99  ? 1388 GLU C OE1 1 
ATOM   1228 O OE2 . GLU C 2 7  ? 2.905   4.333   13.848  1.00 27.58  ? 1388 GLU C OE2 1 
ATOM   1229 N N   . PHE C 2 8  ? -2.247  0.520   12.215  1.00 10.08  ? 1389 PHE C N   1 
ATOM   1230 C CA  . PHE C 2 8  ? -3.333  -0.284  12.745  1.00 8.53   ? 1389 PHE C CA  1 
ATOM   1231 C C   . PHE C 2 8  ? -3.027  -0.722  14.164  1.00 13.84  ? 1389 PHE C C   1 
ATOM   1232 O O   . PHE C 2 8  ? -1.957  -1.250  14.436  1.00 11.38  ? 1389 PHE C O   1 
ATOM   1233 C CB  . PHE C 2 8  ? -3.565  -1.529  11.899  1.00 9.36   ? 1389 PHE C CB  1 
ATOM   1234 C CG  . PHE C 2 8  ? -4.714  -2.365  12.383  1.00 10.13  ? 1389 PHE C CG  1 
ATOM   1235 C CD1 . PHE C 2 8  ? -6.009  -2.050  12.006  1.00 8.13   ? 1389 PHE C CD1 1 
ATOM   1236 C CD2 . PHE C 2 8  ? -4.512  -3.446  13.235  1.00 11.06  ? 1389 PHE C CD2 1 
ATOM   1237 C CE1 . PHE C 2 8  ? -7.086  -2.790  12.446  1.00 8.96   ? 1389 PHE C CE1 1 
ATOM   1238 C CE2 . PHE C 2 8  ? -5.594  -4.206  13.680  1.00 10.21  ? 1389 PHE C CE2 1 
ATOM   1239 C CZ  . PHE C 2 8  ? -6.882  -3.872  13.286  1.00 9.01   ? 1389 PHE C CZ  1 
ATOM   1240 N N   . HIS C 2 9  ? -3.978  -0.509  15.064  1.00 12.39  ? 1390 HIS C N   1 
ATOM   1241 C CA  . HIS C 2 9  ? -3.855  -0.980  16.440  1.00 12.78  ? 1390 HIS C CA  1 
ATOM   1242 C C   . HIS C 2 9  ? -5.033  -1.904  16.720  1.00 13.12  ? 1390 HIS C C   1 
ATOM   1243 O O   . HIS C 2 9  ? -6.175  -1.543  16.450  1.00 13.53  ? 1390 HIS C O   1 
ATOM   1244 C CB  . HIS C 2 9  ? -3.890  0.197   17.427  1.00 18.49  ? 1390 HIS C CB  1 
ATOM   1245 C CG  . HIS C 2 9  ? -3.046  1.370   17.026  1.00 23.91  ? 1390 HIS C CG  1 
ATOM   1246 N ND1 . HIS C 2 9  ? -1.675  1.389   17.173  1.00 32.37  ? 1390 HIS C ND1 1 
ATOM   1247 C CD2 . HIS C 2 9  ? -3.382  2.573   16.499  1.00 29.30  ? 1390 HIS C CD2 1 
ATOM   1248 C CE1 . HIS C 2 9  ? -1.204  2.549   16.746  1.00 29.82  ? 1390 HIS C CE1 1 
ATOM   1249 N NE2 . HIS C 2 9  ? -2.220  3.283   16.333  1.00 27.35  ? 1390 HIS C NE2 1 
ATOM   1250 N N   . PRO C 2 10 ? -4.776  -3.099  17.262  1.00 11.90  ? 1391 PRO C N   1 
ATOM   1251 C CA  . PRO C 2 10 ? -5.901  -4.014  17.499  1.00 12.71  ? 1391 PRO C CA  1 
ATOM   1252 C C   . PRO C 2 10 ? -7.006  -3.399  18.373  1.00 13.28  ? 1391 PRO C C   1 
ATOM   1253 O O   . PRO C 2 10 ? -6.714  -2.765  19.390  1.00 13.14  ? 1391 PRO C O   1 
ATOM   1254 C CB  . PRO C 2 10 ? -5.255  -5.189  18.238  1.00 16.04  ? 1391 PRO C CB  1 
ATOM   1255 C CG  . PRO C 2 10 ? -3.816  -5.096  17.939  1.00 23.25  ? 1391 PRO C CG  1 
ATOM   1256 C CD  . PRO C 2 10 ? -3.488  -3.662  17.690  1.00 14.92  ? 1391 PRO C CD  1 
ATOM   1257 N N   . GLY C 2 11 ? -8.261  -3.599  17.985  1.00 10.69  ? 1392 GLY C N   1 
ATOM   1258 C CA  . GLY C 2 11 ? -9.386  -3.101  18.761  1.00 11.11  ? 1392 GLY C CA  1 
ATOM   1259 C C   . GLY C 2 11 ? -9.673  -1.618  18.596  1.00 12.71  ? 1392 GLY C C   1 
ATOM   1260 O O   . GLY C 2 11 ? -10.550 -1.067  19.267  1.00 12.44  ? 1392 GLY C O   1 
ATOM   1261 N N   . VAL C 2 12 ? -8.942  -0.972  17.689  1.00 12.20  ? 1393 VAL C N   1 
ATOM   1262 C CA  . VAL C 2 12 ? -9.146  0.444   17.377  1.00 12.60  ? 1393 VAL C CA  1 
ATOM   1263 C C   . VAL C 2 12 ? -9.551  0.571   15.909  1.00 12.06  ? 1393 VAL C C   1 
ATOM   1264 O O   . VAL C 2 12 ? -8.868  0.044   15.034  1.00 13.26  ? 1393 VAL C O   1 
ATOM   1265 C CB  . VAL C 2 12 ? -7.852  1.264   17.613  1.00 18.64  ? 1393 VAL C CB  1 
ATOM   1266 C CG1 . VAL C 2 12 ? -8.086  2.736   17.284  1.00 17.74  ? 1393 VAL C CG1 1 
ATOM   1267 C CG2 . VAL C 2 12 ? -7.359  1.090   19.048  1.00 15.20  ? 1393 VAL C CG2 1 
ATOM   1268 N N   . PRO C 2 13 ? -10.668 1.260   15.624  1.00 11.97  ? 1394 PRO C N   1 
ATOM   1269 C CA  . PRO C 2 13 ? -11.108 1.363   14.228  1.00 13.20  ? 1394 PRO C CA  1 
ATOM   1270 C C   . PRO C 2 13 ? -10.003 1.944   13.348  1.00 14.31  ? 1394 PRO C C   1 
ATOM   1271 O O   . PRO C 2 13 ? -9.458  3.003   13.667  1.00 15.87  ? 1394 PRO C O   1 
ATOM   1272 C CB  . PRO C 2 13 ? -12.286 2.335   14.313  1.00 11.72  ? 1394 PRO C CB  1 
ATOM   1273 C CG  . PRO C 2 13 ? -12.814 2.128   15.702  1.00 12.54  ? 1394 PRO C CG  1 
ATOM   1274 C CD  . PRO C 2 13 ? -11.604 1.918   16.550  1.00 12.81  ? 1394 PRO C CD  1 
ATOM   1275 N N   . TRP C 2 14 ? -9.662  1.249   12.267  1.00 12.81  ? 1395 TRP C N   1 
ATOM   1276 C CA  . TRP C 2 14 ? -8.577  1.693   11.400  1.00 11.10  ? 1395 TRP C CA  1 
ATOM   1277 C C   . TRP C 2 14 ? -8.962  2.997   10.708  1.00 16.16  ? 1395 TRP C C   1 
ATOM   1278 O O   . TRP C 2 14 ? -10.033 3.101   10.096  1.00 15.46  ? 1395 TRP C O   1 
ATOM   1279 C CB  . TRP C 2 14 ? -8.212  0.609   10.377  1.00 10.32  ? 1395 TRP C CB  1 
ATOM   1280 C CG  . TRP C 2 14 ? -7.002  0.942   9.559   1.00 11.44  ? 1395 TRP C CG  1 
ATOM   1281 C CD1 . TRP C 2 14 ? -5.792  1.360   10.024  1.00 11.81  ? 1395 TRP C CD1 1 
ATOM   1282 C CD2 . TRP C 2 14 ? -6.887  0.882   8.135   1.00 10.74  ? 1395 TRP C CD2 1 
ATOM   1283 N NE1 . TRP C 2 14 ? -4.928  1.563   8.980   1.00 11.82  ? 1395 TRP C NE1 1 
ATOM   1284 C CE2 . TRP C 2 14 ? -5.572  1.278   7.807   1.00 10.93  ? 1395 TRP C CE2 1 
ATOM   1285 C CE3 . TRP C 2 14 ? -7.764  0.532   7.101   1.00 12.77  ? 1395 TRP C CE3 1 
ATOM   1286 C CZ2 . TRP C 2 14 ? -5.112  1.332   6.496   1.00 12.16  ? 1395 TRP C CZ2 1 
ATOM   1287 C CZ3 . TRP C 2 14 ? -7.307  0.584   5.793   1.00 14.28  ? 1395 TRP C CZ3 1 
ATOM   1288 C CH2 . TRP C 2 14 ? -5.988  0.984   5.502   1.00 13.46  ? 1395 TRP C CH2 1 
ATOM   1289 N N   . LYS C 2 15 ? -8.076  3.983   10.802  1.00 15.63  ? 1396 LYS C N   1 
ATOM   1290 C CA  . LYS C 2 15 ? -8.332  5.289   10.205  1.00 19.29  ? 1396 LYS C CA  1 
ATOM   1291 C C   . LYS C 2 15 ? -8.092  5.342   8.693   1.00 24.70  ? 1396 LYS C C   1 
ATOM   1292 O O   . LYS C 2 15 ? -8.417  6.331   8.042   1.00 20.44  ? 1396 LYS C O   1 
ATOM   1293 C CB  . LYS C 2 15 ? -7.507  6.345   10.926  1.00 17.13  ? 1396 LYS C CB  1 
ATOM   1294 C CG  . LYS C 2 15 ? -8.067  6.645   12.302  1.00 27.76  ? 1396 LYS C CG  1 
ATOM   1295 C CD  . LYS C 2 15 ? -7.156  7.544   13.116  1.00 29.55  ? 1396 LYS C CD  1 
ATOM   1296 C CE  . LYS C 2 15 ? -7.973  8.336   14.122  1.00 51.86  ? 1396 LYS C CE  1 
ATOM   1297 N NZ  . LYS C 2 15 ? -9.017  7.484   14.752  1.00 60.75  ? 1396 LYS C NZ  1 
ATOM   1298 N N   . GLY C 2 16 ? -7.540  4.268   8.136   1.00 19.10  ? 1397 GLY C N   1 
ATOM   1299 C CA  . GLY C 2 16 ? -7.211  4.230   6.724   1.00 17.17  ? 1397 GLY C CA  1 
ATOM   1300 C C   . GLY C 2 16 ? -8.413  4.065   5.817   1.00 19.76  ? 1397 GLY C C   1 
ATOM   1301 O O   . GLY C 2 16 ? -8.366  4.406   4.642   1.00 30.04  ? 1397 GLY C O   1 
ATOM   1302 N N   . LEU C 2 17 ? -9.484  3.507   6.372   1.00 25.73  ? 1398 LEU C N   1 
ATOM   1303 C CA  . LEU C 2 17 ? -10.759 3.381   5.680   1.00 28.67  ? 1398 LEU C CA  1 
ATOM   1304 C C   . LEU C 2 17 ? -11.868 3.485   6.707   1.00 34.60  ? 1398 LEU C C   1 
ATOM   1305 O O   . LEU C 2 17 ? -12.095 2.559   7.502   1.00 30.96  ? 1398 LEU C O   1 
ATOM   1306 C CB  . LEU C 2 17 ? -10.846 2.061   4.908   1.00 22.71  ? 1398 LEU C CB  1 
ATOM   1307 C CG  . LEU C 2 17 ? -11.925 1.925   3.831   1.00 21.69  ? 1398 LEU C CG  1 
ATOM   1308 C CD1 . LEU C 2 17 ? -11.738 0.630   3.049   1.00 21.22  ? 1398 LEU C CD1 1 
ATOM   1309 C CD2 . LEU C 2 17 ? -13.314 1.978   4.430   1.00 33.34  ? 1398 LEU C CD2 1 
ATOM   1310 N N   . GLN C 2 18 ? -12.567 4.616   6.698   1.00 34.67  ? 1399 GLN C N   1 
ATOM   1311 C CA  . GLN C 2 18 ? -13.662 4.848   7.632   1.00 38.06  ? 1399 GLN C CA  1 
ATOM   1312 C C   . GLN C 2 18 ? -14.970 5.108   6.894   1.00 34.81  ? 1399 GLN C C   1 
ATOM   1313 O O   . GLN C 2 18 ? -14.983 5.283   5.676   1.00 40.88  ? 1399 GLN C O   1 
ATOM   1314 C CB  . GLN C 2 18 ? -13.336 6.022   8.557   1.00 37.74  ? 1399 GLN C CB  1 
ATOM   1315 C CG  . GLN C 2 18 ? -11.891 6.062   9.024   1.00 41.02  ? 1399 GLN C CG  1 
ATOM   1316 C CD  . GLN C 2 18 ? -11.419 7.469   9.341   1.00 41.29  ? 1399 GLN C CD  1 
ATOM   1317 O OE1 . GLN C 2 18 ? -11.411 8.343   8.475   1.00 46.56  ? 1399 GLN C OE1 1 
ATOM   1318 N NE2 . GLN C 2 18 ? -11.024 7.693   10.588  1.00 51.62  ? 1399 GLN C NE2 1 
ATOM   1319 O OXT . GLN C 2 18 ? -16.014 5.280   7.357   1.00 65.65  ? 1399 GLN C OXT 1 
ATOM   1320 N N   . TRP D 2 4  ? 7.738   12.634  4.455   1.00 47.36  ? 1385 TRP D N   1 
ATOM   1321 C CA  . TRP D 2 4  ? 8.704   11.804  5.173   1.00 44.89  ? 1385 TRP D CA  1 
ATOM   1322 C C   . TRP D 2 4  ? 9.434   10.799  4.271   1.00 48.71  ? 1385 TRP D C   1 
ATOM   1323 O O   . TRP D 2 4  ? 10.634  10.569  4.448   1.00 48.90  ? 1385 TRP D O   1 
ATOM   1324 C CB  . TRP D 2 4  ? 8.039   11.103  6.356   1.00 55.01  ? 1385 TRP D CB  1 
ATOM   1325 N N   . PRO D 2 5  ? 8.715   10.186  3.309   1.00 38.51  ? 1386 PRO D N   1 
ATOM   1326 C CA  . PRO D 2 5  ? 9.407   9.407   2.269   1.00 27.34  ? 1386 PRO D CA  1 
ATOM   1327 C C   . PRO D 2 5  ? 10.039  10.357  1.255   1.00 22.09  ? 1386 PRO D C   1 
ATOM   1328 O O   . PRO D 2 5  ? 9.551   11.478  1.107   1.00 21.72  ? 1386 PRO D O   1 
ATOM   1329 C CB  . PRO D 2 5  ? 8.275   8.609   1.597   1.00 19.17  ? 1386 PRO D CB  1 
ATOM   1330 C CG  . PRO D 2 5  ? 7.071   8.773   2.488   1.00 29.23  ? 1386 PRO D CG  1 
ATOM   1331 C CD  . PRO D 2 5  ? 7.250   10.076  3.198   1.00 29.85  ? 1386 PRO D CD  1 
ATOM   1332 N N   . PRO D 2 6  ? 11.105  9.922   0.565   1.00 19.16  ? 1387 PRO D N   1 
ATOM   1333 C CA  . PRO D 2 6  ? 11.784  10.770  -0.424  1.00 19.26  ? 1387 PRO D CA  1 
ATOM   1334 C C   . PRO D 2 6  ? 10.836  11.170  -1.556  1.00 20.49  ? 1387 PRO D C   1 
ATOM   1335 O O   . PRO D 2 6  ? 10.018  10.341  -1.974  1.00 15.92  ? 1387 PRO D O   1 
ATOM   1336 C CB  . PRO D 2 6  ? 12.869  9.851   -0.986  1.00 23.27  ? 1387 PRO D CB  1 
ATOM   1337 C CG  . PRO D 2 6  ? 13.035  8.779   0.017   1.00 22.93  ? 1387 PRO D CG  1 
ATOM   1338 C CD  . PRO D 2 6  ? 11.711  8.587   0.664   1.00 21.74  ? 1387 PRO D CD  1 
ATOM   1339 N N   . GLU D 2 7  ? 10.931  12.405  -2.040  1.00 17.57  ? 1388 GLU D N   1 
ATOM   1340 C CA  . GLU D 2 7  ? 10.112  12.818  -3.178  1.00 14.45  ? 1388 GLU D CA  1 
ATOM   1341 C C   . GLU D 2 7  ? 10.481  11.984  -4.387  1.00 19.89  ? 1388 GLU D C   1 
ATOM   1342 O O   . GLU D 2 7  ? 11.612  11.514  -4.508  1.00 18.03  ? 1388 GLU D O   1 
ATOM   1343 C CB  . GLU D 2 7  ? 10.310  14.297  -3.523  1.00 15.62  ? 1388 GLU D CB  1 
ATOM   1344 C CG  . GLU D 2 7  ? 9.922   15.254  -2.420  1.00 19.39  ? 1388 GLU D CG  1 
ATOM   1345 C CD  . GLU D 2 7  ? 9.835   16.689  -2.896  1.00 36.44  ? 1388 GLU D CD  1 
ATOM   1346 O OE1 . GLU D 2 7  ? 9.789   16.922  -4.129  1.00 40.74  ? 1388 GLU D OE1 1 
ATOM   1347 O OE2 . GLU D 2 7  ? 9.797   17.585  -2.024  1.00 40.37  ? 1388 GLU D OE2 1 
ATOM   1348 N N   . PHE D 2 8  ? 9.517   11.804  -5.282  1.00 13.45  ? 1389 PHE D N   1 
ATOM   1349 C CA  . PHE D 2 8  ? 9.790   11.218  -6.579  1.00 11.96  ? 1389 PHE D CA  1 
ATOM   1350 C C   . PHE D 2 8  ? 9.969   12.311  -7.627  1.00 15.02  ? 1389 PHE D C   1 
ATOM   1351 O O   . PHE D 2 8  ? 9.145   13.225  -7.726  1.00 15.26  ? 1389 PHE D O   1 
ATOM   1352 C CB  . PHE D 2 8  ? 8.655   10.305  -7.023  1.00 10.89  ? 1389 PHE D CB  1 
ATOM   1353 C CG  . PHE D 2 8  ? 8.932   9.629   -8.331  1.00 11.78  ? 1389 PHE D CG  1 
ATOM   1354 C CD1 . PHE D 2 8  ? 9.657   8.441   -8.371  1.00 10.92  ? 1389 PHE D CD1 1 
ATOM   1355 C CD2 . PHE D 2 8  ? 8.510   10.198  -9.527  1.00 9.63   ? 1389 PHE D CD2 1 
ATOM   1356 C CE1 . PHE D 2 8  ? 9.940   7.826   -9.578  1.00 9.08   ? 1389 PHE D CE1 1 
ATOM   1357 C CE2 . PHE D 2 8  ? 8.787   9.591   -10.730 1.00 7.98   ? 1389 PHE D CE2 1 
ATOM   1358 C CZ  . PHE D 2 8  ? 9.501   8.400   -10.762 1.00 10.64  ? 1389 PHE D CZ  1 
ATOM   1359 N N   . HIS D 2 9  ? 11.039  12.213  -8.411  1.00 11.05  ? 1390 HIS D N   1 
ATOM   1360 C CA  . HIS D 2 9  ? 11.291  13.145  -9.504  1.00 15.09  ? 1390 HIS D CA  1 
ATOM   1361 C C   . HIS D 2 9  ? 11.396  12.345  -10.788 1.00 14.94  ? 1390 HIS D C   1 
ATOM   1362 O O   . HIS D 2 9  ? 12.231  11.443  -10.881 1.00 14.54  ? 1390 HIS D O   1 
ATOM   1363 C CB  . HIS D 2 9  ? 12.607  13.896  -9.285  1.00 17.88  ? 1390 HIS D CB  1 
ATOM   1364 C CG  . HIS D 2 9  ? 12.700  14.595  -7.965  1.00 26.38  ? 1390 HIS D CG  1 
ATOM   1365 N ND1 . HIS D 2 9  ? 12.107  15.816  -7.724  1.00 38.23  ? 1390 HIS D ND1 1 
ATOM   1366 C CD2 . HIS D 2 9  ? 13.324  14.247  -6.814  1.00 36.36  ? 1390 HIS D CD2 1 
ATOM   1367 C CE1 . HIS D 2 9  ? 12.359  16.187  -6.482  1.00 48.80  ? 1390 HIS D CE1 1 
ATOM   1368 N NE2 . HIS D 2 9  ? 13.096  15.254  -5.908  1.00 36.57  ? 1390 HIS D NE2 1 
ATOM   1369 N N   . PRO D 2 10 ? 10.566  12.671  -11.792 1.00 14.79  ? 1391 PRO D N   1 
ATOM   1370 C CA  . PRO D 2 10 ? 10.596  11.873  -13.026 1.00 15.17  ? 1391 PRO D CA  1 
ATOM   1371 C C   . PRO D 2 10 ? 12.013  11.770  -13.585 1.00 12.71  ? 1391 PRO D C   1 
ATOM   1372 O O   . PRO D 2 10 ? 12.718  12.779  -13.633 1.00 15.69  ? 1391 PRO D O   1 
ATOM   1373 C CB  . PRO D 2 10 ? 9.711   12.671  -13.991 1.00 20.36  ? 1391 PRO D CB  1 
ATOM   1374 C CG  . PRO D 2 10 ? 8.881   13.542  -13.130 1.00 24.94  ? 1391 PRO D CG  1 
ATOM   1375 C CD  . PRO D 2 10 ? 9.643   13.816  -11.878 1.00 19.82  ? 1391 PRO D CD  1 
ATOM   1376 N N   . GLY D 2 11 ? 12.425  10.571  -13.986 1.00 11.82  ? 1392 GLY D N   1 
ATOM   1377 C CA  . GLY D 2 11 ? 13.722  10.391  -14.621 1.00 13.14  ? 1392 GLY D CA  1 
ATOM   1378 C C   . GLY D 2 11 ? 14.900  10.335  -13.662 1.00 12.22  ? 1392 GLY D C   1 
ATOM   1379 O O   . GLY D 2 11 ? 16.051  10.196  -14.093 1.00 13.04  ? 1392 GLY D O   1 
ATOM   1380 N N   . VAL D 2 12 ? 14.618  10.440  -12.366 1.00 12.16  ? 1393 VAL D N   1 
ATOM   1381 C CA  . VAL D 2 12 ? 15.642  10.340  -11.327 1.00 14.30  ? 1393 VAL D CA  1 
ATOM   1382 C C   . VAL D 2 12 ? 15.360  9.112   -10.464 1.00 14.22  ? 1393 VAL D C   1 
ATOM   1383 O O   . VAL D 2 12 ? 14.246  8.948   -9.984  1.00 12.75  ? 1393 VAL D O   1 
ATOM   1384 C CB  . VAL D 2 12 ? 15.624  11.586  -10.407 1.00 15.42  ? 1393 VAL D CB  1 
ATOM   1385 C CG1 . VAL D 2 12 ? 16.731  11.499  -9.362  1.00 14.23  ? 1393 VAL D CG1 1 
ATOM   1386 C CG2 . VAL D 2 12 ? 15.733  12.873  -11.227 1.00 15.43  ? 1393 VAL D CG2 1 
ATOM   1387 N N   . PRO D 2 13 ? 16.362  8.240   -10.262 1.00 11.61  ? 1394 PRO D N   1 
ATOM   1388 C CA  . PRO D 2 13 ? 16.119  7.049   -9.438  1.00 13.23  ? 1394 PRO D CA  1 
ATOM   1389 C C   . PRO D 2 13 ? 15.554  7.416   -8.076  1.00 17.29  ? 1394 PRO D C   1 
ATOM   1390 O O   . PRO D 2 13 ? 16.150  8.223   -7.358  1.00 15.60  ? 1394 PRO D O   1 
ATOM   1391 C CB  . PRO D 2 13 ? 17.518  6.446   -9.284  1.00 14.41  ? 1394 PRO D CB  1 
ATOM   1392 C CG  . PRO D 2 13 ? 18.216  6.866   -10.542 1.00 15.03  ? 1394 PRO D CG  1 
ATOM   1393 C CD  . PRO D 2 13 ? 17.727  8.257   -10.814 1.00 14.45  ? 1394 PRO D CD  1 
ATOM   1394 N N   . TRP D 2 14 ? 14.410  6.831   -7.735  1.00 15.28  ? 1395 TRP D N   1 
ATOM   1395 C CA  . TRP D 2 14 ? 13.777  7.063   -6.445  1.00 12.80  ? 1395 TRP D CA  1 
ATOM   1396 C C   . TRP D 2 14 ? 14.619  6.463   -5.326  1.00 17.55  ? 1395 TRP D C   1 
ATOM   1397 O O   . TRP D 2 14 ? 15.021  5.295   -5.386  1.00 19.98  ? 1395 TRP D O   1 
ATOM   1398 C CB  . TRP D 2 14 ? 12.372  6.453   -6.417  1.00 14.24  ? 1395 TRP D CB  1 
ATOM   1399 C CG  . TRP D 2 14 ? 11.576  6.867   -5.221  1.00 14.37  ? 1395 TRP D CG  1 
ATOM   1400 C CD1 . TRP D 2 14 ? 11.291  8.145   -4.827  1.00 12.77  ? 1395 TRP D CD1 1 
ATOM   1401 C CD2 . TRP D 2 14 ? 10.950  6.002   -4.271  1.00 10.73  ? 1395 TRP D CD2 1 
ATOM   1402 N NE1 . TRP D 2 14 ? 10.521  8.126   -3.691  1.00 11.55  ? 1395 TRP D NE1 1 
ATOM   1403 C CE2 . TRP D 2 14 ? 10.297  6.823   -3.327  1.00 12.56  ? 1395 TRP D CE2 1 
ATOM   1404 C CE3 . TRP D 2 14 ? 10.874  4.613   -4.126  1.00 11.79  ? 1395 TRP D CE3 1 
ATOM   1405 C CZ2 . TRP D 2 14 ? 9.582   6.298   -2.246  1.00 14.08  ? 1395 TRP D CZ2 1 
ATOM   1406 C CZ3 . TRP D 2 14 ? 10.160  4.088   -3.045  1.00 15.73  ? 1395 TRP D CZ3 1 
ATOM   1407 C CH2 . TRP D 2 14 ? 9.524   4.934   -2.122  1.00 15.78  ? 1395 TRP D CH2 1 
ATOM   1408 N N   . LYS D 2 15 ? 14.858  7.263   -4.295  1.00 15.31  ? 1396 LYS D N   1 
ATOM   1409 C CA  A LYS D 2 15 ? 15.714  6.856   -3.185  0.51 19.40  ? 1396 LYS D CA  1 
ATOM   1410 C CA  B LYS D 2 15 ? 15.722  6.822   -3.207  0.49 19.41  ? 1396 LYS D CA  1 
ATOM   1411 C C   . LYS D 2 15 ? 14.940  6.214   -2.044  1.00 23.58  ? 1396 LYS D C   1 
ATOM   1412 O O   . LYS D 2 15 ? 15.506  5.946   -0.979  1.00 20.09  ? 1396 LYS D O   1 
ATOM   1413 C CB  A LYS D 2 15 ? 16.474  8.060   -2.647  0.51 20.94  ? 1396 LYS D CB  1 
ATOM   1414 C CB  B LYS D 2 15 ? 16.607  7.971   -2.728  0.49 20.98  ? 1396 LYS D CB  1 
ATOM   1415 C CG  A LYS D 2 15 ? 17.483  8.638   -3.605  0.51 16.29  ? 1396 LYS D CG  1 
ATOM   1416 C CG  B LYS D 2 15 ? 15.842  9.195   -2.274  0.49 16.71  ? 1396 LYS D CG  1 
ATOM   1417 C CD  A LYS D 2 15 ? 18.183  9.815   -2.949  0.51 24.82  ? 1396 LYS D CD  1 
ATOM   1418 C CD  B LYS D 2 15 ? 16.619  10.471  -2.581  0.49 26.67  ? 1396 LYS D CD  1 
ATOM   1419 C CE  A LYS D 2 15 ? 19.419  10.210  -3.719  0.51 26.93  ? 1396 LYS D CE  1 
ATOM   1420 C CE  B LYS D 2 15 ? 15.880  11.711  -2.096  0.49 17.77  ? 1396 LYS D CE  1 
ATOM   1421 N NZ  A LYS D 2 15 ? 19.092  10.442  -5.143  0.51 37.45  ? 1396 LYS D NZ  1 
ATOM   1422 N NZ  B LYS D 2 15 ? 16.016  11.874  -0.620  0.49 21.89  ? 1396 LYS D NZ  1 
ATOM   1423 N N   . GLY D 2 16 ? 13.645  5.981   -2.250  1.00 11.76  ? 1397 GLY D N   1 
ATOM   1424 C CA  . GLY D 2 16 ? 12.825  5.403   -1.199  1.00 13.71  ? 1397 GLY D CA  1 
ATOM   1425 C C   . GLY D 2 16 ? 13.007  3.901   -1.039  1.00 22.49  ? 1397 GLY D C   1 
ATOM   1426 O O   . GLY D 2 16 ? 12.561  3.303   -0.053  1.00 21.54  ? 1397 GLY D O   1 
ATOM   1427 N N   . LEU D 2 17 ? 13.661  3.303   -2.033  1.00 21.84  ? 1398 LEU D N   1 
ATOM   1428 C CA  . LEU D 2 17 ? 13.905  1.873   -2.119  1.00 29.74  ? 1398 LEU D CA  1 
ATOM   1429 C C   . LEU D 2 17 ? 14.900  1.711   -3.250  1.00 39.20  ? 1398 LEU D C   1 
ATOM   1430 O O   . LEU D 2 17 ? 14.584  2.004   -4.410  1.00 31.05  ? 1398 LEU D O   1 
ATOM   1431 C CB  . LEU D 2 17 ? 12.607  1.127   -2.432  1.00 19.39  ? 1398 LEU D CB  1 
ATOM   1432 C CG  . LEU D 2 17 ? 12.632  -0.398  -2.549  1.00 22.43  ? 1398 LEU D CG  1 
ATOM   1433 C CD1 . LEU D 2 17 ? 11.229  -0.883  -2.851  1.00 25.83  ? 1398 LEU D CD1 1 
ATOM   1434 C CD2 . LEU D 2 17 ? 13.591  -0.884  -3.611  1.00 42.44  ? 1398 LEU D CD2 1 
ATOM   1435 N N   . GLN D 2 18 ? 16.100  1.246   -2.919  1.00 39.52  ? 1399 GLN D N   1 
ATOM   1436 C CA  . GLN D 2 18 ? 17.145  1.046   -3.917  1.00 52.95  ? 1399 GLN D CA  1 
ATOM   1437 C C   . GLN D 2 18 ? 18.170  0.020   -3.443  1.00 40.75  ? 1399 GLN D C   1 
ATOM   1438 O O   . GLN D 2 18 ? 17.810  -1.067  -2.989  1.00 65.66  ? 1399 GLN D O   1 
ATOM   1439 C CB  . GLN D 2 18 ? 17.839  2.371   -4.240  1.00 42.67  ? 1399 GLN D CB  1 
ATOM   1440 C CG  . GLN D 2 18 ? 18.231  2.525   -5.701  1.00 56.79  ? 1399 GLN D CG  1 
ATOM   1441 C CD  . GLN D 2 18 ? 18.787  1.245   -6.294  1.00 58.49  ? 1399 GLN D CD  1 
ATOM   1442 O OE1 . GLN D 2 18 ? 18.374  0.146   -5.923  1.00 58.59  ? 1399 GLN D OE1 1 
ATOM   1443 N NE2 . GLN D 2 18 ? 19.729  1.382   -7.219  1.00 43.52  ? 1399 GLN D NE2 1 
ATOM   1444 O OXT . GLN D 2 18 ? 19.375  0.259   -3.504  1.00 68.11  ? 1399 GLN D OXT 1 
HETATM 1445 S S   . SO4 E 3 .  ? 7.056   -0.573  -24.321 1.00 16.64  ? 1619 SO4 B S   1 
HETATM 1446 O O1  . SO4 E 3 .  ? 6.809   0.855   -24.206 1.00 24.03  ? 1619 SO4 B O1  1 
HETATM 1447 O O2  . SO4 E 3 .  ? 8.494   -0.833  -24.308 1.00 15.32  ? 1619 SO4 B O2  1 
HETATM 1448 O O3  . SO4 E 3 .  ? 6.477   -1.273  -23.176 1.00 28.85  ? 1619 SO4 B O3  1 
HETATM 1449 O O4  . SO4 E 3 .  ? 6.441   -1.058  -25.547 1.00 19.49  ? 1619 SO4 B O4  1 
HETATM 1450 S S   . SO4 F 3 .  ? -0.693  21.840  -4.794  1.00 20.37  ? 1620 SO4 B S   1 
HETATM 1451 O O1  . SO4 F 3 .  ? -0.317  22.554  -3.574  1.00 23.62  ? 1620 SO4 B O1  1 
HETATM 1452 O O2  . SO4 F 3 .  ? 0.171   20.676  -4.965  1.00 20.00  ? 1620 SO4 B O2  1 
HETATM 1453 O O3  . SO4 F 3 .  ? -2.083  21.424  -4.705  1.00 29.55  ? 1620 SO4 B O3  1 
HETATM 1454 O O4  . SO4 F 3 .  ? -0.530  22.701  -5.963  1.00 34.69  ? 1620 SO4 B O4  1 
HETATM 1455 O O   . HOH G 4 .  ? -6.254  -18.184 15.364  1.00 38.91  ? 2001 HOH A O   1 
HETATM 1456 O O   . HOH G 4 .  ? -7.956  -17.673 7.601   1.00 32.35  ? 2002 HOH A O   1 
HETATM 1457 O O   . HOH G 4 .  ? -6.595  -15.570 10.550  1.00 34.07  ? 2003 HOH A O   1 
HETATM 1458 O O   . HOH G 4 .  ? -16.555 -13.804 -2.187  1.00 35.32  ? 2004 HOH A O   1 
HETATM 1459 O O   . HOH G 4 .  ? -12.257 -0.994  0.235   1.00 56.19  ? 2005 HOH A O   1 
HETATM 1460 O O   . HOH G 4 .  ? -3.893  -8.225  18.487  1.00 35.32  ? 2006 HOH A O   1 
HETATM 1461 O O   . HOH G 4 .  ? -4.507  -16.525 11.865  1.00 36.72  ? 2007 HOH A O   1 
HETATM 1462 O O   . HOH G 4 .  ? -2.962  -14.877 16.318  1.00 32.40  ? 2008 HOH A O   1 
HETATM 1463 O O   . HOH G 4 .  ? -3.934  -7.783  20.968  1.00 42.20  ? 2009 HOH A O   1 
HETATM 1464 O O   . HOH G 4 .  ? 3.558   -2.750  1.623   1.00 27.75  ? 2010 HOH A O   1 
HETATM 1465 O O   . HOH G 4 .  ? -8.812  0.510   -0.074  1.00 45.77  ? 2011 HOH A O   1 
HETATM 1466 O O   . HOH G 4 .  ? 1.250   -21.788 -2.055  1.00 50.79  ? 2012 HOH A O   1 
HETATM 1467 O O   . HOH G 4 .  ? 11.568  -7.301  -0.124  1.00 27.61  ? 2013 HOH A O   1 
HETATM 1468 O O   . HOH G 4 .  ? 10.340  -14.861 8.240   1.00 30.76  ? 2014 HOH A O   1 
HETATM 1469 O O   . HOH G 4 .  ? 11.289  -5.301  -1.724  1.00 31.28  ? 2015 HOH A O   1 
HETATM 1470 O O   . HOH G 4 .  ? 9.192   -4.105  -3.046  1.00 36.42  ? 2016 HOH A O   1 
HETATM 1471 O O   . HOH G 4 .  ? -16.108 -11.347 -3.442  1.00 40.88  ? 2017 HOH A O   1 
HETATM 1472 O O   . HOH G 4 .  ? -1.380  -20.742 -1.283  1.00 37.48  ? 2018 HOH A O   1 
HETATM 1473 O O   . HOH G 4 .  ? -11.098 -17.051 26.515  1.00 32.40  ? 2019 HOH A O   1 
HETATM 1474 O O   . HOH G 4 .  ? -12.535 -17.727 20.734  1.00 24.94  ? 2020 HOH A O   1 
HETATM 1475 O O   . HOH G 4 .  ? -8.666  -17.581 13.673  1.00 25.50  ? 2021 HOH A O   1 
HETATM 1476 O O   . HOH G 4 .  ? -6.704  -15.883 17.031  1.00 35.85  ? 2022 HOH A O   1 
HETATM 1477 O O   . HOH G 4 .  ? -10.600 -19.998 15.725  1.00 34.65  ? 2023 HOH A O   1 
HETATM 1478 O O   . HOH G 4 .  ? -14.582 -20.091 13.709  1.00 32.42  ? 2024 HOH A O   1 
HETATM 1479 O O   . HOH G 4 .  ? -15.813 -17.959 11.973  1.00 32.26  ? 2025 HOH A O   1 
HETATM 1480 O O   . HOH G 4 .  ? -9.035  -16.901 9.619   1.00 24.22  ? 2026 HOH A O   1 
HETATM 1481 O O   . HOH G 4 .  ? -10.123 -19.068 5.754   1.00 44.14  ? 2027 HOH A O   1 
HETATM 1482 O O   . HOH G 4 .  ? -18.392 -18.485 4.948   1.00 32.59  ? 2028 HOH A O   1 
HETATM 1483 O O   . HOH G 4 .  ? -12.345 -18.285 2.523   1.00 33.17  ? 2029 HOH A O   1 
HETATM 1484 O O   . HOH G 4 .  ? -13.969 -11.542 -0.100  1.00 32.34  ? 2030 HOH A O   1 
HETATM 1485 O O   . HOH G 4 .  ? -17.600 -15.985 -1.610  1.00 39.61  ? 2031 HOH A O   1 
HETATM 1486 O O   . HOH G 4 .  ? -16.339 -18.576 1.983   1.00 29.19  ? 2032 HOH A O   1 
HETATM 1487 O O   . HOH G 4 .  ? -21.562 -12.793 1.608   1.00 30.96  ? 2033 HOH A O   1 
HETATM 1488 O O   . HOH G 4 .  ? -20.164 -10.519 7.843   1.00 35.15  ? 2034 HOH A O   1 
HETATM 1489 O O   . HOH G 4 .  ? -23.149 -12.982 5.512   1.00 42.23  ? 2035 HOH A O   1 
HETATM 1490 O O   . HOH G 4 .  ? -12.539 -2.884  2.425   1.00 16.41  ? 2036 HOH A O   1 
HETATM 1491 O O   . HOH G 4 .  ? -14.671 -1.275  12.951  1.00 26.82  ? 2037 HOH A O   1 
HETATM 1492 O O   . HOH G 4 .  ? -11.363 0.161   8.889   1.00 29.01  ? 2038 HOH A O   1 
HETATM 1493 O O   . HOH G 4 .  ? -13.724 -8.998  -0.306  1.00 34.97  ? 2039 HOH A O   1 
HETATM 1494 O O   . HOH G 4 .  ? -6.043  -8.414  16.903  1.00 16.71  ? 2040 HOH A O   1 
HETATM 1495 O O   . HOH G 4 .  ? -9.296  -7.187  19.049  1.00 29.91  ? 2041 HOH A O   1 
HETATM 1496 O O   . HOH G 4 .  ? -8.574  -15.912 11.944  1.00 25.64  ? 2042 HOH A O   1 
HETATM 1497 O O   . HOH G 4 .  ? -4.181  -14.174 13.468  1.00 16.63  ? 2043 HOH A O   1 
HETATM 1498 O O   . HOH G 4 .  ? 0.443   -6.194  22.373  1.00 39.99  ? 2044 HOH A O   1 
HETATM 1499 O O   . HOH G 4 .  ? 4.566   -5.222  19.882  1.00 37.33  ? 2045 HOH A O   1 
HETATM 1500 O O   . HOH G 4 .  ? -1.780  -9.049  19.863  1.00 32.15  ? 2046 HOH A O   1 
HETATM 1501 O O   . HOH G 4 .  ? 10.790  -10.107 8.212   1.00 22.19  ? 2047 HOH A O   1 
HETATM 1502 O O   . HOH G 4 .  ? 2.941   -3.189  18.609  1.00 34.20  ? 2048 HOH A O   1 
HETATM 1503 O O   . HOH G 4 .  ? 8.559   -2.226  21.157  1.00 31.37  ? 2049 HOH A O   1 
HETATM 1504 O O   . HOH G 4 .  ? 4.442   0.286   14.345  1.00 16.05  ? 2050 HOH A O   1 
HETATM 1505 O O   . HOH G 4 .  ? 3.331   -1.423  16.837  1.00 29.29  ? 2051 HOH A O   1 
HETATM 1506 O O   . HOH G 4 .  ? 6.930   2.462   15.810  1.00 47.10  ? 2052 HOH A O   1 
HETATM 1507 O O   . HOH G 4 .  ? 6.528   6.801   14.300  1.00 36.59  ? 2053 HOH A O   1 
HETATM 1508 O O   . HOH G 4 .  ? 1.130   -1.697  1.109   1.00 12.87  ? 2054 HOH A O   1 
HETATM 1509 O O   . HOH G 4 .  ? -5.821  4.576   3.407   1.00 31.23  ? 2055 HOH A O   1 
HETATM 1510 O O   . HOH G 4 .  ? -6.578  0.486   -0.685  1.00 22.76  ? 2056 HOH A O   1 
HETATM 1511 O O   . HOH G 4 .  ? -11.377 -7.732  -3.453  1.00 35.17  ? 2057 HOH A O   1 
HETATM 1512 O O   . HOH G 4 .  ? -3.834  -4.967  -4.107  1.00 20.99  ? 2058 HOH A O   1 
HETATM 1513 O O   . HOH G 4 .  ? -10.384 -4.788  -1.655  1.00 17.70  ? 2059 HOH A O   1 
HETATM 1514 O O   . HOH G 4 .  ? -8.625  -14.874 -1.657  1.00 28.96  ? 2060 HOH A O   1 
HETATM 1515 O O   . HOH G 4 .  ? -5.322  -18.615 -0.531  1.00 34.75  ? 2061 HOH A O   1 
HETATM 1516 O O   . HOH G 4 .  ? 1.112   -17.467 -3.182  1.00 30.89  ? 2062 HOH A O   1 
HETATM 1517 O O   . HOH G 4 .  ? -0.684  -16.290 7.206   1.00 19.83  ? 2063 HOH A O   1 
HETATM 1518 O O   . HOH G 4 .  ? -2.353  -20.230 7.987   1.00 29.47  ? 2064 HOH A O   1 
HETATM 1519 O O   . HOH G 4 .  ? -3.925  -17.314 9.642   1.00 28.55  ? 2065 HOH A O   1 
HETATM 1520 O O   . HOH G 4 .  ? -8.263  -16.805 -0.196  1.00 38.75  ? 2066 HOH A O   1 
HETATM 1521 O O   . HOH G 4 .  ? -4.550  -21.377 6.743   1.00 42.81  ? 2067 HOH A O   1 
HETATM 1522 O O   . HOH G 4 .  ? -1.016  -22.513 3.852   1.00 36.67  ? 2068 HOH A O   1 
HETATM 1523 O O   . HOH G 4 .  ? 2.248   -19.243 -1.230  1.00 40.95  ? 2069 HOH A O   1 
HETATM 1524 O O   . HOH G 4 .  ? 4.111   -15.554 8.043   1.00 24.46  ? 2070 HOH A O   1 
HETATM 1525 O O   . HOH G 4 .  ? 8.142   -15.956 2.001   1.00 25.05  ? 2071 HOH A O   1 
HETATM 1526 O O   . HOH G 4 .  ? 3.229   -20.863 3.493   1.00 30.34  ? 2072 HOH A O   1 
HETATM 1527 O O   . HOH G 4 .  ? 3.394   -12.511 -1.726  1.00 36.18  ? 2073 HOH A O   1 
HETATM 1528 O O   . HOH G 4 .  ? 0.638   -13.655 -2.212  1.00 30.89  ? 2074 HOH A O   1 
HETATM 1529 O O   . HOH G 4 .  ? 6.356   -16.802 9.209   1.00 28.19  ? 2075 HOH A O   1 
HETATM 1530 O O   . HOH G 4 .  ? 9.587   -9.698  -0.466  1.00 32.31  ? 2076 HOH A O   1 
HETATM 1531 O O   . HOH G 4 .  ? 1.563   -8.607  -5.325  1.00 34.79  ? 2077 HOH A O   1 
HETATM 1532 O O   . HOH G 4 .  ? 3.557   -6.471  -5.415  1.00 38.78  ? 2078 HOH A O   1 
HETATM 1533 O O   . HOH G 4 .  ? 13.131  -6.508  4.033   1.00 22.38  ? 2079 HOH A O   1 
HETATM 1534 O O   . HOH G 4 .  ? 9.944   -12.781 6.853   1.00 38.99  ? 2080 HOH A O   1 
HETATM 1535 O O   . HOH G 4 .  ? 12.178  -8.234  6.719   1.00 31.45  ? 2081 HOH A O   1 
HETATM 1536 O O   . HOH G 4 .  ? 11.671  -10.732 0.829   1.00 37.25  ? 2082 HOH A O   1 
HETATM 1537 O O   . HOH G 4 .  ? 6.285   -6.143  -4.662  1.00 35.11  ? 2083 HOH A O   1 
HETATM 1538 O O   . HOH G 4 .  ? 9.075   -2.762  -0.942  1.00 16.36  ? 2084 HOH A O   1 
HETATM 1539 O O   . HOH G 4 .  ? 5.675   -10.963 -3.368  1.00 36.43  ? 2085 HOH A O   1 
HETATM 1540 O O   . HOH G 4 .  ? 15.573  -0.997  1.631   1.00 29.09  ? 2086 HOH A O   1 
HETATM 1541 O O   . HOH G 4 .  ? 10.124  4.345   9.030   1.00 30.09  ? 2087 HOH A O   1 
HETATM 1542 O O   . HOH G 4 .  ? 13.959  -2.568  10.308  1.00 30.60  ? 2088 HOH A O   1 
HETATM 1543 O O   . HOH G 4 .  ? 16.331  -6.077  8.060   1.00 35.34  ? 2089 HOH A O   1 
HETATM 1544 O O   . HOH G 4 .  ? 14.977  -4.822  4.177   1.00 27.13  ? 2090 HOH A O   1 
HETATM 1545 O O   . HOH G 4 .  ? 17.864  6.513   3.604   1.00 36.50  ? 2091 HOH A O   1 
HETATM 1546 O O   . HOH H 4 .  ? 1.929   9.905   -18.495 1.00 33.51  ? 2001 HOH B O   1 
HETATM 1547 O O   . HOH H 4 .  ? 6.951   13.342  -16.157 1.00 42.20  ? 2002 HOH B O   1 
HETATM 1548 O O   . HOH H 4 .  ? -0.647  6.213   -17.131 1.00 30.49  ? 2003 HOH B O   1 
HETATM 1549 O O   . HOH H 4 .  ? 5.066   24.265  -10.411 1.00 35.24  ? 2004 HOH B O   1 
HETATM 1550 O O   . HOH H 4 .  ? 7.185   22.955  -7.607  1.00 33.97  ? 2005 HOH B O   1 
HETATM 1551 O O   . HOH H 4 .  ? -9.445  4.536   -17.133 1.00 31.07  ? 2006 HOH B O   1 
HETATM 1552 O O   . HOH H 4 .  ? -11.536 11.036  -9.961  1.00 46.17  ? 2007 HOH B O   1 
HETATM 1553 O O   . HOH H 4 .  ? -9.302  12.430  2.298   1.00 35.74  ? 2008 HOH B O   1 
HETATM 1554 O O   . HOH H 4 .  ? -13.033 13.190  -6.809  1.00 34.93  ? 2009 HOH B O   1 
HETATM 1555 O O   . HOH H 4 .  ? -4.969  9.182   6.502   1.00 35.70  ? 2010 HOH B O   1 
HETATM 1556 O O   . HOH H 4 .  ? -7.738  4.597   -19.776 1.00 47.44  ? 2011 HOH B O   1 
HETATM 1557 O O   . HOH H 4 .  ? 5.879   6.260   -26.989 1.00 23.06  ? 2012 HOH B O   1 
HETATM 1558 O O   . HOH H 4 .  ? 1.067   4.018   -24.345 1.00 38.02  ? 2013 HOH B O   1 
HETATM 1559 O O   . HOH H 4 .  ? 2.196   8.452   -21.135 1.00 24.15  ? 2014 HOH B O   1 
HETATM 1560 O O   . HOH H 4 .  ? 2.625   -0.057  -24.690 1.00 22.67  ? 2015 HOH B O   1 
HETATM 1561 O O   . HOH H 4 .  ? -2.030  -2.443  -16.377 1.00 39.54  ? 2016 HOH B O   1 
HETATM 1562 O O   . HOH H 4 .  ? -1.871  -6.619  -15.277 1.00 39.71  ? 2017 HOH B O   1 
HETATM 1563 O O   . HOH H 4 .  ? -0.080  -11.574 -14.121 1.00 38.49  ? 2018 HOH B O   1 
HETATM 1564 O O   . HOH H 4 .  ? 0.153   -9.133  -16.856 1.00 30.65  ? 2019 HOH B O   1 
HETATM 1565 O O   . HOH H 4 .  ? 14.296  -9.457  -11.485 1.00 33.99  ? 2020 HOH B O   1 
HETATM 1566 O O   . HOH H 4 .  ? 13.264  -10.875 -15.525 1.00 36.49  ? 2021 HOH B O   1 
HETATM 1567 O O   . HOH H 4 .  ? 9.262   -2.604  -5.328  1.00 16.61  ? 2022 HOH B O   1 
HETATM 1568 O O   . HOH H 4 .  ? 15.665  3.077   -11.714 1.00 24.09  ? 2023 HOH B O   1 
HETATM 1569 O O   . HOH H 4 .  ? 16.462  -2.981  -6.514  1.00 31.78  ? 2024 HOH B O   1 
HETATM 1570 O O   . HOH H 4 .  ? 5.517   -6.967  -7.078  1.00 33.96  ? 2025 HOH B O   1 
HETATM 1571 O O   . HOH H 4 .  ? 6.536   -2.058  -1.633  1.00 14.65  ? 2026 HOH B O   1 
HETATM 1572 O O   . HOH H 4 .  ? 7.343   10.475  -15.457 1.00 20.61  ? 2027 HOH B O   1 
HETATM 1573 O O   . HOH H 4 .  ? 12.984  7.273   -16.429 1.00 16.26  ? 2028 HOH B O   1 
HETATM 1574 O O   . HOH H 4 .  ? 0.771   8.277   -16.574 1.00 15.89  ? 2029 HOH B O   1 
HETATM 1575 O O   . HOH H 4 .  ? -4.759  13.260  -13.082 1.00 16.20  ? 2030 HOH B O   1 
HETATM 1576 O O   . HOH H 4 .  ? 4.671   20.793  -11.068 1.00 35.58  ? 2031 HOH B O   1 
HETATM 1577 O O   . HOH H 4 .  ? 5.690   15.598  -15.867 1.00 28.85  ? 2032 HOH B O   1 
HETATM 1578 O O   . HOH H 4 .  ? 6.230   19.381  -9.274  1.00 35.16  ? 2033 HOH B O   1 
HETATM 1579 O O   . HOH H 4 .  ? 5.112   24.544  -7.978  1.00 34.47  ? 2034 HOH B O   1 
HETATM 1580 O O   . HOH H 4 .  ? 1.397   25.916  -5.456  1.00 35.64  ? 2035 HOH B O   1 
HETATM 1581 O O   . HOH H 4 .  ? 6.714   18.311  -7.172  1.00 23.36  ? 2036 HOH B O   1 
HETATM 1582 O O   . HOH H 4 .  ? 6.416   17.886  -3.956  1.00 16.38  ? 2037 HOH B O   1 
HETATM 1583 O O   . HOH H 4 .  ? 6.490   20.606  -1.777  1.00 37.73  ? 2038 HOH B O   1 
HETATM 1584 O O   . HOH H 4 .  ? 5.387   21.836  0.033   1.00 27.03  ? 2039 HOH B O   1 
HETATM 1585 O O   . HOH H 4 .  ? 3.935   7.091   2.745   1.00 29.66  ? 2040 HOH B O   1 
HETATM 1586 O O   . HOH H 4 .  ? 9.742   5.259   5.103   1.00 41.27  ? 2041 HOH B O   1 
HETATM 1587 O O   . HOH H 4 .  ? 5.273   -1.643  0.524   1.00 23.33  ? 2042 HOH B O   1 
HETATM 1588 O O   . HOH H 4 .  ? 3.782   -4.876  0.956   1.00 27.54  ? 2043 HOH B O   1 
HETATM 1589 O O   . HOH H 4 .  ? 5.159   -4.154  -3.139  1.00 15.34  ? 2044 HOH B O   1 
HETATM 1590 O O   . HOH H 4 .  ? -2.882  -7.996  -4.749  1.00 33.83  ? 2045 HOH B O   1 
HETATM 1591 O O   . HOH H 4 .  ? -3.447  -5.284  -9.470  1.00 36.78  ? 2046 HOH B O   1 
HETATM 1592 O O   . HOH H 4 .  ? -4.844  -5.286  -6.723  1.00 38.74  ? 2047 HOH B O   1 
HETATM 1593 O O   . HOH H 4 .  ? -7.717  -2.211  -2.841  1.00 31.81  ? 2048 HOH B O   1 
HETATM 1594 O O   . HOH H 4 .  ? -5.588  -3.368  -5.366  1.00 34.07  ? 2049 HOH B O   1 
HETATM 1595 O O   . HOH H 4 .  ? -5.506  6.162   -12.657 1.00 16.98  ? 2050 HOH B O   1 
HETATM 1596 O O   . HOH H 4 .  ? -3.000  5.487   -16.041 1.00 29.76  ? 2051 HOH B O   1 
HETATM 1597 O O   . HOH H 4 .  ? -10.801 2.705   -15.240 1.00 32.31  ? 2052 HOH B O   1 
HETATM 1598 O O   . HOH H 4 .  ? -6.862  1.792   -17.421 1.00 37.92  ? 2053 HOH B O   1 
HETATM 1599 O O   . HOH H 4 .  ? -12.285 2.667   -12.004 1.00 34.43  ? 2054 HOH B O   1 
HETATM 1600 O O   . HOH H 4 .  ? -12.045 1.103   -9.483  1.00 47.02  ? 2055 HOH B O   1 
HETATM 1601 O O   . HOH H 4 .  ? -7.279  10.107  -10.917 1.00 19.69  ? 2056 HOH B O   1 
HETATM 1602 O O   . HOH H 4 .  ? -12.402 5.186   -12.046 1.00 24.24  ? 2057 HOH B O   1 
HETATM 1603 O O   . HOH H 4 .  ? -12.259 9.073   -5.997  1.00 26.29  ? 2058 HOH B O   1 
HETATM 1604 O O   . HOH H 4 .  ? -9.399  12.252  -10.274 1.00 36.12  ? 2059 HOH B O   1 
HETATM 1605 O O   . HOH H 4 .  ? -9.724  9.935   0.138   1.00 26.82  ? 2060 HOH B O   1 
HETATM 1606 O O   . HOH H 4 .  ? -6.195  4.520   0.644   1.00 38.30  ? 2061 HOH B O   1 
HETATM 1607 O O   . HOH H 4 .  ? -12.646 14.349  -4.436  1.00 33.30  ? 2062 HOH B O   1 
HETATM 1608 O O   . HOH H 4 .  ? -7.610  15.926  0.668   1.00 27.56  ? 2063 HOH B O   1 
HETATM 1609 O O   . HOH H 4 .  ? -11.405 11.405  -2.915  1.00 31.61  ? 2064 HOH B O   1 
HETATM 1610 O O   . HOH H 4 .  ? -6.873  15.875  -5.251  1.00 30.80  ? 2065 HOH B O   1 
HETATM 1611 O O   . HOH H 4 .  ? -7.179  16.888  -1.610  1.00 34.12  ? 2066 HOH B O   1 
HETATM 1612 O O   . HOH H 4 .  ? -5.702  7.397   4.927   1.00 35.11  ? 2067 HOH B O   1 
HETATM 1613 O O   . HOH H 4 .  ? -8.741  5.968   -0.648  1.00 39.35  ? 2068 HOH B O   1 
HETATM 1614 O O   . HOH H 4 .  ? -5.756  18.051  6.658   1.00 28.52  ? 2069 HOH B O   1 
HETATM 1615 O O   . HOH H 4 .  ? -0.727  14.855  9.536   1.00 32.57  ? 2070 HOH B O   1 
HETATM 1616 O O   . HOH H 4 .  ? -3.014  21.398  -1.904  1.00 37.41  ? 2071 HOH B O   1 
HETATM 1617 O O   . HOH H 4 .  ? -7.714  17.909  2.367   1.00 30.65  ? 2072 HOH B O   1 
HETATM 1618 O O   . HOH H 4 .  ? -1.220  23.220  4.834   1.00 31.38  ? 2073 HOH B O   1 
HETATM 1619 O O   . HOH H 4 .  ? 0.605   22.344  2.728   1.00 24.64  ? 2074 HOH B O   1 
HETATM 1620 O O   . HOH H 4 .  ? 4.185   -1.734  -22.796 1.00 18.51  ? 2075 HOH B O   1 
HETATM 1621 O O   . HOH I 4 .  ? 0.393   8.311   11.281  1.00 41.58  ? 2001 HOH C O   1 
HETATM 1622 O O   . HOH I 4 .  ? -2.976  9.295   8.721   1.00 32.74  ? 2002 HOH C O   1 
HETATM 1623 O O   . HOH I 4 .  ? 4.628   11.487  6.642   1.00 39.52  ? 2003 HOH C O   1 
HETATM 1624 O O   . HOH I 4 .  ? 5.674   11.155  9.648   1.00 39.91  ? 2004 HOH C O   1 
HETATM 1625 O O   . HOH I 4 .  ? -4.176  6.527   12.735  1.00 34.82  ? 2005 HOH C O   1 
HETATM 1626 O O   . HOH I 4 .  ? -0.519  -1.629  19.463  1.00 32.41  ? 2006 HOH C O   1 
HETATM 1627 O O   . HOH I 4 .  ? -4.963  1.271   21.743  1.00 36.36  ? 2007 HOH C O   1 
HETATM 1628 O O   . HOH I 4 .  ? -9.671  3.283   21.558  1.00 29.22  ? 2008 HOH C O   1 
HETATM 1629 O O   . HOH I 4 .  ? -14.475 5.637   15.711  1.00 35.85  ? 2009 HOH C O   1 
HETATM 1630 O O   . HOH I 4 .  ? -14.291 3.854   11.535  1.00 33.00  ? 2010 HOH C O   1 
HETATM 1631 O O   . HOH I 4 .  ? -4.724  8.438   10.319  1.00 38.97  ? 2011 HOH C O   1 
HETATM 1632 O O   . HOH I 4 .  ? 3.843   9.939   8.216   1.00 40.18  ? 2012 HOH C O   1 
HETATM 1633 O O   . HOH I 4 .  ? -0.470  8.711   8.760   1.00 32.17  ? 2013 HOH C O   1 
HETATM 1634 O O   . HOH I 4 .  ? 2.011   9.641   9.683   1.00 36.48  ? 2014 HOH C O   1 
HETATM 1635 O O   . HOH I 4 .  ? 1.600   5.988   10.015  1.00 38.92  ? 2015 HOH C O   1 
HETATM 1636 O O   . HOH I 4 .  ? 3.044   4.962   8.190   1.00 41.13  ? 2016 HOH C O   1 
HETATM 1637 O O   . HOH I 4 .  ? -1.687  6.487   12.425  1.00 28.98  ? 2017 HOH C O   1 
HETATM 1638 O O   . HOH I 4 .  ? -5.581  3.855   12.708  1.00 22.55  ? 2018 HOH C O   1 
HETATM 1639 O O   . HOH I 4 .  ? -1.345  5.960   15.261  1.00 45.06  ? 2019 HOH C O   1 
HETATM 1640 O O   . HOH I 4 .  ? -0.253  -0.640  16.858  1.00 28.61  ? 2020 HOH C O   1 
HETATM 1641 O O   . HOH I 4 .  ? -4.573  -1.604  20.824  1.00 22.30  ? 2021 HOH C O   1 
HETATM 1642 O O   . HOH I 4 .  ? -11.745 -2.692  21.086  1.00 13.90  ? 2022 HOH C O   1 
HETATM 1643 O O   . HOH I 4 .  ? -11.524 1.230   20.652  1.00 22.53  ? 2023 HOH C O   1 
HETATM 1644 O O   . HOH I 4 .  ? -6.324  0.820   14.113  1.00 11.36  ? 2024 HOH C O   1 
HETATM 1645 O O   . HOH I 4 .  ? -10.049 5.072   15.205  1.00 21.31  ? 2025 HOH C O   1 
HETATM 1646 O O   . HOH I 4 .  ? -12.055 6.438   14.047  1.00 36.39  ? 2026 HOH C O   1 
HETATM 1647 O O   . HOH I 4 .  ? -16.307 3.944   10.067  1.00 35.18  ? 2027 HOH C O   1 
HETATM 1648 O O   . HOH J 4 .  ? 10.428  15.203  1.569   1.00 39.40  ? 2001 HOH D O   1 
HETATM 1649 O O   . HOH J 4 .  ? 13.017  12.925  2.550   1.00 33.40  ? 2002 HOH D O   1 
HETATM 1650 O O   . HOH J 4 .  ? 12.291  15.559  3.505   1.00 37.71  ? 2003 HOH D O   1 
HETATM 1651 O O   . HOH J 4 .  ? 15.517  16.477  -12.639 1.00 34.58  ? 2004 HOH D O   1 
HETATM 1652 O O   . HOH J 4 .  ? 20.375  6.705   -6.247  1.00 36.70  ? 2005 HOH D O   1 
HETATM 1653 O O   . HOH J 4 .  ? 18.832  4.196   -1.468  1.00 40.57  ? 2006 HOH D O   1 
HETATM 1654 O O   . HOH J 4 .  ? 19.217  4.954   -3.858  1.00 32.73  ? 2007 HOH D O   1 
HETATM 1655 O O   . HOH J 4 .  ? 11.411  13.101  4.383   1.00 45.51  ? 2008 HOH D O   1 
HETATM 1656 O O   . HOH J 4 .  ? 4.977   13.172  4.641   1.00 37.71  ? 2009 HOH D O   1 
HETATM 1657 O O   . HOH J 4 .  ? 7.846   14.200  2.212   1.00 30.29  ? 2010 HOH D O   1 
HETATM 1658 O O   . HOH J 4 .  ? 13.233  14.527  -1.243  1.00 28.58  ? 2011 HOH D O   1 
HETATM 1659 O O   . HOH J 4 .  ? 14.065  10.317  -4.279  1.00 20.85  ? 2012 HOH D O   1 
HETATM 1660 O O   . HOH J 4 .  ? 14.859  14.544  -3.403  1.00 44.63  ? 2013 HOH D O   1 
HETATM 1661 O O   . HOH J 4 .  ? 9.163   16.510  -8.211  1.00 25.38  ? 2014 HOH D O   1 
HETATM 1662 O O   . HOH J 4 .  ? 13.007  15.460  -13.056 1.00 22.71  ? 2015 HOH D O   1 
HETATM 1663 O O   . HOH J 4 .  ? 18.842  10.870  -13.475 1.00 25.67  ? 2016 HOH D O   1 
HETATM 1664 O O   . HOH J 4 .  ? 16.464  10.326  -16.681 1.00 19.77  ? 2017 HOH D O   1 
HETATM 1665 O O   . HOH J 4 .  ? 12.915  10.186  -7.861  1.00 11.99  ? 2018 HOH D O   1 
HETATM 1666 O O   . HOH J 4 .  ? 15.217  10.798  -6.353  1.00 22.00  ? 2019 HOH D O   1 
HETATM 1667 O O   . HOH J 4 .  ? 16.699  3.424   -0.159  1.00 35.03  ? 2020 HOH D O   1 
HETATM 1668 O O   . HOH J 4 .  ? 18.643  9.260   -7.402  1.00 30.62  ? 2021 HOH D O   1 
HETATM 1669 O O   . HOH J 4 .  ? 19.269  11.973  -7.212  1.00 41.29  ? 2022 HOH D O   1 
HETATM 1670 O O   . HOH J 4 .  ? 11.029  4.408   1.803   1.00 18.07  ? 2023 HOH D O   1 
HETATM 1671 O O   . HOH J 4 .  ? 16.211  1.059   -0.139  1.00 27.75  ? 2024 HOH D O   1 
# 
